data_1B3I
# 
_entry.id   1B3I 
# 
_audit_conform.dict_name       mmcif_pdbx.dic 
_audit_conform.dict_version    5.383 
_audit_conform.dict_location   http://mmcif.pdb.org/dictionaries/ascii/mmcif_pdbx.dic 
# 
loop_
_database_2.database_id 
_database_2.database_code 
_database_2.pdbx_database_accession 
_database_2.pdbx_DOI 
PDB   1B3I         pdb_00001b3i 10.2210/pdb1b3i/pdb 
RCSB  RCSB000246   ?            ?                   
WWPDB D_1000000246 ?            ?                   
# 
loop_
_pdbx_audit_revision_history.ordinal 
_pdbx_audit_revision_history.data_content_type 
_pdbx_audit_revision_history.major_revision 
_pdbx_audit_revision_history.minor_revision 
_pdbx_audit_revision_history.revision_date 
1 'Structure model' 1 0 1999-04-27 
2 'Structure model' 1 1 2007-10-16 
3 'Structure model' 1 2 2011-07-13 
4 'Structure model' 1 3 2022-02-16 
5 'Structure model' 1 4 2023-12-27 
# 
_pdbx_audit_revision_details.ordinal             1 
_pdbx_audit_revision_details.revision_ordinal    1 
_pdbx_audit_revision_details.data_content_type   'Structure model' 
_pdbx_audit_revision_details.provider            repository 
_pdbx_audit_revision_details.type                'Initial release' 
_pdbx_audit_revision_details.description         ? 
_pdbx_audit_revision_details.details             ? 
# 
loop_
_pdbx_audit_revision_group.ordinal 
_pdbx_audit_revision_group.revision_ordinal 
_pdbx_audit_revision_group.data_content_type 
_pdbx_audit_revision_group.group 
1 2 'Structure model' 'Version format compliance' 
2 3 'Structure model' 'Version format compliance' 
3 4 'Structure model' 'Data collection'           
4 4 'Structure model' 'Database references'       
5 4 'Structure model' 'Derived calculations'      
6 5 'Structure model' 'Data collection'           
# 
loop_
_pdbx_audit_revision_category.ordinal 
_pdbx_audit_revision_category.revision_ordinal 
_pdbx_audit_revision_category.data_content_type 
_pdbx_audit_revision_category.category 
1 4 'Structure model' database_2             
2 4 'Structure model' pdbx_nmr_software      
3 4 'Structure model' pdbx_struct_assembly   
4 4 'Structure model' pdbx_struct_conn_angle 
5 4 'Structure model' pdbx_struct_oper_list  
6 4 'Structure model' struct_conn            
7 4 'Structure model' struct_site            
8 5 'Structure model' chem_comp_atom         
9 5 'Structure model' chem_comp_bond         
# 
loop_
_pdbx_audit_revision_item.ordinal 
_pdbx_audit_revision_item.revision_ordinal 
_pdbx_audit_revision_item.data_content_type 
_pdbx_audit_revision_item.item 
1  4 'Structure model' '_database_2.pdbx_DOI'                        
2  4 'Structure model' '_database_2.pdbx_database_accession'         
3  4 'Structure model' '_pdbx_nmr_software.name'                     
4  4 'Structure model' '_pdbx_struct_conn_angle.ptnr1_auth_comp_id'  
5  4 'Structure model' '_pdbx_struct_conn_angle.ptnr1_auth_seq_id'   
6  4 'Structure model' '_pdbx_struct_conn_angle.ptnr1_label_atom_id' 
7  4 'Structure model' '_pdbx_struct_conn_angle.ptnr1_label_comp_id' 
8  4 'Structure model' '_pdbx_struct_conn_angle.ptnr1_label_seq_id'  
9  4 'Structure model' '_pdbx_struct_conn_angle.ptnr3_auth_comp_id'  
10 4 'Structure model' '_pdbx_struct_conn_angle.ptnr3_auth_seq_id'   
11 4 'Structure model' '_pdbx_struct_conn_angle.ptnr3_label_atom_id' 
12 4 'Structure model' '_pdbx_struct_conn_angle.ptnr3_label_comp_id' 
13 4 'Structure model' '_pdbx_struct_conn_angle.ptnr3_label_seq_id'  
14 4 'Structure model' '_pdbx_struct_conn_angle.value'               
15 4 'Structure model' '_struct_conn.pdbx_dist_value'                
16 4 'Structure model' '_struct_conn.ptnr1_auth_comp_id'             
17 4 'Structure model' '_struct_conn.ptnr1_auth_seq_id'              
18 4 'Structure model' '_struct_conn.ptnr1_label_asym_id'            
19 4 'Structure model' '_struct_conn.ptnr1_label_atom_id'            
20 4 'Structure model' '_struct_conn.ptnr1_label_comp_id'            
21 4 'Structure model' '_struct_conn.ptnr1_label_seq_id'             
22 4 'Structure model' '_struct_conn.ptnr2_auth_comp_id'             
23 4 'Structure model' '_struct_conn.ptnr2_auth_seq_id'              
24 4 'Structure model' '_struct_conn.ptnr2_label_asym_id'            
25 4 'Structure model' '_struct_conn.ptnr2_label_atom_id'            
26 4 'Structure model' '_struct_conn.ptnr2_label_comp_id'            
27 4 'Structure model' '_struct_conn.ptnr2_label_seq_id'             
28 4 'Structure model' '_struct_site.pdbx_auth_asym_id'              
29 4 'Structure model' '_struct_site.pdbx_auth_comp_id'              
30 4 'Structure model' '_struct_site.pdbx_auth_seq_id'               
# 
_pdbx_database_status.status_code                     REL 
_pdbx_database_status.entry_id                        1B3I 
_pdbx_database_status.recvd_initial_deposition_date   1998-12-11 
_pdbx_database_status.deposit_site                    BNL 
_pdbx_database_status.process_site                    RCSB 
_pdbx_database_status.SG_entry                        . 
_pdbx_database_status.pdb_format_compatible           Y 
_pdbx_database_status.status_code_mr                  ? 
_pdbx_database_status.status_code_sf                  ? 
_pdbx_database_status.status_code_cs                  ? 
_pdbx_database_status.status_code_nmr_data            ? 
_pdbx_database_status.methods_development_category    ? 
# 
loop_
_audit_author.name 
_audit_author.pdbx_ordinal 
'Babu, C.R.'       1 
'Volkman, B.F.'    2 
'Bullerjahn, G.S.' 3 
# 
_citation.id                        primary 
_citation.title                     
'NMR solution structure of plastocyanin from the photosynthetic prokaryote, Prochlorothrix hollandica.' 
_citation.journal_abbrev            Biochemistry 
_citation.journal_volume            38 
_citation.page_first                4988 
_citation.page_last                 4995 
_citation.year                      1999 
_citation.journal_id_ASTM           BICHAW 
_citation.country                   US 
_citation.journal_id_ISSN           0006-2960 
_citation.journal_id_CSD            0033 
_citation.book_publisher            ? 
_citation.pdbx_database_id_PubMed   10213601 
_citation.pdbx_database_id_DOI      10.1021/bi983024f 
# 
loop_
_citation_author.citation_id 
_citation_author.name 
_citation_author.ordinal 
_citation_author.identifier_ORCID 
primary 'Babu, C.R.'       1 ? 
primary 'Volkman, B.F.'    2 ? 
primary 'Bullerjahn, G.S.' 3 ? 
# 
loop_
_entity.id 
_entity.type 
_entity.src_method 
_entity.pdbx_description 
_entity.formula_weight 
_entity.pdbx_number_of_molecules 
_entity.pdbx_ec 
_entity.pdbx_mutation 
_entity.pdbx_fragment 
_entity.details 
1 polymer     man 'PROTEIN (PLASTOCYANIN)' 10148.560 1 1.10.99.1 T2S ? 'T2S MUTATION INTRODUCED TO CLONE IN EXPRESSION VECTOR' 
2 non-polymer syn 'COPPER (I) ION'         63.546    1 ?         ?   ? ?                                                       
# 
_entity_name_com.entity_id   1 
_entity_name_com.name        'PETE PROTEIN' 
# 
_entity_poly.entity_id                      1 
_entity_poly.type                           'polypeptide(L)' 
_entity_poly.nstd_linkage                   no 
_entity_poly.nstd_monomer                   no 
_entity_poly.pdbx_seq_one_letter_code       
;ASVQIKMGTDKYAPLYEPKALSISAGDTVEFVMNKVGPHNVIFDKVPAGESAPALSNTKLAIAPGSFYSVTLGTPGTYSF
YCTPHRGAGMVGTITVE
;
_entity_poly.pdbx_seq_one_letter_code_can   
;ASVQIKMGTDKYAPLYEPKALSISAGDTVEFVMNKVGPHNVIFDKVPAGESAPALSNTKLAIAPGSFYSVTLGTPGTYSF
YCTPHRGAGMVGTITVE
;
_entity_poly.pdbx_strand_id                 A 
_entity_poly.pdbx_target_identifier         ? 
# 
_pdbx_entity_nonpoly.entity_id   2 
_pdbx_entity_nonpoly.name        'COPPER (I) ION' 
_pdbx_entity_nonpoly.comp_id     CU1 
# 
loop_
_entity_poly_seq.entity_id 
_entity_poly_seq.num 
_entity_poly_seq.mon_id 
_entity_poly_seq.hetero 
1 1  ALA n 
1 2  SER n 
1 3  VAL n 
1 4  GLN n 
1 5  ILE n 
1 6  LYS n 
1 7  MET n 
1 8  GLY n 
1 9  THR n 
1 10 ASP n 
1 11 LYS n 
1 12 TYR n 
1 13 ALA n 
1 14 PRO n 
1 15 LEU n 
1 16 TYR n 
1 17 GLU n 
1 18 PRO n 
1 19 LYS n 
1 20 ALA n 
1 21 LEU n 
1 22 SER n 
1 23 ILE n 
1 24 SER n 
1 25 ALA n 
1 26 GLY n 
1 27 ASP n 
1 28 THR n 
1 29 VAL n 
1 30 GLU n 
1 31 PHE n 
1 32 VAL n 
1 33 MET n 
1 34 ASN n 
1 35 LYS n 
1 36 VAL n 
1 37 GLY n 
1 38 PRO n 
1 39 HIS n 
1 40 ASN n 
1 41 VAL n 
1 42 ILE n 
1 43 PHE n 
1 44 ASP n 
1 45 LYS n 
1 46 VAL n 
1 47 PRO n 
1 48 ALA n 
1 49 GLY n 
1 50 GLU n 
1 51 SER n 
1 52 ALA n 
1 53 PRO n 
1 54 ALA n 
1 55 LEU n 
1 56 SER n 
1 57 ASN n 
1 58 THR n 
1 59 LYS n 
1 60 LEU n 
1 61 ALA n 
1 62 ILE n 
1 63 ALA n 
1 64 PRO n 
1 65 GLY n 
1 66 SER n 
1 67 PHE n 
1 68 TYR n 
1 69 SER n 
1 70 VAL n 
1 71 THR n 
1 72 LEU n 
1 73 GLY n 
1 74 THR n 
1 75 PRO n 
1 76 GLY n 
1 77 THR n 
1 78 TYR n 
1 79 SER n 
1 80 PHE n 
1 81 TYR n 
1 82 CYS n 
1 83 THR n 
1 84 PRO n 
1 85 HIS n 
1 86 ARG n 
1 87 GLY n 
1 88 ALA n 
1 89 GLY n 
1 90 MET n 
1 91 VAL n 
1 92 GLY n 
1 93 THR n 
1 94 ILE n 
1 95 THR n 
1 96 VAL n 
1 97 GLU n 
# 
_entity_src_gen.entity_id                          1 
_entity_src_gen.pdbx_src_id                        1 
_entity_src_gen.pdbx_alt_source_flag               sample 
_entity_src_gen.pdbx_seq_type                      ? 
_entity_src_gen.pdbx_beg_seq_num                   ? 
_entity_src_gen.pdbx_end_seq_num                   ? 
_entity_src_gen.gene_src_common_name               ? 
_entity_src_gen.gene_src_genus                     Prochlorothrix 
_entity_src_gen.pdbx_gene_src_gene                 PETE 
_entity_src_gen.gene_src_species                   ? 
_entity_src_gen.gene_src_strain                    ? 
_entity_src_gen.gene_src_tissue                    ? 
_entity_src_gen.gene_src_tissue_fraction           ? 
_entity_src_gen.gene_src_details                   ? 
_entity_src_gen.pdbx_gene_src_fragment             ? 
_entity_src_gen.pdbx_gene_src_scientific_name      'Prochlorothrix hollandica' 
_entity_src_gen.pdbx_gene_src_ncbi_taxonomy_id     1223 
_entity_src_gen.pdbx_gene_src_variant              ? 
_entity_src_gen.pdbx_gene_src_cell_line            ? 
_entity_src_gen.pdbx_gene_src_atcc                 ? 
_entity_src_gen.pdbx_gene_src_organ                ? 
_entity_src_gen.pdbx_gene_src_organelle            ? 
_entity_src_gen.pdbx_gene_src_cell                 ? 
_entity_src_gen.pdbx_gene_src_cellular_location    'THYLAKOID LUMEN' 
_entity_src_gen.host_org_common_name               ? 
_entity_src_gen.pdbx_host_org_scientific_name      'Escherichia coli' 
_entity_src_gen.pdbx_host_org_ncbi_taxonomy_id     562 
_entity_src_gen.host_org_genus                     Escherichia 
_entity_src_gen.pdbx_host_org_gene                 PETE 
_entity_src_gen.pdbx_host_org_organ                ? 
_entity_src_gen.host_org_species                   ? 
_entity_src_gen.pdbx_host_org_tissue               ? 
_entity_src_gen.pdbx_host_org_tissue_fraction      ? 
_entity_src_gen.pdbx_host_org_strain               'BL21(DE3)PLYSS' 
_entity_src_gen.pdbx_host_org_variant              ? 
_entity_src_gen.pdbx_host_org_cell_line            ? 
_entity_src_gen.pdbx_host_org_atcc                 ? 
_entity_src_gen.pdbx_host_org_culture_collection   ? 
_entity_src_gen.pdbx_host_org_cell                 ? 
_entity_src_gen.pdbx_host_org_organelle            ? 
_entity_src_gen.pdbx_host_org_cellular_location    'CYTOPLASM - INCLUSION BODIES' 
_entity_src_gen.pdbx_host_org_vector_type          PLASMID 
_entity_src_gen.pdbx_host_org_vector               PSCREEN 
_entity_src_gen.host_org_details                   ? 
_entity_src_gen.expression_system_id               ? 
_entity_src_gen.plasmid_name                       PVAPC10 
_entity_src_gen.plasmid_details                    ? 
_entity_src_gen.pdbx_description                   'INCLUSION BODIES WERE REFOLDED IN-VITRO' 
# 
loop_
_chem_comp.id 
_chem_comp.type 
_chem_comp.mon_nstd_flag 
_chem_comp.name 
_chem_comp.pdbx_synonyms 
_chem_comp.formula 
_chem_comp.formula_weight 
ALA 'L-peptide linking' y ALANINE          ? 'C3 H7 N O2'     89.093  
ARG 'L-peptide linking' y ARGININE         ? 'C6 H15 N4 O2 1' 175.209 
ASN 'L-peptide linking' y ASPARAGINE       ? 'C4 H8 N2 O3'    132.118 
ASP 'L-peptide linking' y 'ASPARTIC ACID'  ? 'C4 H7 N O4'     133.103 
CU1 non-polymer         . 'COPPER (I) ION' ? 'Cu 1'           63.546  
CYS 'L-peptide linking' y CYSTEINE         ? 'C3 H7 N O2 S'   121.158 
GLN 'L-peptide linking' y GLUTAMINE        ? 'C5 H10 N2 O3'   146.144 
GLU 'L-peptide linking' y 'GLUTAMIC ACID'  ? 'C5 H9 N O4'     147.129 
GLY 'peptide linking'   y GLYCINE          ? 'C2 H5 N O2'     75.067  
HIS 'L-peptide linking' y HISTIDINE        ? 'C6 H10 N3 O2 1' 156.162 
ILE 'L-peptide linking' y ISOLEUCINE       ? 'C6 H13 N O2'    131.173 
LEU 'L-peptide linking' y LEUCINE          ? 'C6 H13 N O2'    131.173 
LYS 'L-peptide linking' y LYSINE           ? 'C6 H15 N2 O2 1' 147.195 
MET 'L-peptide linking' y METHIONINE       ? 'C5 H11 N O2 S'  149.211 
PHE 'L-peptide linking' y PHENYLALANINE    ? 'C9 H11 N O2'    165.189 
PRO 'L-peptide linking' y PROLINE          ? 'C5 H9 N O2'     115.130 
SER 'L-peptide linking' y SERINE           ? 'C3 H7 N O3'     105.093 
THR 'L-peptide linking' y THREONINE        ? 'C4 H9 N O3'     119.119 
TYR 'L-peptide linking' y TYROSINE         ? 'C9 H11 N O3'    181.189 
VAL 'L-peptide linking' y VALINE           ? 'C5 H11 N O2'    117.146 
# 
loop_
_pdbx_poly_seq_scheme.asym_id 
_pdbx_poly_seq_scheme.entity_id 
_pdbx_poly_seq_scheme.seq_id 
_pdbx_poly_seq_scheme.mon_id 
_pdbx_poly_seq_scheme.ndb_seq_num 
_pdbx_poly_seq_scheme.pdb_seq_num 
_pdbx_poly_seq_scheme.auth_seq_num 
_pdbx_poly_seq_scheme.pdb_mon_id 
_pdbx_poly_seq_scheme.auth_mon_id 
_pdbx_poly_seq_scheme.pdb_strand_id 
_pdbx_poly_seq_scheme.pdb_ins_code 
_pdbx_poly_seq_scheme.hetero 
A 1 1  ALA 1  1  1  ALA ALA A . n 
A 1 2  SER 2  2  2  SER SER A . n 
A 1 3  VAL 3  3  3  VAL VAL A . n 
A 1 4  GLN 4  4  4  GLN GLN A . n 
A 1 5  ILE 5  5  5  ILE ILE A . n 
A 1 6  LYS 6  6  6  LYS LYS A . n 
A 1 7  MET 7  7  7  MET MET A . n 
A 1 8  GLY 8  8  8  GLY GLY A . n 
A 1 9  THR 9  9  9  THR THR A . n 
A 1 10 ASP 10 10 10 ASP ASP A . n 
A 1 11 LYS 11 11 11 LYS LYS A . n 
A 1 12 TYR 12 12 12 TYR TYR A . n 
A 1 13 ALA 13 13 13 ALA ALA A . n 
A 1 14 PRO 14 14 14 PRO PRO A . n 
A 1 15 LEU 15 15 15 LEU LEU A . n 
A 1 16 TYR 16 16 16 TYR TYR A . n 
A 1 17 GLU 17 17 17 GLU GLU A . n 
A 1 18 PRO 18 18 18 PRO PRO A . n 
A 1 19 LYS 19 19 19 LYS LYS A . n 
A 1 20 ALA 20 20 20 ALA ALA A . n 
A 1 21 LEU 21 21 21 LEU LEU A . n 
A 1 22 SER 22 22 22 SER SER A . n 
A 1 23 ILE 23 23 23 ILE ILE A . n 
A 1 24 SER 24 24 24 SER SER A . n 
A 1 25 ALA 25 25 25 ALA ALA A . n 
A 1 26 GLY 26 26 26 GLY GLY A . n 
A 1 27 ASP 27 27 27 ASP ASP A . n 
A 1 28 THR 28 28 28 THR THR A . n 
A 1 29 VAL 29 29 29 VAL VAL A . n 
A 1 30 GLU 30 30 30 GLU GLU A . n 
A 1 31 PHE 31 31 31 PHE PHE A . n 
A 1 32 VAL 32 32 32 VAL VAL A . n 
A 1 33 MET 33 33 33 MET MET A . n 
A 1 34 ASN 34 34 34 ASN ASN A . n 
A 1 35 LYS 35 35 35 LYS LYS A . n 
A 1 36 VAL 36 36 36 VAL VAL A . n 
A 1 37 GLY 37 37 37 GLY GLY A . n 
A 1 38 PRO 38 38 38 PRO PRO A . n 
A 1 39 HIS 39 39 39 HIS HIS A . n 
A 1 40 ASN 40 40 40 ASN ASN A . n 
A 1 41 VAL 41 41 41 VAL VAL A . n 
A 1 42 ILE 42 42 42 ILE ILE A . n 
A 1 43 PHE 43 43 43 PHE PHE A . n 
A 1 44 ASP 44 44 44 ASP ASP A . n 
A 1 45 LYS 45 45 45 LYS LYS A . n 
A 1 46 VAL 46 46 46 VAL VAL A . n 
A 1 47 PRO 47 47 47 PRO PRO A . n 
A 1 48 ALA 48 48 48 ALA ALA A . n 
A 1 49 GLY 49 49 49 GLY GLY A . n 
A 1 50 GLU 50 50 50 GLU GLU A . n 
A 1 51 SER 51 51 51 SER SER A . n 
A 1 52 ALA 52 52 52 ALA ALA A . n 
A 1 53 PRO 53 53 53 PRO PRO A . n 
A 1 54 ALA 54 54 54 ALA ALA A . n 
A 1 55 LEU 55 55 55 LEU LEU A . n 
A 1 56 SER 56 56 56 SER SER A . n 
A 1 57 ASN 57 57 57 ASN ASN A . n 
A 1 58 THR 58 58 58 THR THR A . n 
A 1 59 LYS 59 59 59 LYS LYS A . n 
A 1 60 LEU 60 60 60 LEU LEU A . n 
A 1 61 ALA 61 61 61 ALA ALA A . n 
A 1 62 ILE 62 62 62 ILE ILE A . n 
A 1 63 ALA 63 63 63 ALA ALA A . n 
A 1 64 PRO 64 64 64 PRO PRO A . n 
A 1 65 GLY 65 65 65 GLY GLY A . n 
A 1 66 SER 66 66 66 SER SER A . n 
A 1 67 PHE 67 67 67 PHE PHE A . n 
A 1 68 TYR 68 68 68 TYR TYR A . n 
A 1 69 SER 69 69 69 SER SER A . n 
A 1 70 VAL 70 70 70 VAL VAL A . n 
A 1 71 THR 71 71 71 THR THR A . n 
A 1 72 LEU 72 72 72 LEU LEU A . n 
A 1 73 GLY 73 73 73 GLY GLY A . n 
A 1 74 THR 74 74 74 THR THR A . n 
A 1 75 PRO 75 75 75 PRO PRO A . n 
A 1 76 GLY 76 76 76 GLY GLY A . n 
A 1 77 THR 77 77 77 THR THR A . n 
A 1 78 TYR 78 78 78 TYR TYR A . n 
A 1 79 SER 79 79 79 SER SER A . n 
A 1 80 PHE 80 80 80 PHE PHE A . n 
A 1 81 TYR 81 81 81 TYR TYR A . n 
A 1 82 CYS 82 82 82 CYS CYS A . n 
A 1 83 THR 83 83 83 THR THR A . n 
A 1 84 PRO 84 84 84 PRO PRO A . n 
A 1 85 HIS 85 85 85 HIS HIS A . n 
A 1 86 ARG 86 86 86 ARG ARG A . n 
A 1 87 GLY 87 87 87 GLY GLY A . n 
A 1 88 ALA 88 88 88 ALA ALA A . n 
A 1 89 GLY 89 89 89 GLY GLY A . n 
A 1 90 MET 90 90 90 MET MET A . n 
A 1 91 VAL 91 91 91 VAL VAL A . n 
A 1 92 GLY 92 92 92 GLY GLY A . n 
A 1 93 THR 93 93 93 THR THR A . n 
A 1 94 ILE 94 94 94 ILE ILE A . n 
A 1 95 THR 95 95 95 THR THR A . n 
A 1 96 VAL 96 96 96 VAL VAL A . n 
A 1 97 GLU 97 97 97 GLU GLU A . n 
# 
_pdbx_nonpoly_scheme.asym_id         B 
_pdbx_nonpoly_scheme.entity_id       2 
_pdbx_nonpoly_scheme.mon_id          CU1 
_pdbx_nonpoly_scheme.ndb_seq_num     1 
_pdbx_nonpoly_scheme.pdb_seq_num     110 
_pdbx_nonpoly_scheme.auth_seq_num    110 
_pdbx_nonpoly_scheme.pdb_mon_id      CU1 
_pdbx_nonpoly_scheme.auth_mon_id     CU 
_pdbx_nonpoly_scheme.pdb_strand_id   A 
_pdbx_nonpoly_scheme.pdb_ins_code    . 
# 
_cell.entry_id           1B3I 
_cell.length_a           1.000 
_cell.length_b           1.000 
_cell.length_c           1.000 
_cell.angle_alpha        90.00 
_cell.angle_beta         90.00 
_cell.angle_gamma        90.00 
_cell.Z_PDB              1 
_cell.pdbx_unique_axis   ? 
# 
_symmetry.entry_id                         1B3I 
_symmetry.space_group_name_H-M             'P 1' 
_symmetry.pdbx_full_space_group_name_H-M   ? 
_symmetry.cell_setting                     ? 
_symmetry.Int_Tables_number                1 
# 
_exptl.entry_id          1B3I 
_exptl.method            'SOLUTION NMR' 
_exptl.crystals_number   ? 
# 
_struct.entry_id                  1B3I 
_struct.title                     
'NMR SOLUTION STRUCTURE OF PLASTOCYANIN FROM THE PHOTOSYNTHETIC PROKARYOTE, PROCHLOROTHRIX HOLLANDICA (MINIMIZED AVERAGE STRUCTURE)' 
_struct.pdbx_model_details        ? 
_struct.pdbx_CASP_flag            ? 
_struct.pdbx_model_type_details   ? 
# 
_struct_keywords.entry_id        1B3I 
_struct_keywords.pdbx_keywords   'ELECTRON TRANSPORT' 
_struct_keywords.text            'ELECTRON TRANSPORT, TYPE I COPPER PROTEIN, PHOTOSYNTHESIS' 
# 
loop_
_struct_asym.id 
_struct_asym.pdbx_blank_PDB_chainid_flag 
_struct_asym.pdbx_modified 
_struct_asym.entity_id 
_struct_asym.details 
A N N 1 ? 
B N N 2 ? 
# 
_struct_ref.id                         1 
_struct_ref.db_name                    UNP 
_struct_ref.db_code                    PLAS_PROHO 
_struct_ref.entity_id                  1 
_struct_ref.pdbx_db_accession          P50057 
_struct_ref.pdbx_align_begin           ? 
_struct_ref.pdbx_seq_one_letter_code   ? 
_struct_ref.pdbx_db_isoform            ? 
# 
_struct_ref_seq.align_id                      1 
_struct_ref_seq.ref_id                        1 
_struct_ref_seq.pdbx_PDB_id_code              1B3I 
_struct_ref_seq.pdbx_strand_id                A 
_struct_ref_seq.seq_align_beg                 1 
_struct_ref_seq.pdbx_seq_align_beg_ins_code   ? 
_struct_ref_seq.seq_align_end                 97 
_struct_ref_seq.pdbx_seq_align_end_ins_code   ? 
_struct_ref_seq.pdbx_db_accession             P50057 
_struct_ref_seq.db_align_beg                  35 
_struct_ref_seq.pdbx_db_align_beg_ins_code    ? 
_struct_ref_seq.db_align_end                  131 
_struct_ref_seq.pdbx_db_align_end_ins_code    ? 
_struct_ref_seq.pdbx_auth_seq_align_beg       1 
_struct_ref_seq.pdbx_auth_seq_align_end       97 
# 
loop_
_struct_ref_seq_dif.align_id 
_struct_ref_seq_dif.pdbx_pdb_id_code 
_struct_ref_seq_dif.mon_id 
_struct_ref_seq_dif.pdbx_pdb_strand_id 
_struct_ref_seq_dif.seq_num 
_struct_ref_seq_dif.pdbx_pdb_ins_code 
_struct_ref_seq_dif.pdbx_seq_db_name 
_struct_ref_seq_dif.pdbx_seq_db_accession_code 
_struct_ref_seq_dif.db_mon_id 
_struct_ref_seq_dif.pdbx_seq_db_seq_num 
_struct_ref_seq_dif.details 
_struct_ref_seq_dif.pdbx_auth_seq_num 
_struct_ref_seq_dif.pdbx_ordinal 
1 1B3I SER A 2  ? UNP P50057 THR 36 'SEE REMARK 999' 2  1 
1 1B3I ALA A 61 ? UNP P50057 ARG 95 'SEE REMARK 999' 61 2 
# 
_pdbx_struct_assembly.id                   1 
_pdbx_struct_assembly.details              author_defined_assembly 
_pdbx_struct_assembly.method_details       ? 
_pdbx_struct_assembly.oligomeric_details   monomeric 
_pdbx_struct_assembly.oligomeric_count     1 
# 
_pdbx_struct_assembly_gen.assembly_id       1 
_pdbx_struct_assembly_gen.oper_expression   1 
_pdbx_struct_assembly_gen.asym_id_list      A,B 
# 
_pdbx_struct_oper_list.id                   1 
_pdbx_struct_oper_list.type                 'identity operation' 
_pdbx_struct_oper_list.name                 1_555 
_pdbx_struct_oper_list.symmetry_operation   x,y,z 
_pdbx_struct_oper_list.matrix[1][1]         1.0000000000 
_pdbx_struct_oper_list.matrix[1][2]         0.0000000000 
_pdbx_struct_oper_list.matrix[1][3]         0.0000000000 
_pdbx_struct_oper_list.vector[1]            0.0000000000 
_pdbx_struct_oper_list.matrix[2][1]         0.0000000000 
_pdbx_struct_oper_list.matrix[2][2]         1.0000000000 
_pdbx_struct_oper_list.matrix[2][3]         0.0000000000 
_pdbx_struct_oper_list.vector[2]            0.0000000000 
_pdbx_struct_oper_list.matrix[3][1]         0.0000000000 
_pdbx_struct_oper_list.matrix[3][2]         0.0000000000 
_pdbx_struct_oper_list.matrix[3][3]         1.0000000000 
_pdbx_struct_oper_list.vector[3]            0.0000000000 
# 
_struct_biol.id   1 
# 
_struct_conf.conf_type_id            HELX_P 
_struct_conf.id                      HELX_P1 
_struct_conf.pdbx_PDB_helix_id       1 
_struct_conf.beg_label_comp_id       ALA 
_struct_conf.beg_label_asym_id       A 
_struct_conf.beg_label_seq_id        52 
_struct_conf.pdbx_beg_PDB_ins_code   ? 
_struct_conf.end_label_comp_id       LEU 
_struct_conf.end_label_asym_id       A 
_struct_conf.end_label_seq_id        55 
_struct_conf.pdbx_end_PDB_ins_code   ? 
_struct_conf.beg_auth_comp_id        ALA 
_struct_conf.beg_auth_asym_id        A 
_struct_conf.beg_auth_seq_id         52 
_struct_conf.end_auth_comp_id        LEU 
_struct_conf.end_auth_asym_id        A 
_struct_conf.end_auth_seq_id         55 
_struct_conf.pdbx_PDB_helix_class    1 
_struct_conf.details                 ? 
_struct_conf.pdbx_PDB_helix_length   4 
# 
_struct_conf_type.id          HELX_P 
_struct_conf_type.criteria    ? 
_struct_conf_type.reference   ? 
# 
loop_
_struct_conn.id 
_struct_conn.conn_type_id 
_struct_conn.pdbx_leaving_atom_flag 
_struct_conn.pdbx_PDB_id 
_struct_conn.ptnr1_label_asym_id 
_struct_conn.ptnr1_label_comp_id 
_struct_conn.ptnr1_label_seq_id 
_struct_conn.ptnr1_label_atom_id 
_struct_conn.pdbx_ptnr1_label_alt_id 
_struct_conn.pdbx_ptnr1_PDB_ins_code 
_struct_conn.pdbx_ptnr1_standard_comp_id 
_struct_conn.ptnr1_symmetry 
_struct_conn.ptnr2_label_asym_id 
_struct_conn.ptnr2_label_comp_id 
_struct_conn.ptnr2_label_seq_id 
_struct_conn.ptnr2_label_atom_id 
_struct_conn.pdbx_ptnr2_label_alt_id 
_struct_conn.pdbx_ptnr2_PDB_ins_code 
_struct_conn.ptnr1_auth_asym_id 
_struct_conn.ptnr1_auth_comp_id 
_struct_conn.ptnr1_auth_seq_id 
_struct_conn.ptnr2_auth_asym_id 
_struct_conn.ptnr2_auth_comp_id 
_struct_conn.ptnr2_auth_seq_id 
_struct_conn.ptnr2_symmetry 
_struct_conn.pdbx_ptnr3_label_atom_id 
_struct_conn.pdbx_ptnr3_label_seq_id 
_struct_conn.pdbx_ptnr3_label_comp_id 
_struct_conn.pdbx_ptnr3_label_asym_id 
_struct_conn.pdbx_ptnr3_label_alt_id 
_struct_conn.pdbx_ptnr3_PDB_ins_code 
_struct_conn.details 
_struct_conn.pdbx_dist_value 
_struct_conn.pdbx_value_order 
_struct_conn.pdbx_role 
metalc1 metalc ? ? A HIS 39 ND1 ? ? ? 1_555 B CU1 . CU ? ? A HIS 39 A CU1 110 1_555 ? ? ? ? ? ? ? 1.983 ? ? 
metalc2 metalc ? ? A CYS 82 SG  ? ? ? 1_555 B CU1 . CU ? ? A CYS 82 A CU1 110 1_555 ? ? ? ? ? ? ? 2.354 ? ? 
metalc3 metalc ? ? A HIS 85 ND1 ? ? ? 1_555 B CU1 . CU ? ? A HIS 85 A CU1 110 1_555 ? ? ? ? ? ? ? 1.999 ? ? 
metalc4 metalc ? ? A MET 90 SD  ? ? ? 1_555 B CU1 . CU ? ? A MET 90 A CU1 110 1_555 ? ? ? ? ? ? ? 2.953 ? ? 
# 
_struct_conn_type.id          metalc 
_struct_conn_type.criteria    ? 
_struct_conn_type.reference   ? 
# 
loop_
_pdbx_struct_conn_angle.id 
_pdbx_struct_conn_angle.ptnr1_label_atom_id 
_pdbx_struct_conn_angle.ptnr1_label_alt_id 
_pdbx_struct_conn_angle.ptnr1_label_asym_id 
_pdbx_struct_conn_angle.ptnr1_label_comp_id 
_pdbx_struct_conn_angle.ptnr1_label_seq_id 
_pdbx_struct_conn_angle.ptnr1_auth_atom_id 
_pdbx_struct_conn_angle.ptnr1_auth_asym_id 
_pdbx_struct_conn_angle.ptnr1_auth_comp_id 
_pdbx_struct_conn_angle.ptnr1_auth_seq_id 
_pdbx_struct_conn_angle.ptnr1_PDB_ins_code 
_pdbx_struct_conn_angle.ptnr1_symmetry 
_pdbx_struct_conn_angle.ptnr2_label_atom_id 
_pdbx_struct_conn_angle.ptnr2_label_alt_id 
_pdbx_struct_conn_angle.ptnr2_label_asym_id 
_pdbx_struct_conn_angle.ptnr2_label_comp_id 
_pdbx_struct_conn_angle.ptnr2_label_seq_id 
_pdbx_struct_conn_angle.ptnr2_auth_atom_id 
_pdbx_struct_conn_angle.ptnr2_auth_asym_id 
_pdbx_struct_conn_angle.ptnr2_auth_comp_id 
_pdbx_struct_conn_angle.ptnr2_auth_seq_id 
_pdbx_struct_conn_angle.ptnr2_PDB_ins_code 
_pdbx_struct_conn_angle.ptnr2_symmetry 
_pdbx_struct_conn_angle.ptnr3_label_atom_id 
_pdbx_struct_conn_angle.ptnr3_label_alt_id 
_pdbx_struct_conn_angle.ptnr3_label_asym_id 
_pdbx_struct_conn_angle.ptnr3_label_comp_id 
_pdbx_struct_conn_angle.ptnr3_label_seq_id 
_pdbx_struct_conn_angle.ptnr3_auth_atom_id 
_pdbx_struct_conn_angle.ptnr3_auth_asym_id 
_pdbx_struct_conn_angle.ptnr3_auth_comp_id 
_pdbx_struct_conn_angle.ptnr3_auth_seq_id 
_pdbx_struct_conn_angle.ptnr3_PDB_ins_code 
_pdbx_struct_conn_angle.ptnr3_symmetry 
_pdbx_struct_conn_angle.value 
_pdbx_struct_conn_angle.value_esd 
1 ND1 ? A HIS 39 ? A HIS 39 ? 1_555 CU ? B CU1 . ? A CU1 110 ? 1_555 SG  ? A CYS 82 ? A CYS 82 ? 1_555 112.5 ? 
2 ND1 ? A HIS 39 ? A HIS 39 ? 1_555 CU ? B CU1 . ? A CU1 110 ? 1_555 ND1 ? A HIS 85 ? A HIS 85 ? 1_555 117.6 ? 
3 SG  ? A CYS 82 ? A CYS 82 ? 1_555 CU ? B CU1 . ? A CU1 110 ? 1_555 ND1 ? A HIS 85 ? A HIS 85 ? 1_555 107.9 ? 
4 ND1 ? A HIS 39 ? A HIS 39 ? 1_555 CU ? B CU1 . ? A CU1 110 ? 1_555 SD  ? A MET 90 ? A MET 90 ? 1_555 106.8 ? 
5 SG  ? A CYS 82 ? A CYS 82 ? 1_555 CU ? B CU1 . ? A CU1 110 ? 1_555 SD  ? A MET 90 ? A MET 90 ? 1_555 104.6 ? 
6 ND1 ? A HIS 85 ? A HIS 85 ? 1_555 CU ? B CU1 . ? A CU1 110 ? 1_555 SD  ? A MET 90 ? A MET 90 ? 1_555 106.5 ? 
# 
loop_
_struct_mon_prot_cis.pdbx_id 
_struct_mon_prot_cis.label_comp_id 
_struct_mon_prot_cis.label_seq_id 
_struct_mon_prot_cis.label_asym_id 
_struct_mon_prot_cis.label_alt_id 
_struct_mon_prot_cis.pdbx_PDB_ins_code 
_struct_mon_prot_cis.auth_comp_id 
_struct_mon_prot_cis.auth_seq_id 
_struct_mon_prot_cis.auth_asym_id 
_struct_mon_prot_cis.pdbx_label_comp_id_2 
_struct_mon_prot_cis.pdbx_label_seq_id_2 
_struct_mon_prot_cis.pdbx_label_asym_id_2 
_struct_mon_prot_cis.pdbx_PDB_ins_code_2 
_struct_mon_prot_cis.pdbx_auth_comp_id_2 
_struct_mon_prot_cis.pdbx_auth_seq_id_2 
_struct_mon_prot_cis.pdbx_auth_asym_id_2 
_struct_mon_prot_cis.pdbx_PDB_model_num 
_struct_mon_prot_cis.pdbx_omega_angle 
1 GLU 17 A . ? GLU 17 A PRO 18 A ? PRO 18 A 1 0.09  
2 GLY 37 A . ? GLY 37 A PRO 38 A ? PRO 38 A 1 -0.06 
# 
loop_
_struct_sheet.id 
_struct_sheet.type 
_struct_sheet.number_strands 
_struct_sheet.details 
A ? 3 ? 
B ? 4 ? 
# 
loop_
_struct_sheet_order.sheet_id 
_struct_sheet_order.range_id_1 
_struct_sheet_order.range_id_2 
_struct_sheet_order.offset 
_struct_sheet_order.sense 
A 1 2 ? parallel      
A 2 3 ? anti-parallel 
B 1 2 ? parallel      
B 2 3 ? anti-parallel 
B 3 4 ? anti-parallel 
# 
loop_
_struct_sheet_range.sheet_id 
_struct_sheet_range.id 
_struct_sheet_range.beg_label_comp_id 
_struct_sheet_range.beg_label_asym_id 
_struct_sheet_range.beg_label_seq_id 
_struct_sheet_range.pdbx_beg_PDB_ins_code 
_struct_sheet_range.end_label_comp_id 
_struct_sheet_range.end_label_asym_id 
_struct_sheet_range.end_label_seq_id 
_struct_sheet_range.pdbx_end_PDB_ins_code 
_struct_sheet_range.beg_auth_comp_id 
_struct_sheet_range.beg_auth_asym_id 
_struct_sheet_range.beg_auth_seq_id 
_struct_sheet_range.end_auth_comp_id 
_struct_sheet_range.end_auth_asym_id 
_struct_sheet_range.end_auth_seq_id 
A 1 VAL A 3  ? MET A 7  ? VAL A 3  MET A 7  
A 2 THR A 28 ? MET A 33 ? THR A 28 MET A 33 
A 3 TYR A 68 ? THR A 71 ? TYR A 68 THR A 71 
B 1 ALA A 20 ? ILE A 23 ? ALA A 20 ILE A 23 
B 2 VAL A 91 ? VAL A 96 ? VAL A 91 VAL A 96 
B 3 THR A 77 ? TYR A 81 ? THR A 77 TYR A 81 
B 4 ILE A 42 ? LYS A 45 ? ILE A 42 LYS A 45 
# 
loop_
_pdbx_struct_sheet_hbond.sheet_id 
_pdbx_struct_sheet_hbond.range_id_1 
_pdbx_struct_sheet_hbond.range_id_2 
_pdbx_struct_sheet_hbond.range_1_label_atom_id 
_pdbx_struct_sheet_hbond.range_1_label_comp_id 
_pdbx_struct_sheet_hbond.range_1_label_asym_id 
_pdbx_struct_sheet_hbond.range_1_label_seq_id 
_pdbx_struct_sheet_hbond.range_1_PDB_ins_code 
_pdbx_struct_sheet_hbond.range_1_auth_atom_id 
_pdbx_struct_sheet_hbond.range_1_auth_comp_id 
_pdbx_struct_sheet_hbond.range_1_auth_asym_id 
_pdbx_struct_sheet_hbond.range_1_auth_seq_id 
_pdbx_struct_sheet_hbond.range_2_label_atom_id 
_pdbx_struct_sheet_hbond.range_2_label_comp_id 
_pdbx_struct_sheet_hbond.range_2_label_asym_id 
_pdbx_struct_sheet_hbond.range_2_label_seq_id 
_pdbx_struct_sheet_hbond.range_2_PDB_ins_code 
_pdbx_struct_sheet_hbond.range_2_auth_atom_id 
_pdbx_struct_sheet_hbond.range_2_auth_comp_id 
_pdbx_struct_sheet_hbond.range_2_auth_asym_id 
_pdbx_struct_sheet_hbond.range_2_auth_seq_id 
A 1 2 O VAL A 3  ? O VAL A 3  N GLU A 30 ? N GLU A 30 
A 2 3 O VAL A 29 ? O VAL A 29 N VAL A 70 ? N VAL A 70 
B 1 2 O LEU A 21 ? O LEU A 21 N THR A 93 ? N THR A 93 
B 2 3 O GLY A 92 ? O GLY A 92 N PHE A 80 ? N PHE A 80 
B 3 4 O SER A 79 ? O SER A 79 N LYS A 45 ? N LYS A 45 
# 
loop_
_struct_site.id 
_struct_site.pdbx_evidence_code 
_struct_site.pdbx_auth_asym_id 
_struct_site.pdbx_auth_comp_id 
_struct_site.pdbx_auth_seq_id 
_struct_site.pdbx_auth_ins_code 
_struct_site.pdbx_num_residues 
_struct_site.details 
CU  Author   ? ?   ?   ? 4 'COPPER BINDING SITE'                
AC1 Software A CU1 110 ? 4 'BINDING SITE FOR RESIDUE CU1 A 110' 
# 
loop_
_struct_site_gen.id 
_struct_site_gen.site_id 
_struct_site_gen.pdbx_num_res 
_struct_site_gen.label_comp_id 
_struct_site_gen.label_asym_id 
_struct_site_gen.label_seq_id 
_struct_site_gen.pdbx_auth_ins_code 
_struct_site_gen.auth_comp_id 
_struct_site_gen.auth_asym_id 
_struct_site_gen.auth_seq_id 
_struct_site_gen.label_atom_id 
_struct_site_gen.label_alt_id 
_struct_site_gen.symmetry 
_struct_site_gen.details 
1 CU  4 HIS A 39 ? HIS A 39 . ? 1_555 ? 
2 CU  4 CYS A 82 ? CYS A 82 . ? 1_555 ? 
3 CU  4 HIS A 85 ? HIS A 85 . ? 1_555 ? 
4 CU  4 MET A 90 ? MET A 90 . ? 1_555 ? 
5 AC1 4 HIS A 39 ? HIS A 39 . ? 1_555 ? 
6 AC1 4 CYS A 82 ? CYS A 82 . ? 1_555 ? 
7 AC1 4 HIS A 85 ? HIS A 85 . ? 1_555 ? 
8 AC1 4 MET A 90 ? MET A 90 . ? 1_555 ? 
# 
loop_
_pdbx_validate_close_contact.id 
_pdbx_validate_close_contact.PDB_model_num 
_pdbx_validate_close_contact.auth_atom_id_1 
_pdbx_validate_close_contact.auth_asym_id_1 
_pdbx_validate_close_contact.auth_comp_id_1 
_pdbx_validate_close_contact.auth_seq_id_1 
_pdbx_validate_close_contact.PDB_ins_code_1 
_pdbx_validate_close_contact.label_alt_id_1 
_pdbx_validate_close_contact.auth_atom_id_2 
_pdbx_validate_close_contact.auth_asym_id_2 
_pdbx_validate_close_contact.auth_comp_id_2 
_pdbx_validate_close_contact.auth_seq_id_2 
_pdbx_validate_close_contact.PDB_ins_code_2 
_pdbx_validate_close_contact.label_alt_id_2 
_pdbx_validate_close_contact.dist 
1 1 H A TYR 78 ? ? O A ILE 94 ? ? 1.50 
2 1 H A LYS 6  ? ? O A GLU 17 ? ? 1.57 
# 
loop_
_pdbx_validate_torsion.id 
_pdbx_validate_torsion.PDB_model_num 
_pdbx_validate_torsion.auth_comp_id 
_pdbx_validate_torsion.auth_asym_id 
_pdbx_validate_torsion.auth_seq_id 
_pdbx_validate_torsion.PDB_ins_code 
_pdbx_validate_torsion.label_alt_id 
_pdbx_validate_torsion.phi 
_pdbx_validate_torsion.psi 
1  1 LYS A 11 ? ? -90.62  39.68   
2  1 TYR A 12 ? ? 38.26   29.67   
3  1 ALA A 25 ? ? -58.14  105.43  
4  1 LYS A 35 ? ? -168.89 -167.52 
5  1 PRO A 38 ? ? -74.97  -168.90 
6  1 ASN A 40 ? ? 173.98  166.99  
7  1 PHE A 43 ? ? -47.67  160.64  
8  1 LYS A 45 ? ? 167.31  143.56  
9  1 ALA A 54 ? ? -157.32 -45.67  
10 1 LEU A 60 ? ? -40.42  102.47  
11 1 SER A 66 ? ? -178.70 97.36   
12 1 PHE A 67 ? ? -38.19  -86.71  
# 
_pdbx_entry_details.entry_id                 1B3I 
_pdbx_entry_details.compound_details         ? 
_pdbx_entry_details.source_details           ? 
_pdbx_entry_details.nonpolymer_details       ? 
_pdbx_entry_details.sequence_details         'T2S - INTRODUCED TO CLONE, R61A - MISTAKE IN GB ENTRY' 
_pdbx_entry_details.has_ligand_of_interest   ? 
# 
_pdbx_nmr_ensemble.entry_id                                      1B3I 
_pdbx_nmr_ensemble.conformers_calculated_total_number            40 
_pdbx_nmr_ensemble.conformers_submitted_total_number             1 
_pdbx_nmr_ensemble.conformer_selection_criteria                  'LOWEST TARGET FUNCTION' 
_pdbx_nmr_ensemble.average_constraints_per_residue               ? 
_pdbx_nmr_ensemble.average_constraint_violations_per_residue     ? 
_pdbx_nmr_ensemble.maximum_distance_constraint_violation         ? 
_pdbx_nmr_ensemble.average_distance_constraint_violation         ? 
_pdbx_nmr_ensemble.maximum_upper_distance_constraint_violation   ? 
_pdbx_nmr_ensemble.maximum_lower_distance_constraint_violation   ? 
_pdbx_nmr_ensemble.distance_constraint_violation_method          ? 
_pdbx_nmr_ensemble.maximum_torsion_angle_constraint_violation    ? 
_pdbx_nmr_ensemble.average_torsion_angle_constraint_violation    ? 
_pdbx_nmr_ensemble.torsion_angle_constraint_violation_method     ? 
# 
_pdbx_nmr_sample_details.solution_id      1 
_pdbx_nmr_sample_details.contents         '90% WATER/10% D2O' 
_pdbx_nmr_sample_details.solvent_system   ? 
# 
_pdbx_nmr_exptl_sample_conditions.conditions_id       1 
_pdbx_nmr_exptl_sample_conditions.temperature         298 
_pdbx_nmr_exptl_sample_conditions.pressure            1 
_pdbx_nmr_exptl_sample_conditions.pH                  7.0 
_pdbx_nmr_exptl_sample_conditions.ionic_strength      '20mM POTASSIUM PHOSPHATE' 
_pdbx_nmr_exptl_sample_conditions.pressure_units      atm 
_pdbx_nmr_exptl_sample_conditions.temperature_units   K 
# 
loop_
_pdbx_nmr_exptl.experiment_id 
_pdbx_nmr_exptl.conditions_id 
_pdbx_nmr_exptl.type 
_pdbx_nmr_exptl.solution_id 
1 1 NOESY    1 
2 1 TOCSY    1 
3 1 DQF-COSY 1 
# 
_pdbx_nmr_details.entry_id   1B3I 
_pdbx_nmr_details.text       
;MINIMIZED AVERAGE STRUCTURE. THE STRUCTURE WAS DETERMINED USING TWO- DIMENCIONAL NMR SPECTROSCOPY. WATER SUPPRESSION WAS ACHIEVED WITH A WATERGATE SEQ. WITH A 3-9-19 SELECTIVE INVERSION.
;
# 
_pdbx_nmr_refine.entry_id           1B3I 
_pdbx_nmr_refine.method             'torsion angle dynamics' 
_pdbx_nmr_refine.details            
;REFINEMENT DETAILS ARE IN THE SUBMITTED FILE AND IN THE JRNL CITATION ABOVE. THE RESTRAINTS ARE IN THE FILES WITH THE 19 CONFORMERS.
;
_pdbx_nmr_refine.software_ordinal   1 
# 
loop_
_pdbx_nmr_software.classification 
_pdbx_nmr_software.name 
_pdbx_nmr_software.version 
_pdbx_nmr_software.authors 
_pdbx_nmr_software.ordinal 
refinement           DYANA ?   'P.GUNTERT, C.MUMENTHALER, K.WUTHRICH' 1 
'structure solution' DYANA 1.5 ?                                      2 
'structure solution' Felix ?   ?                                      3 
# 
loop_
_chem_comp_atom.comp_id 
_chem_comp_atom.atom_id 
_chem_comp_atom.type_symbol 
_chem_comp_atom.pdbx_aromatic_flag 
_chem_comp_atom.pdbx_stereo_config 
_chem_comp_atom.pdbx_ordinal 
ALA N    N  N N 1   
ALA CA   C  N S 2   
ALA C    C  N N 3   
ALA O    O  N N 4   
ALA CB   C  N N 5   
ALA OXT  O  N N 6   
ALA H    H  N N 7   
ALA H2   H  N N 8   
ALA HA   H  N N 9   
ALA HB1  H  N N 10  
ALA HB2  H  N N 11  
ALA HB3  H  N N 12  
ALA HXT  H  N N 13  
ARG N    N  N N 14  
ARG CA   C  N S 15  
ARG C    C  N N 16  
ARG O    O  N N 17  
ARG CB   C  N N 18  
ARG CG   C  N N 19  
ARG CD   C  N N 20  
ARG NE   N  N N 21  
ARG CZ   C  N N 22  
ARG NH1  N  N N 23  
ARG NH2  N  N N 24  
ARG OXT  O  N N 25  
ARG H    H  N N 26  
ARG H2   H  N N 27  
ARG HA   H  N N 28  
ARG HB2  H  N N 29  
ARG HB3  H  N N 30  
ARG HG2  H  N N 31  
ARG HG3  H  N N 32  
ARG HD2  H  N N 33  
ARG HD3  H  N N 34  
ARG HE   H  N N 35  
ARG HH11 H  N N 36  
ARG HH12 H  N N 37  
ARG HH21 H  N N 38  
ARG HH22 H  N N 39  
ARG HXT  H  N N 40  
ASN N    N  N N 41  
ASN CA   C  N S 42  
ASN C    C  N N 43  
ASN O    O  N N 44  
ASN CB   C  N N 45  
ASN CG   C  N N 46  
ASN OD1  O  N N 47  
ASN ND2  N  N N 48  
ASN OXT  O  N N 49  
ASN H    H  N N 50  
ASN H2   H  N N 51  
ASN HA   H  N N 52  
ASN HB2  H  N N 53  
ASN HB3  H  N N 54  
ASN HD21 H  N N 55  
ASN HD22 H  N N 56  
ASN HXT  H  N N 57  
ASP N    N  N N 58  
ASP CA   C  N S 59  
ASP C    C  N N 60  
ASP O    O  N N 61  
ASP CB   C  N N 62  
ASP CG   C  N N 63  
ASP OD1  O  N N 64  
ASP OD2  O  N N 65  
ASP OXT  O  N N 66  
ASP H    H  N N 67  
ASP H2   H  N N 68  
ASP HA   H  N N 69  
ASP HB2  H  N N 70  
ASP HB3  H  N N 71  
ASP HD2  H  N N 72  
ASP HXT  H  N N 73  
CU1 CU   CU N N 74  
CYS N    N  N N 75  
CYS CA   C  N R 76  
CYS C    C  N N 77  
CYS O    O  N N 78  
CYS CB   C  N N 79  
CYS SG   S  N N 80  
CYS OXT  O  N N 81  
CYS H    H  N N 82  
CYS H2   H  N N 83  
CYS HA   H  N N 84  
CYS HB2  H  N N 85  
CYS HB3  H  N N 86  
CYS HG   H  N N 87  
CYS HXT  H  N N 88  
GLN N    N  N N 89  
GLN CA   C  N S 90  
GLN C    C  N N 91  
GLN O    O  N N 92  
GLN CB   C  N N 93  
GLN CG   C  N N 94  
GLN CD   C  N N 95  
GLN OE1  O  N N 96  
GLN NE2  N  N N 97  
GLN OXT  O  N N 98  
GLN H    H  N N 99  
GLN H2   H  N N 100 
GLN HA   H  N N 101 
GLN HB2  H  N N 102 
GLN HB3  H  N N 103 
GLN HG2  H  N N 104 
GLN HG3  H  N N 105 
GLN HE21 H  N N 106 
GLN HE22 H  N N 107 
GLN HXT  H  N N 108 
GLU N    N  N N 109 
GLU CA   C  N S 110 
GLU C    C  N N 111 
GLU O    O  N N 112 
GLU CB   C  N N 113 
GLU CG   C  N N 114 
GLU CD   C  N N 115 
GLU OE1  O  N N 116 
GLU OE2  O  N N 117 
GLU OXT  O  N N 118 
GLU H    H  N N 119 
GLU H2   H  N N 120 
GLU HA   H  N N 121 
GLU HB2  H  N N 122 
GLU HB3  H  N N 123 
GLU HG2  H  N N 124 
GLU HG3  H  N N 125 
GLU HE2  H  N N 126 
GLU HXT  H  N N 127 
GLY N    N  N N 128 
GLY CA   C  N N 129 
GLY C    C  N N 130 
GLY O    O  N N 131 
GLY OXT  O  N N 132 
GLY H    H  N N 133 
GLY H2   H  N N 134 
GLY HA2  H  N N 135 
GLY HA3  H  N N 136 
GLY HXT  H  N N 137 
HIS N    N  N N 138 
HIS CA   C  N S 139 
HIS C    C  N N 140 
HIS O    O  N N 141 
HIS CB   C  N N 142 
HIS CG   C  Y N 143 
HIS ND1  N  Y N 144 
HIS CD2  C  Y N 145 
HIS CE1  C  Y N 146 
HIS NE2  N  Y N 147 
HIS OXT  O  N N 148 
HIS H    H  N N 149 
HIS H2   H  N N 150 
HIS HA   H  N N 151 
HIS HB2  H  N N 152 
HIS HB3  H  N N 153 
HIS HD1  H  N N 154 
HIS HD2  H  N N 155 
HIS HE1  H  N N 156 
HIS HE2  H  N N 157 
HIS HXT  H  N N 158 
ILE N    N  N N 159 
ILE CA   C  N S 160 
ILE C    C  N N 161 
ILE O    O  N N 162 
ILE CB   C  N S 163 
ILE CG1  C  N N 164 
ILE CG2  C  N N 165 
ILE CD1  C  N N 166 
ILE OXT  O  N N 167 
ILE H    H  N N 168 
ILE H2   H  N N 169 
ILE HA   H  N N 170 
ILE HB   H  N N 171 
ILE HG12 H  N N 172 
ILE HG13 H  N N 173 
ILE HG21 H  N N 174 
ILE HG22 H  N N 175 
ILE HG23 H  N N 176 
ILE HD11 H  N N 177 
ILE HD12 H  N N 178 
ILE HD13 H  N N 179 
ILE HXT  H  N N 180 
LEU N    N  N N 181 
LEU CA   C  N S 182 
LEU C    C  N N 183 
LEU O    O  N N 184 
LEU CB   C  N N 185 
LEU CG   C  N N 186 
LEU CD1  C  N N 187 
LEU CD2  C  N N 188 
LEU OXT  O  N N 189 
LEU H    H  N N 190 
LEU H2   H  N N 191 
LEU HA   H  N N 192 
LEU HB2  H  N N 193 
LEU HB3  H  N N 194 
LEU HG   H  N N 195 
LEU HD11 H  N N 196 
LEU HD12 H  N N 197 
LEU HD13 H  N N 198 
LEU HD21 H  N N 199 
LEU HD22 H  N N 200 
LEU HD23 H  N N 201 
LEU HXT  H  N N 202 
LYS N    N  N N 203 
LYS CA   C  N S 204 
LYS C    C  N N 205 
LYS O    O  N N 206 
LYS CB   C  N N 207 
LYS CG   C  N N 208 
LYS CD   C  N N 209 
LYS CE   C  N N 210 
LYS NZ   N  N N 211 
LYS OXT  O  N N 212 
LYS H    H  N N 213 
LYS H2   H  N N 214 
LYS HA   H  N N 215 
LYS HB2  H  N N 216 
LYS HB3  H  N N 217 
LYS HG2  H  N N 218 
LYS HG3  H  N N 219 
LYS HD2  H  N N 220 
LYS HD3  H  N N 221 
LYS HE2  H  N N 222 
LYS HE3  H  N N 223 
LYS HZ1  H  N N 224 
LYS HZ2  H  N N 225 
LYS HZ3  H  N N 226 
LYS HXT  H  N N 227 
MET N    N  N N 228 
MET CA   C  N S 229 
MET C    C  N N 230 
MET O    O  N N 231 
MET CB   C  N N 232 
MET CG   C  N N 233 
MET SD   S  N N 234 
MET CE   C  N N 235 
MET OXT  O  N N 236 
MET H    H  N N 237 
MET H2   H  N N 238 
MET HA   H  N N 239 
MET HB2  H  N N 240 
MET HB3  H  N N 241 
MET HG2  H  N N 242 
MET HG3  H  N N 243 
MET HE1  H  N N 244 
MET HE2  H  N N 245 
MET HE3  H  N N 246 
MET HXT  H  N N 247 
PHE N    N  N N 248 
PHE CA   C  N S 249 
PHE C    C  N N 250 
PHE O    O  N N 251 
PHE CB   C  N N 252 
PHE CG   C  Y N 253 
PHE CD1  C  Y N 254 
PHE CD2  C  Y N 255 
PHE CE1  C  Y N 256 
PHE CE2  C  Y N 257 
PHE CZ   C  Y N 258 
PHE OXT  O  N N 259 
PHE H    H  N N 260 
PHE H2   H  N N 261 
PHE HA   H  N N 262 
PHE HB2  H  N N 263 
PHE HB3  H  N N 264 
PHE HD1  H  N N 265 
PHE HD2  H  N N 266 
PHE HE1  H  N N 267 
PHE HE2  H  N N 268 
PHE HZ   H  N N 269 
PHE HXT  H  N N 270 
PRO N    N  N N 271 
PRO CA   C  N S 272 
PRO C    C  N N 273 
PRO O    O  N N 274 
PRO CB   C  N N 275 
PRO CG   C  N N 276 
PRO CD   C  N N 277 
PRO OXT  O  N N 278 
PRO H    H  N N 279 
PRO HA   H  N N 280 
PRO HB2  H  N N 281 
PRO HB3  H  N N 282 
PRO HG2  H  N N 283 
PRO HG3  H  N N 284 
PRO HD2  H  N N 285 
PRO HD3  H  N N 286 
PRO HXT  H  N N 287 
SER N    N  N N 288 
SER CA   C  N S 289 
SER C    C  N N 290 
SER O    O  N N 291 
SER CB   C  N N 292 
SER OG   O  N N 293 
SER OXT  O  N N 294 
SER H    H  N N 295 
SER H2   H  N N 296 
SER HA   H  N N 297 
SER HB2  H  N N 298 
SER HB3  H  N N 299 
SER HG   H  N N 300 
SER HXT  H  N N 301 
THR N    N  N N 302 
THR CA   C  N S 303 
THR C    C  N N 304 
THR O    O  N N 305 
THR CB   C  N R 306 
THR OG1  O  N N 307 
THR CG2  C  N N 308 
THR OXT  O  N N 309 
THR H    H  N N 310 
THR H2   H  N N 311 
THR HA   H  N N 312 
THR HB   H  N N 313 
THR HG1  H  N N 314 
THR HG21 H  N N 315 
THR HG22 H  N N 316 
THR HG23 H  N N 317 
THR HXT  H  N N 318 
TYR N    N  N N 319 
TYR CA   C  N S 320 
TYR C    C  N N 321 
TYR O    O  N N 322 
TYR CB   C  N N 323 
TYR CG   C  Y N 324 
TYR CD1  C  Y N 325 
TYR CD2  C  Y N 326 
TYR CE1  C  Y N 327 
TYR CE2  C  Y N 328 
TYR CZ   C  Y N 329 
TYR OH   O  N N 330 
TYR OXT  O  N N 331 
TYR H    H  N N 332 
TYR H2   H  N N 333 
TYR HA   H  N N 334 
TYR HB2  H  N N 335 
TYR HB3  H  N N 336 
TYR HD1  H  N N 337 
TYR HD2  H  N N 338 
TYR HE1  H  N N 339 
TYR HE2  H  N N 340 
TYR HH   H  N N 341 
TYR HXT  H  N N 342 
VAL N    N  N N 343 
VAL CA   C  N S 344 
VAL C    C  N N 345 
VAL O    O  N N 346 
VAL CB   C  N N 347 
VAL CG1  C  N N 348 
VAL CG2  C  N N 349 
VAL OXT  O  N N 350 
VAL H    H  N N 351 
VAL H2   H  N N 352 
VAL HA   H  N N 353 
VAL HB   H  N N 354 
VAL HG11 H  N N 355 
VAL HG12 H  N N 356 
VAL HG13 H  N N 357 
VAL HG21 H  N N 358 
VAL HG22 H  N N 359 
VAL HG23 H  N N 360 
VAL HXT  H  N N 361 
# 
loop_
_chem_comp_bond.comp_id 
_chem_comp_bond.atom_id_1 
_chem_comp_bond.atom_id_2 
_chem_comp_bond.value_order 
_chem_comp_bond.pdbx_aromatic_flag 
_chem_comp_bond.pdbx_stereo_config 
_chem_comp_bond.pdbx_ordinal 
ALA N   CA   sing N N 1   
ALA N   H    sing N N 2   
ALA N   H2   sing N N 3   
ALA CA  C    sing N N 4   
ALA CA  CB   sing N N 5   
ALA CA  HA   sing N N 6   
ALA C   O    doub N N 7   
ALA C   OXT  sing N N 8   
ALA CB  HB1  sing N N 9   
ALA CB  HB2  sing N N 10  
ALA CB  HB3  sing N N 11  
ALA OXT HXT  sing N N 12  
ARG N   CA   sing N N 13  
ARG N   H    sing N N 14  
ARG N   H2   sing N N 15  
ARG CA  C    sing N N 16  
ARG CA  CB   sing N N 17  
ARG CA  HA   sing N N 18  
ARG C   O    doub N N 19  
ARG C   OXT  sing N N 20  
ARG CB  CG   sing N N 21  
ARG CB  HB2  sing N N 22  
ARG CB  HB3  sing N N 23  
ARG CG  CD   sing N N 24  
ARG CG  HG2  sing N N 25  
ARG CG  HG3  sing N N 26  
ARG CD  NE   sing N N 27  
ARG CD  HD2  sing N N 28  
ARG CD  HD3  sing N N 29  
ARG NE  CZ   sing N N 30  
ARG NE  HE   sing N N 31  
ARG CZ  NH1  sing N N 32  
ARG CZ  NH2  doub N N 33  
ARG NH1 HH11 sing N N 34  
ARG NH1 HH12 sing N N 35  
ARG NH2 HH21 sing N N 36  
ARG NH2 HH22 sing N N 37  
ARG OXT HXT  sing N N 38  
ASN N   CA   sing N N 39  
ASN N   H    sing N N 40  
ASN N   H2   sing N N 41  
ASN CA  C    sing N N 42  
ASN CA  CB   sing N N 43  
ASN CA  HA   sing N N 44  
ASN C   O    doub N N 45  
ASN C   OXT  sing N N 46  
ASN CB  CG   sing N N 47  
ASN CB  HB2  sing N N 48  
ASN CB  HB3  sing N N 49  
ASN CG  OD1  doub N N 50  
ASN CG  ND2  sing N N 51  
ASN ND2 HD21 sing N N 52  
ASN ND2 HD22 sing N N 53  
ASN OXT HXT  sing N N 54  
ASP N   CA   sing N N 55  
ASP N   H    sing N N 56  
ASP N   H2   sing N N 57  
ASP CA  C    sing N N 58  
ASP CA  CB   sing N N 59  
ASP CA  HA   sing N N 60  
ASP C   O    doub N N 61  
ASP C   OXT  sing N N 62  
ASP CB  CG   sing N N 63  
ASP CB  HB2  sing N N 64  
ASP CB  HB3  sing N N 65  
ASP CG  OD1  doub N N 66  
ASP CG  OD2  sing N N 67  
ASP OD2 HD2  sing N N 68  
ASP OXT HXT  sing N N 69  
CYS N   CA   sing N N 70  
CYS N   H    sing N N 71  
CYS N   H2   sing N N 72  
CYS CA  C    sing N N 73  
CYS CA  CB   sing N N 74  
CYS CA  HA   sing N N 75  
CYS C   O    doub N N 76  
CYS C   OXT  sing N N 77  
CYS CB  SG   sing N N 78  
CYS CB  HB2  sing N N 79  
CYS CB  HB3  sing N N 80  
CYS SG  HG   sing N N 81  
CYS OXT HXT  sing N N 82  
GLN N   CA   sing N N 83  
GLN N   H    sing N N 84  
GLN N   H2   sing N N 85  
GLN CA  C    sing N N 86  
GLN CA  CB   sing N N 87  
GLN CA  HA   sing N N 88  
GLN C   O    doub N N 89  
GLN C   OXT  sing N N 90  
GLN CB  CG   sing N N 91  
GLN CB  HB2  sing N N 92  
GLN CB  HB3  sing N N 93  
GLN CG  CD   sing N N 94  
GLN CG  HG2  sing N N 95  
GLN CG  HG3  sing N N 96  
GLN CD  OE1  doub N N 97  
GLN CD  NE2  sing N N 98  
GLN NE2 HE21 sing N N 99  
GLN NE2 HE22 sing N N 100 
GLN OXT HXT  sing N N 101 
GLU N   CA   sing N N 102 
GLU N   H    sing N N 103 
GLU N   H2   sing N N 104 
GLU CA  C    sing N N 105 
GLU CA  CB   sing N N 106 
GLU CA  HA   sing N N 107 
GLU C   O    doub N N 108 
GLU C   OXT  sing N N 109 
GLU CB  CG   sing N N 110 
GLU CB  HB2  sing N N 111 
GLU CB  HB3  sing N N 112 
GLU CG  CD   sing N N 113 
GLU CG  HG2  sing N N 114 
GLU CG  HG3  sing N N 115 
GLU CD  OE1  doub N N 116 
GLU CD  OE2  sing N N 117 
GLU OE2 HE2  sing N N 118 
GLU OXT HXT  sing N N 119 
GLY N   CA   sing N N 120 
GLY N   H    sing N N 121 
GLY N   H2   sing N N 122 
GLY CA  C    sing N N 123 
GLY CA  HA2  sing N N 124 
GLY CA  HA3  sing N N 125 
GLY C   O    doub N N 126 
GLY C   OXT  sing N N 127 
GLY OXT HXT  sing N N 128 
HIS N   CA   sing N N 129 
HIS N   H    sing N N 130 
HIS N   H2   sing N N 131 
HIS CA  C    sing N N 132 
HIS CA  CB   sing N N 133 
HIS CA  HA   sing N N 134 
HIS C   O    doub N N 135 
HIS C   OXT  sing N N 136 
HIS CB  CG   sing N N 137 
HIS CB  HB2  sing N N 138 
HIS CB  HB3  sing N N 139 
HIS CG  ND1  sing Y N 140 
HIS CG  CD2  doub Y N 141 
HIS ND1 CE1  doub Y N 142 
HIS ND1 HD1  sing N N 143 
HIS CD2 NE2  sing Y N 144 
HIS CD2 HD2  sing N N 145 
HIS CE1 NE2  sing Y N 146 
HIS CE1 HE1  sing N N 147 
HIS NE2 HE2  sing N N 148 
HIS OXT HXT  sing N N 149 
ILE N   CA   sing N N 150 
ILE N   H    sing N N 151 
ILE N   H2   sing N N 152 
ILE CA  C    sing N N 153 
ILE CA  CB   sing N N 154 
ILE CA  HA   sing N N 155 
ILE C   O    doub N N 156 
ILE C   OXT  sing N N 157 
ILE CB  CG1  sing N N 158 
ILE CB  CG2  sing N N 159 
ILE CB  HB   sing N N 160 
ILE CG1 CD1  sing N N 161 
ILE CG1 HG12 sing N N 162 
ILE CG1 HG13 sing N N 163 
ILE CG2 HG21 sing N N 164 
ILE CG2 HG22 sing N N 165 
ILE CG2 HG23 sing N N 166 
ILE CD1 HD11 sing N N 167 
ILE CD1 HD12 sing N N 168 
ILE CD1 HD13 sing N N 169 
ILE OXT HXT  sing N N 170 
LEU N   CA   sing N N 171 
LEU N   H    sing N N 172 
LEU N   H2   sing N N 173 
LEU CA  C    sing N N 174 
LEU CA  CB   sing N N 175 
LEU CA  HA   sing N N 176 
LEU C   O    doub N N 177 
LEU C   OXT  sing N N 178 
LEU CB  CG   sing N N 179 
LEU CB  HB2  sing N N 180 
LEU CB  HB3  sing N N 181 
LEU CG  CD1  sing N N 182 
LEU CG  CD2  sing N N 183 
LEU CG  HG   sing N N 184 
LEU CD1 HD11 sing N N 185 
LEU CD1 HD12 sing N N 186 
LEU CD1 HD13 sing N N 187 
LEU CD2 HD21 sing N N 188 
LEU CD2 HD22 sing N N 189 
LEU CD2 HD23 sing N N 190 
LEU OXT HXT  sing N N 191 
LYS N   CA   sing N N 192 
LYS N   H    sing N N 193 
LYS N   H2   sing N N 194 
LYS CA  C    sing N N 195 
LYS CA  CB   sing N N 196 
LYS CA  HA   sing N N 197 
LYS C   O    doub N N 198 
LYS C   OXT  sing N N 199 
LYS CB  CG   sing N N 200 
LYS CB  HB2  sing N N 201 
LYS CB  HB3  sing N N 202 
LYS CG  CD   sing N N 203 
LYS CG  HG2  sing N N 204 
LYS CG  HG3  sing N N 205 
LYS CD  CE   sing N N 206 
LYS CD  HD2  sing N N 207 
LYS CD  HD3  sing N N 208 
LYS CE  NZ   sing N N 209 
LYS CE  HE2  sing N N 210 
LYS CE  HE3  sing N N 211 
LYS NZ  HZ1  sing N N 212 
LYS NZ  HZ2  sing N N 213 
LYS NZ  HZ3  sing N N 214 
LYS OXT HXT  sing N N 215 
MET N   CA   sing N N 216 
MET N   H    sing N N 217 
MET N   H2   sing N N 218 
MET CA  C    sing N N 219 
MET CA  CB   sing N N 220 
MET CA  HA   sing N N 221 
MET C   O    doub N N 222 
MET C   OXT  sing N N 223 
MET CB  CG   sing N N 224 
MET CB  HB2  sing N N 225 
MET CB  HB3  sing N N 226 
MET CG  SD   sing N N 227 
MET CG  HG2  sing N N 228 
MET CG  HG3  sing N N 229 
MET SD  CE   sing N N 230 
MET CE  HE1  sing N N 231 
MET CE  HE2  sing N N 232 
MET CE  HE3  sing N N 233 
MET OXT HXT  sing N N 234 
PHE N   CA   sing N N 235 
PHE N   H    sing N N 236 
PHE N   H2   sing N N 237 
PHE CA  C    sing N N 238 
PHE CA  CB   sing N N 239 
PHE CA  HA   sing N N 240 
PHE C   O    doub N N 241 
PHE C   OXT  sing N N 242 
PHE CB  CG   sing N N 243 
PHE CB  HB2  sing N N 244 
PHE CB  HB3  sing N N 245 
PHE CG  CD1  doub Y N 246 
PHE CG  CD2  sing Y N 247 
PHE CD1 CE1  sing Y N 248 
PHE CD1 HD1  sing N N 249 
PHE CD2 CE2  doub Y N 250 
PHE CD2 HD2  sing N N 251 
PHE CE1 CZ   doub Y N 252 
PHE CE1 HE1  sing N N 253 
PHE CE2 CZ   sing Y N 254 
PHE CE2 HE2  sing N N 255 
PHE CZ  HZ   sing N N 256 
PHE OXT HXT  sing N N 257 
PRO N   CA   sing N N 258 
PRO N   CD   sing N N 259 
PRO N   H    sing N N 260 
PRO CA  C    sing N N 261 
PRO CA  CB   sing N N 262 
PRO CA  HA   sing N N 263 
PRO C   O    doub N N 264 
PRO C   OXT  sing N N 265 
PRO CB  CG   sing N N 266 
PRO CB  HB2  sing N N 267 
PRO CB  HB3  sing N N 268 
PRO CG  CD   sing N N 269 
PRO CG  HG2  sing N N 270 
PRO CG  HG3  sing N N 271 
PRO CD  HD2  sing N N 272 
PRO CD  HD3  sing N N 273 
PRO OXT HXT  sing N N 274 
SER N   CA   sing N N 275 
SER N   H    sing N N 276 
SER N   H2   sing N N 277 
SER CA  C    sing N N 278 
SER CA  CB   sing N N 279 
SER CA  HA   sing N N 280 
SER C   O    doub N N 281 
SER C   OXT  sing N N 282 
SER CB  OG   sing N N 283 
SER CB  HB2  sing N N 284 
SER CB  HB3  sing N N 285 
SER OG  HG   sing N N 286 
SER OXT HXT  sing N N 287 
THR N   CA   sing N N 288 
THR N   H    sing N N 289 
THR N   H2   sing N N 290 
THR CA  C    sing N N 291 
THR CA  CB   sing N N 292 
THR CA  HA   sing N N 293 
THR C   O    doub N N 294 
THR C   OXT  sing N N 295 
THR CB  OG1  sing N N 296 
THR CB  CG2  sing N N 297 
THR CB  HB   sing N N 298 
THR OG1 HG1  sing N N 299 
THR CG2 HG21 sing N N 300 
THR CG2 HG22 sing N N 301 
THR CG2 HG23 sing N N 302 
THR OXT HXT  sing N N 303 
TYR N   CA   sing N N 304 
TYR N   H    sing N N 305 
TYR N   H2   sing N N 306 
TYR CA  C    sing N N 307 
TYR CA  CB   sing N N 308 
TYR CA  HA   sing N N 309 
TYR C   O    doub N N 310 
TYR C   OXT  sing N N 311 
TYR CB  CG   sing N N 312 
TYR CB  HB2  sing N N 313 
TYR CB  HB3  sing N N 314 
TYR CG  CD1  doub Y N 315 
TYR CG  CD2  sing Y N 316 
TYR CD1 CE1  sing Y N 317 
TYR CD1 HD1  sing N N 318 
TYR CD2 CE2  doub Y N 319 
TYR CD2 HD2  sing N N 320 
TYR CE1 CZ   doub Y N 321 
TYR CE1 HE1  sing N N 322 
TYR CE2 CZ   sing Y N 323 
TYR CE2 HE2  sing N N 324 
TYR CZ  OH   sing N N 325 
TYR OH  HH   sing N N 326 
TYR OXT HXT  sing N N 327 
VAL N   CA   sing N N 328 
VAL N   H    sing N N 329 
VAL N   H2   sing N N 330 
VAL CA  C    sing N N 331 
VAL CA  CB   sing N N 332 
VAL CA  HA   sing N N 333 
VAL C   O    doub N N 334 
VAL C   OXT  sing N N 335 
VAL CB  CG1  sing N N 336 
VAL CB  CG2  sing N N 337 
VAL CB  HB   sing N N 338 
VAL CG1 HG11 sing N N 339 
VAL CG1 HG12 sing N N 340 
VAL CG1 HG13 sing N N 341 
VAL CG2 HG21 sing N N 342 
VAL CG2 HG22 sing N N 343 
VAL CG2 HG23 sing N N 344 
VAL OXT HXT  sing N N 345 
# 
_pdbx_nmr_spectrometer.spectrometer_id   1 
_pdbx_nmr_spectrometer.model             DMX750 
_pdbx_nmr_spectrometer.manufacturer      Bruker 
_pdbx_nmr_spectrometer.field_strength    750 
_pdbx_nmr_spectrometer.type              ? 
# 
_atom_sites.entry_id                    1B3I 
_atom_sites.fract_transf_matrix[1][1]   1.000000 
_atom_sites.fract_transf_matrix[1][2]   0.000000 
_atom_sites.fract_transf_matrix[1][3]   0.000000 
_atom_sites.fract_transf_matrix[2][1]   0.000000 
_atom_sites.fract_transf_matrix[2][2]   1.000000 
_atom_sites.fract_transf_matrix[2][3]   0.000000 
_atom_sites.fract_transf_matrix[3][1]   0.000000 
_atom_sites.fract_transf_matrix[3][2]   0.000000 
_atom_sites.fract_transf_matrix[3][3]   1.000000 
_atom_sites.fract_transf_vector[1]      0.00000 
_atom_sites.fract_transf_vector[2]      0.00000 
_atom_sites.fract_transf_vector[3]      0.00000 
# 
loop_
_atom_type.symbol 
C  
CU 
H  
N  
O  
S  
# 
loop_
_atom_site.group_PDB 
_atom_site.id 
_atom_site.type_symbol 
_atom_site.label_atom_id 
_atom_site.label_alt_id 
_atom_site.label_comp_id 
_atom_site.label_asym_id 
_atom_site.label_entity_id 
_atom_site.label_seq_id 
_atom_site.pdbx_PDB_ins_code 
_atom_site.Cartn_x 
_atom_site.Cartn_y 
_atom_site.Cartn_z 
_atom_site.occupancy 
_atom_site.B_iso_or_equiv 
_atom_site.pdbx_formal_charge 
_atom_site.auth_seq_id 
_atom_site.auth_comp_id 
_atom_site.auth_asym_id 
_atom_site.auth_atom_id 
_atom_site.pdbx_PDB_model_num 
ATOM   1    N  N    . ALA A 1 1  ? 7.855   9.277   9.966   1.00 0.00 ? 1   ALA A N    1 
ATOM   2    C  CA   . ALA A 1 1  ? 6.625   9.970   10.307  1.00 0.00 ? 1   ALA A CA   1 
ATOM   3    C  C    . ALA A 1 1  ? 5.447   9.278   9.617   1.00 0.00 ? 1   ALA A C    1 
ATOM   4    O  O    . ALA A 1 1  ? 5.637   8.522   8.667   1.00 0.00 ? 1   ALA A O    1 
ATOM   5    C  CB   . ALA A 1 1  ? 6.744   11.444  9.917   1.00 0.00 ? 1   ALA A CB   1 
ATOM   6    H  H1   . ALA A 1 1  ? 8.648   9.528   10.520  1.00 0.00 ? 1   ALA A H1   1 
ATOM   7    H  HA   . ALA A 1 1  ? 6.493   9.902   11.387  1.00 0.00 ? 1   ALA A HA   1 
ATOM   8    H  HB1  . ALA A 1 1  ? 7.076   12.023  10.780  1.00 0.00 ? 1   ALA A HB1  1 
ATOM   9    H  HB2  . ALA A 1 1  ? 7.467   11.549  9.109   1.00 0.00 ? 1   ALA A HB2  1 
ATOM   10   H  HB3  . ALA A 1 1  ? 5.773   11.812  9.585   1.00 0.00 ? 1   ALA A HB3  1 
ATOM   11   N  N    . SER A 1 2  ? 4.255   9.562   10.124  1.00 0.00 ? 2   SER A N    1 
ATOM   12   C  CA   . SER A 1 2  ? 3.047   8.977   9.568   1.00 0.00 ? 2   SER A CA   1 
ATOM   13   C  C    . SER A 1 2  ? 2.933   9.323   8.083   1.00 0.00 ? 2   SER A C    1 
ATOM   14   O  O    . SER A 1 2  ? 2.999   10.493  7.708   1.00 0.00 ? 2   SER A O    1 
ATOM   15   C  CB   . SER A 1 2  ? 1.806   9.457   10.323  1.00 0.00 ? 2   SER A CB   1 
ATOM   16   O  OG   . SER A 1 2  ? 1.907   9.219   11.724  1.00 0.00 ? 2   SER A OG   1 
ATOM   17   H  H    . SER A 1 2  ? 4.109   10.177  10.899  1.00 0.00 ? 2   SER A H    1 
ATOM   18   H  HA   . SER A 1 2  ? 3.159   7.900   9.703   1.00 0.00 ? 2   SER A HA   1 
ATOM   19   H  HB2  . SER A 1 2  ? 1.663   10.523  10.145  1.00 0.00 ? 2   SER A HB2  1 
ATOM   20   H  HB3  . SER A 1 2  ? 0.924   8.948   9.932   1.00 0.00 ? 2   SER A HB3  1 
ATOM   21   H  HG   . SER A 1 2  ? 2.531   8.457   11.898  1.00 0.00 ? 2   SER A HG   1 
ATOM   22   N  N    . VAL A 1 3  ? 2.763   8.286   7.277   1.00 0.00 ? 3   VAL A N    1 
ATOM   23   C  CA   . VAL A 1 3  ? 2.640   8.467   5.840   1.00 0.00 ? 3   VAL A CA   1 
ATOM   24   C  C    . VAL A 1 3  ? 1.312   7.870   5.368   1.00 0.00 ? 3   VAL A C    1 
ATOM   25   O  O    . VAL A 1 3  ? 0.567   7.298   6.163   1.00 0.00 ? 3   VAL A O    1 
ATOM   26   C  CB   . VAL A 1 3  ? 3.853   7.862   5.131   1.00 0.00 ? 3   VAL A CB   1 
ATOM   27   C  CG1  . VAL A 1 3  ? 5.084   8.754   5.293   1.00 0.00 ? 3   VAL A CG1  1 
ATOM   28   C  CG2  . VAL A 1 3  ? 4.131   6.444   5.634   1.00 0.00 ? 3   VAL A CG2  1 
ATOM   29   H  H    . VAL A 1 3  ? 2.711   7.338   7.590   1.00 0.00 ? 3   VAL A H    1 
ATOM   30   H  HA   . VAL A 1 3  ? 2.633   9.538   5.643   1.00 0.00 ? 3   VAL A HA   1 
ATOM   31   H  HB   . VAL A 1 3  ? 3.621   7.800   4.067   1.00 0.00 ? 3   VAL A HB   1 
ATOM   32   H  HG11 . VAL A 1 3  ? 5.159   9.085   6.329   1.00 0.00 ? 3   VAL A HG11 1 
ATOM   33   H  HG12 . VAL A 1 3  ? 5.978   8.190   5.026   1.00 0.00 ? 3   VAL A HG12 1 
ATOM   34   H  HG13 . VAL A 1 3  ? 4.993   9.622   4.640   1.00 0.00 ? 3   VAL A HG13 1 
ATOM   35   H  HG21 . VAL A 1 3  ? 5.064   6.082   5.202   1.00 0.00 ? 3   VAL A HG21 1 
ATOM   36   H  HG22 . VAL A 1 3  ? 4.214   6.454   6.720   1.00 0.00 ? 3   VAL A HG22 1 
ATOM   37   H  HG23 . VAL A 1 3  ? 3.315   5.786   5.338   1.00 0.00 ? 3   VAL A HG23 1 
ATOM   38   N  N    . GLN A 1 4  ? 1.055   8.026   4.077   1.00 0.00 ? 4   GLN A N    1 
ATOM   39   C  CA   . GLN A 1 4  ? -0.169  7.511   3.491   1.00 0.00 ? 4   GLN A CA   1 
ATOM   40   C  C    . GLN A 1 4  ? 0.101   6.974   2.084   1.00 0.00 ? 4   GLN A C    1 
ATOM   41   O  O    . GLN A 1 4  ? 1.002   7.452   1.395   1.00 0.00 ? 4   GLN A O    1 
ATOM   42   C  CB   . GLN A 1 4  ? -1.261  8.582   3.469   1.00 0.00 ? 4   GLN A CB   1 
ATOM   43   C  CG   . GLN A 1 4  ? -0.666  9.964   3.186   1.00 0.00 ? 4   GLN A CG   1 
ATOM   44   C  CD   . GLN A 1 4  ? -1.721  11.059  3.351   1.00 0.00 ? 4   GLN A CD   1 
ATOM   45   O  OE1  . GLN A 1 4  ? -2.849  10.815  3.749   1.00 0.00 ? 4   GLN A OE1  1 
ATOM   46   N  NE2  . GLN A 1 4  ? -1.294  12.276  3.026   1.00 0.00 ? 4   GLN A NE2  1 
ATOM   47   H  H    . GLN A 1 4  ? 1.667   8.493   3.439   1.00 0.00 ? 4   GLN A H    1 
ATOM   48   H  HA   . GLN A 1 4  ? -0.483  6.695   4.144   1.00 0.00 ? 4   GLN A HA   1 
ATOM   49   H  HB2  . GLN A 1 4  ? -2.000  8.338   2.706   1.00 0.00 ? 4   GLN A HB2  1 
ATOM   50   H  HB3  . GLN A 1 4  ? -1.781  8.596   4.426   1.00 0.00 ? 4   GLN A HB3  1 
ATOM   51   H  HG2  . GLN A 1 4  ? 0.167   10.150  3.864   1.00 0.00 ? 4   GLN A HG2  1 
ATOM   52   H  HG3  . GLN A 1 4  ? -0.265  9.990   2.172   1.00 0.00 ? 4   GLN A HG3  1 
ATOM   53   H  HE21 . GLN A 1 4  ? -0.356  12.407  2.706   1.00 0.00 ? 4   GLN A HE21 1 
ATOM   54   H  HE22 . GLN A 1 4  ? -1.911  13.059  3.100   1.00 0.00 ? 4   GLN A HE22 1 
ATOM   55   N  N    . ILE A 1 5  ? -0.696  5.989   1.697   1.00 0.00 ? 5   ILE A N    1 
ATOM   56   C  CA   . ILE A 1 5  ? -0.554  5.382   0.384   1.00 0.00 ? 5   ILE A CA   1 
ATOM   57   C  C    . ILE A 1 5  ? -1.812  5.661   -0.440  1.00 0.00 ? 5   ILE A C    1 
ATOM   58   O  O    . ILE A 1 5  ? -2.887  5.148   -0.131  1.00 0.00 ? 5   ILE A O    1 
ATOM   59   C  CB   . ILE A 1 5  ? -0.220  3.895   0.514   1.00 0.00 ? 5   ILE A CB   1 
ATOM   60   C  CG1  . ILE A 1 5  ? 1.264   3.691   0.830   1.00 0.00 ? 5   ILE A CG1  1 
ATOM   61   C  CG2  . ILE A 1 5  ? -0.651  3.125   -0.735  1.00 0.00 ? 5   ILE A CG2  1 
ATOM   62   C  CD1  . ILE A 1 5  ? 2.140   4.151   -0.337  1.00 0.00 ? 5   ILE A CD1  1 
ATOM   63   H  H    . ILE A 1 5  ? -1.427  5.605   2.262   1.00 0.00 ? 5   ILE A H    1 
ATOM   64   H  HA   . ILE A 1 5  ? 0.294   5.860   -0.106  1.00 0.00 ? 5   ILE A HA   1 
ATOM   65   H  HB   . ILE A 1 5  ? -0.786  3.489   1.353   1.00 0.00 ? 5   ILE A HB   1 
ATOM   66   H  HG12 . ILE A 1 5  ? 1.527   4.247   1.730   1.00 0.00 ? 5   ILE A HG12 1 
ATOM   67   H  HG13 . ILE A 1 5  ? 1.453   2.638   1.039   1.00 0.00 ? 5   ILE A HG13 1 
ATOM   68   H  HG21 . ILE A 1 5  ? -0.319  3.660   -1.625  1.00 0.00 ? 5   ILE A HG21 1 
ATOM   69   H  HG22 . ILE A 1 5  ? -0.205  2.130   -0.721  1.00 0.00 ? 5   ILE A HG22 1 
ATOM   70   H  HG23 . ILE A 1 5  ? -1.738  3.035   -0.750  1.00 0.00 ? 5   ILE A HG23 1 
ATOM   71   H  HD11 . ILE A 1 5  ? 2.650   3.290   -0.770  1.00 0.00 ? 5   ILE A HD11 1 
ATOM   72   H  HD12 . ILE A 1 5  ? 1.517   4.624   -1.095  1.00 0.00 ? 5   ILE A HD12 1 
ATOM   73   H  HD13 . ILE A 1 5  ? 2.879   4.867   0.025   1.00 0.00 ? 5   ILE A HD13 1 
ATOM   74   N  N    . LYS A 1 6  ? -1.637  6.471   -1.473  1.00 0.00 ? 6   LYS A N    1 
ATOM   75   C  CA   . LYS A 1 6  ? -2.744  6.823   -2.345  1.00 0.00 ? 6   LYS A CA   1 
ATOM   76   C  C    . LYS A 1 6  ? -2.789  5.851   -3.525  1.00 0.00 ? 6   LYS A C    1 
ATOM   77   O  O    . LYS A 1 6  ? -1.763  5.569   -4.142  1.00 0.00 ? 6   LYS A O    1 
ATOM   78   C  CB   . LYS A 1 6  ? -2.652  8.293   -2.762  1.00 0.00 ? 6   LYS A CB   1 
ATOM   79   C  CG   . LYS A 1 6  ? -3.616  9.157   -1.946  1.00 0.00 ? 6   LYS A CG   1 
ATOM   80   C  CD   . LYS A 1 6  ? -3.445  10.639  -2.284  1.00 0.00 ? 6   LYS A CD   1 
ATOM   81   C  CE   . LYS A 1 6  ? -4.395  11.504  -1.454  1.00 0.00 ? 6   LYS A CE   1 
ATOM   82   N  NZ   . LYS A 1 6  ? -3.787  12.825  -1.180  1.00 0.00 ? 6   LYS A NZ   1 
ATOM   83   H  H    . LYS A 1 6  ? -0.758  6.883   -1.718  1.00 0.00 ? 6   LYS A H    1 
ATOM   84   H  HA   . LYS A 1 6  ? -3.663  6.710   -1.768  1.00 0.00 ? 6   LYS A HA   1 
ATOM   85   H  HB2  . LYS A 1 6  ? -1.631  8.651   -2.624  1.00 0.00 ? 6   LYS A HB2  1 
ATOM   86   H  HB3  . LYS A 1 6  ? -2.882  8.388   -3.823  1.00 0.00 ? 6   LYS A HB3  1 
ATOM   87   H  HG2  . LYS A 1 6  ? -4.642  8.850   -2.147  1.00 0.00 ? 6   LYS A HG2  1 
ATOM   88   H  HG3  . LYS A 1 6  ? -3.438  9.000   -0.882  1.00 0.00 ? 6   LYS A HG3  1 
ATOM   89   H  HD2  . LYS A 1 6  ? -2.415  10.941  -2.098  1.00 0.00 ? 6   LYS A HD2  1 
ATOM   90   H  HD3  . LYS A 1 6  ? -3.636  10.797  -3.346  1.00 0.00 ? 6   LYS A HD3  1 
ATOM   91   H  HE2  . LYS A 1 6  ? -5.337  11.634  -1.986  1.00 0.00 ? 6   LYS A HE2  1 
ATOM   92   H  HE3  . LYS A 1 6  ? -4.626  11.001  -0.515  1.00 0.00 ? 6   LYS A HE3  1 
ATOM   93   H  HZ1  . LYS A 1 6  ? -4.407  13.366  -0.614  1.00 0.00 ? 6   LYS A HZ1  1 
ATOM   94   H  HZ2  . LYS A 1 6  ? -2.919  12.699  -0.697  1.00 0.00 ? 6   LYS A HZ2  1 
ATOM   95   H  HZ3  . LYS A 1 6  ? -3.621  13.301  -2.043  1.00 0.00 ? 6   LYS A HZ3  1 
ATOM   96   N  N    . MET A 1 7  ? -3.989  5.364   -3.805  1.00 0.00 ? 7   MET A N    1 
ATOM   97   C  CA   . MET A 1 7  ? -4.182  4.429   -4.899  1.00 0.00 ? 7   MET A CA   1 
ATOM   98   C  C    . MET A 1 7  ? -4.858  5.111   -6.091  1.00 0.00 ? 7   MET A C    1 
ATOM   99   O  O    . MET A 1 7  ? -6.080  5.242   -6.123  1.00 0.00 ? 7   MET A O    1 
ATOM   100  C  CB   . MET A 1 7  ? -5.043  3.257   -4.426  1.00 0.00 ? 7   MET A CB   1 
ATOM   101  C  CG   . MET A 1 7  ? -4.320  2.446   -3.347  1.00 0.00 ? 7   MET A CG   1 
ATOM   102  S  SD   . MET A 1 7  ? -5.119  2.681   -1.769  1.00 0.00 ? 7   MET A SD   1 
ATOM   103  C  CE   . MET A 1 7  ? -5.782  1.045   -1.510  1.00 0.00 ? 7   MET A CE   1 
ATOM   104  H  H    . MET A 1 7  ? -4.819  5.599   -3.298  1.00 0.00 ? 7   MET A H    1 
ATOM   105  H  HA   . MET A 1 7  ? -3.181  4.099   -5.181  1.00 0.00 ? 7   MET A HA   1 
ATOM   106  H  HB2  . MET A 1 7  ? -5.988  3.631   -4.032  1.00 0.00 ? 7   MET A HB2  1 
ATOM   107  H  HB3  . MET A 1 7  ? -5.282  2.612   -5.271  1.00 0.00 ? 7   MET A HB3  1 
ATOM   108  H  HG2  . MET A 1 7  ? -4.323  1.389   -3.611  1.00 0.00 ? 7   MET A HG2  1 
ATOM   109  H  HG3  . MET A 1 7  ? -3.276  2.756   -3.286  1.00 0.00 ? 7   MET A HG3  1 
ATOM   110  H  HE1  . MET A 1 7  ? -6.495  1.067   -0.685  1.00 0.00 ? 7   MET A HE1  1 
ATOM   111  H  HE2  . MET A 1 7  ? -6.286  0.710   -2.416  1.00 0.00 ? 7   MET A HE2  1 
ATOM   112  H  HE3  . MET A 1 7  ? -4.971  0.357   -1.270  1.00 0.00 ? 7   MET A HE3  1 
ATOM   113  N  N    . GLY A 1 8  ? -4.033  5.527   -7.040  1.00 0.00 ? 8   GLY A N    1 
ATOM   114  C  CA   . GLY A 1 8  ? -4.536  6.192   -8.230  1.00 0.00 ? 8   GLY A CA   1 
ATOM   115  C  C    . GLY A 1 8  ? -3.994  7.619   -8.331  1.00 0.00 ? 8   GLY A C    1 
ATOM   116  O  O    . GLY A 1 8  ? -3.819  8.294   -7.318  1.00 0.00 ? 8   GLY A O    1 
ATOM   117  H  H    . GLY A 1 8  ? -3.040  5.416   -7.006  1.00 0.00 ? 8   GLY A H    1 
ATOM   118  H  HA2  . GLY A 1 8  ? -4.249  5.627   -9.116  1.00 0.00 ? 8   GLY A HA2  1 
ATOM   119  H  HA3  . GLY A 1 8  ? -5.626  6.214   -8.206  1.00 0.00 ? 8   GLY A HA3  1 
ATOM   120  N  N    . THR A 1 9  ? -3.743  8.037   -9.564  1.00 0.00 ? 9   THR A N    1 
ATOM   121  C  CA   . THR A 1 9  ? -3.225  9.371   -9.810  1.00 0.00 ? 9   THR A CA   1 
ATOM   122  C  C    . THR A 1 9  ? -4.305  10.256  -10.436 1.00 0.00 ? 9   THR A C    1 
ATOM   123  O  O    . THR A 1 9  ? -5.286  9.753   -10.982 1.00 0.00 ? 9   THR A O    1 
ATOM   124  C  CB   . THR A 1 9  ? -1.972  9.239   -10.677 1.00 0.00 ? 9   THR A CB   1 
ATOM   125  O  OG1  . THR A 1 9  ? -2.290  8.193   -11.591 1.00 0.00 ? 9   THR A OG1  1 
ATOM   126  C  CG2  . THR A 1 9  ? -0.774  8.698   -9.894  1.00 0.00 ? 9   THR A CG2  1 
ATOM   127  H  H    . THR A 1 9  ? -3.889  7.482   -10.382 1.00 0.00 ? 9   THR A H    1 
ATOM   128  H  HA   . THR A 1 9  ? -2.960  9.820   -8.853  1.00 0.00 ? 9   THR A HA   1 
ATOM   129  H  HB   . THR A 1 9  ? -1.727  10.187  -11.156 1.00 0.00 ? 9   THR A HB   1 
ATOM   130  H  HG1  . THR A 1 9  ? -2.713  8.574   -12.413 1.00 0.00 ? 9   THR A HG1  1 
ATOM   131  H  HG21 . THR A 1 9  ? -0.366  9.486   -9.262  1.00 0.00 ? 9   THR A HG21 1 
ATOM   132  H  HG22 . THR A 1 9  ? -1.093  7.861   -9.272  1.00 0.00 ? 9   THR A HG22 1 
ATOM   133  H  HG23 . THR A 1 9  ? -0.007  8.359   -10.592 1.00 0.00 ? 9   THR A HG23 1 
ATOM   134  N  N    . ASP A 1 10 ? -4.090  11.560  -10.335 1.00 0.00 ? 10  ASP A N    1 
ATOM   135  C  CA   . ASP A 1 10 ? -5.032  12.519  -10.884 1.00 0.00 ? 10  ASP A CA   1 
ATOM   136  C  C    . ASP A 1 10 ? -5.167  12.290  -12.391 1.00 0.00 ? 10  ASP A C    1 
ATOM   137  O  O    . ASP A 1 10 ? -6.109  12.777  -13.013 1.00 0.00 ? 10  ASP A O    1 
ATOM   138  C  CB   . ASP A 1 10 ? -4.548  13.954  -10.665 1.00 0.00 ? 10  ASP A CB   1 
ATOM   139  C  CG   . ASP A 1 10 ? -5.599  15.037  -10.919 1.00 0.00 ? 10  ASP A CG   1 
ATOM   140  O  OD1  . ASP A 1 10 ? -6.769  14.653  -11.133 1.00 0.00 ? 10  ASP A OD1  1 
ATOM   141  O  OD2  . ASP A 1 10 ? -5.208  16.224  -10.895 1.00 0.00 ? 10  ASP A OD2  1 
ATOM   142  H  H    . ASP A 1 10 ? -3.289  11.961  -9.890  1.00 0.00 ? 10  ASP A H    1 
ATOM   143  H  HA   . ASP A 1 10 ? -5.966  12.342  -10.350 1.00 0.00 ? 10  ASP A HA   1 
ATOM   144  H  HB2  . ASP A 1 10 ? -4.192  14.049  -9.640  1.00 0.00 ? 10  ASP A HB2  1 
ATOM   145  H  HB3  . ASP A 1 10 ? -3.695  14.137  -11.317 1.00 0.00 ? 10  ASP A HB3  1 
ATOM   146  N  N    . LYS A 1 11 ? -4.211  11.550  -12.932 1.00 0.00 ? 11  LYS A N    1 
ATOM   147  C  CA   . LYS A 1 11 ? -4.211  11.250  -14.354 1.00 0.00 ? 11  LYS A CA   1 
ATOM   148  C  C    . LYS A 1 11 ? -4.978  9.948   -14.597 1.00 0.00 ? 11  LYS A C    1 
ATOM   149  O  O    . LYS A 1 11 ? -4.575  9.131   -15.423 1.00 0.00 ? 11  LYS A O    1 
ATOM   150  C  CB   . LYS A 1 11 ? -2.782  11.232  -14.898 1.00 0.00 ? 11  LYS A CB   1 
ATOM   151  C  CG   . LYS A 1 11 ? -2.589  12.307  -15.970 1.00 0.00 ? 11  LYS A CG   1 
ATOM   152  C  CD   . LYS A 1 11 ? -1.112  12.458  -16.336 1.00 0.00 ? 11  LYS A CD   1 
ATOM   153  C  CE   . LYS A 1 11 ? -0.822  13.858  -16.881 1.00 0.00 ? 11  LYS A CE   1 
ATOM   154  N  NZ   . LYS A 1 11 ? 0.603   13.981  -17.262 1.00 0.00 ? 11  LYS A NZ   1 
ATOM   155  H  H    . LYS A 1 11 ? -3.448  11.157  -12.418 1.00 0.00 ? 11  LYS A H    1 
ATOM   156  H  HA   . LYS A 1 11 ? -4.738  12.061  -14.859 1.00 0.00 ? 11  LYS A HA   1 
ATOM   157  H  HB2  . LYS A 1 11 ? -2.076  11.396  -14.083 1.00 0.00 ? 11  LYS A HB2  1 
ATOM   158  H  HB3  . LYS A 1 11 ? -2.561  10.251  -15.319 1.00 0.00 ? 11  LYS A HB3  1 
ATOM   159  H  HG2  . LYS A 1 11 ? -3.164  12.047  -16.859 1.00 0.00 ? 11  LYS A HG2  1 
ATOM   160  H  HG3  . LYS A 1 11 ? -2.977  13.260  -15.609 1.00 0.00 ? 11  LYS A HG3  1 
ATOM   161  H  HD2  . LYS A 1 11 ? -0.495  12.270  -15.459 1.00 0.00 ? 11  LYS A HD2  1 
ATOM   162  H  HD3  . LYS A 1 11 ? -0.841  11.711  -17.082 1.00 0.00 ? 11  LYS A HD3  1 
ATOM   163  H  HE2  . LYS A 1 11 ? -1.454  14.057  -17.745 1.00 0.00 ? 11  LYS A HE2  1 
ATOM   164  H  HE3  . LYS A 1 11 ? -1.068  14.606  -16.127 1.00 0.00 ? 11  LYS A HE3  1 
ATOM   165  H  HZ1  . LYS A 1 11 ? 0.827   14.945  -17.408 1.00 0.00 ? 11  LYS A HZ1  1 
ATOM   166  H  HZ2  . LYS A 1 11 ? 1.177   13.611  -16.532 1.00 0.00 ? 11  LYS A HZ2  1 
ATOM   167  H  HZ3  . LYS A 1 11 ? 0.767   13.470  -18.106 1.00 0.00 ? 11  LYS A HZ3  1 
ATOM   168  N  N    . TYR A 1 12 ? -6.070  9.797   -13.862 1.00 0.00 ? 12  TYR A N    1 
ATOM   169  C  CA   . TYR A 1 12 ? -6.897  8.608   -13.987 1.00 0.00 ? 12  TYR A CA   1 
ATOM   170  C  C    . TYR A 1 12 ? -6.036  7.360   -14.189 1.00 0.00 ? 12  TYR A C    1 
ATOM   171  O  O    . TYR A 1 12 ? -6.465  6.403   -14.831 1.00 0.00 ? 12  TYR A O    1 
ATOM   172  C  CB   . TYR A 1 12 ? -7.761  8.825   -15.230 1.00 0.00 ? 12  TYR A CB   1 
ATOM   173  C  CG   . TYR A 1 12 ? -9.249  9.017   -14.929 1.00 0.00 ? 12  TYR A CG   1 
ATOM   174  C  CD1  . TYR A 1 12 ? -10.087 7.923   -14.862 1.00 0.00 ? 12  TYR A CD1  1 
ATOM   175  C  CD2  . TYR A 1 12 ? -9.753  10.285  -14.724 1.00 0.00 ? 12  TYR A CD2  1 
ATOM   176  C  CE1  . TYR A 1 12 ? -11.487 8.104   -14.578 1.00 0.00 ? 12  TYR A CE1  1 
ATOM   177  C  CE2  . TYR A 1 12 ? -11.153 10.466  -14.439 1.00 0.00 ? 12  TYR A CE2  1 
ATOM   178  C  CZ   . TYR A 1 12 ? -11.951 9.366   -14.381 1.00 0.00 ? 12  TYR A CZ   1 
ATOM   179  O  OH   . TYR A 1 12 ? -13.273 9.538   -14.112 1.00 0.00 ? 12  TYR A OH   1 
ATOM   180  H  H    . TYR A 1 12 ? -6.392  10.466  -13.192 1.00 0.00 ? 12  TYR A H    1 
ATOM   181  H  HA   . TYR A 1 12 ? -7.470  8.499   -13.066 1.00 0.00 ? 12  TYR A HA   1 
ATOM   182  H  HB2  . TYR A 1 12 ? -7.394  9.699   -15.769 1.00 0.00 ? 12  TYR A HB2  1 
ATOM   183  H  HB3  . TYR A 1 12 ? -7.643  7.969   -15.896 1.00 0.00 ? 12  TYR A HB3  1 
ATOM   184  H  HD1  . TYR A 1 12 ? -9.689  6.921   -15.024 1.00 0.00 ? 12  TYR A HD1  1 
ATOM   185  H  HD2  . TYR A 1 12 ? -9.091  11.150  -14.777 1.00 0.00 ? 12  TYR A HD2  1 
ATOM   186  H  HE1  . TYR A 1 12 ? -12.159 7.248   -14.522 1.00 0.00 ? 12  TYR A HE1  1 
ATOM   187  H  HE2  . TYR A 1 12 ? -11.564 11.463  -14.275 1.00 0.00 ? 12  TYR A HE2  1 
ATOM   188  H  HH   . TYR A 1 12 ? -13.474 9.238   -13.180 1.00 0.00 ? 12  TYR A HH   1 
ATOM   189  N  N    . ALA A 1 13 ? -4.835  7.412   -13.631 1.00 0.00 ? 13  ALA A N    1 
ATOM   190  C  CA   . ALA A 1 13 ? -3.909  6.297   -13.743 1.00 0.00 ? 13  ALA A CA   1 
ATOM   191  C  C    . ALA A 1 13 ? -3.859  5.546   -12.411 1.00 0.00 ? 13  ALA A C    1 
ATOM   192  O  O    . ALA A 1 13 ? -3.463  6.110   -11.392 1.00 0.00 ? 13  ALA A O    1 
ATOM   193  C  CB   . ALA A 1 13 ? -2.536  6.814   -14.174 1.00 0.00 ? 13  ALA A CB   1 
ATOM   194  H  H    . ALA A 1 13 ? -4.493  8.194   -13.112 1.00 0.00 ? 13  ALA A H    1 
ATOM   195  H  HA   . ALA A 1 13 ? -4.289  5.626   -14.514 1.00 0.00 ? 13  ALA A HA   1 
ATOM   196  H  HB1  . ALA A 1 13 ? -2.104  6.133   -14.906 1.00 0.00 ? 13  ALA A HB1  1 
ATOM   197  H  HB2  . ALA A 1 13 ? -2.643  7.804   -14.618 1.00 0.00 ? 13  ALA A HB2  1 
ATOM   198  H  HB3  . ALA A 1 13 ? -1.882  6.876   -13.304 1.00 0.00 ? 13  ALA A HB3  1 
ATOM   199  N  N    . PRO A 1 14 ? -4.275  4.253   -12.463 1.00 0.00 ? 14  PRO A N    1 
ATOM   200  C  CA   . PRO A 1 14 ? -4.281  3.420   -11.273 1.00 0.00 ? 14  PRO A CA   1 
ATOM   201  C  C    . PRO A 1 14 ? -2.862  2.983   -10.902 1.00 0.00 ? 14  PRO A C    1 
ATOM   202  O  O    . PRO A 1 14 ? -2.338  2.022   -11.463 1.00 0.00 ? 14  PRO A O    1 
ATOM   203  C  CB   . PRO A 1 14 ? -5.190  2.252   -11.615 1.00 0.00 ? 14  PRO A CB   1 
ATOM   204  C  CG   . PRO A 1 14 ? -5.290  2.230   -13.132 1.00 0.00 ? 14  PRO A CG   1 
ATOM   205  C  CD   . PRO A 1 14 ? -4.751  3.552   -13.653 1.00 0.00 ? 14  PRO A CD   1 
ATOM   206  H  HA   . PRO A 1 14 ? -4.621  3.938   -10.488 1.00 0.00 ? 14  PRO A HA   1 
ATOM   207  H  HB2  . PRO A 1 14 ? -4.782  1.314   -11.237 1.00 0.00 ? 14  PRO A HB2  1 
ATOM   208  H  HB3  . PRO A 1 14 ? -6.174  2.376   -11.161 1.00 0.00 ? 14  PRO A HB3  1 
ATOM   209  H  HG2  . PRO A 1 14 ? -4.717  1.397   -13.539 1.00 0.00 ? 14  PRO A HG2  1 
ATOM   210  H  HG3  . PRO A 1 14 ? -6.324  2.090   -13.445 1.00 0.00 ? 14  PRO A HG3  1 
ATOM   211  H  HD2  . PRO A 1 14 ? -3.944  3.396   -14.370 1.00 0.00 ? 14  PRO A HD2  1 
ATOM   212  H  HD3  . PRO A 1 14 ? -5.526  4.121   -14.165 1.00 0.00 ? 14  PRO A HD3  1 
ATOM   213  N  N    . LEU A 1 15 ? -2.280  3.712   -9.961  1.00 0.00 ? 15  LEU A N    1 
ATOM   214  C  CA   . LEU A 1 15 ? -0.932  3.413   -9.509  1.00 0.00 ? 15  LEU A CA   1 
ATOM   215  C  C    . LEU A 1 15 ? -0.780  3.845   -8.049  1.00 0.00 ? 15  LEU A C    1 
ATOM   216  O  O    . LEU A 1 15 ? -1.447  4.778   -7.601  1.00 0.00 ? 15  LEU A O    1 
ATOM   217  C  CB   . LEU A 1 15 ? 0.100   4.042   -10.447 1.00 0.00 ? 15  LEU A CB   1 
ATOM   218  C  CG   . LEU A 1 15 ? -0.011  5.556   -10.646 1.00 0.00 ? 15  LEU A CG   1 
ATOM   219  C  CD1  . LEU A 1 15 ? 1.034   6.298   -9.811  1.00 0.00 ? 15  LEU A CD1  1 
ATOM   220  C  CD2  . LEU A 1 15 ? 0.078   5.920   -12.130 1.00 0.00 ? 15  LEU A CD2  1 
ATOM   221  H  H    . LEU A 1 15 ? -2.713  4.493   -9.511  1.00 0.00 ? 15  LEU A H    1 
ATOM   222  H  HA   . LEU A 1 15 ? -0.801  2.332   -9.564  1.00 0.00 ? 15  LEU A HA   1 
ATOM   223  H  HB2  . LEU A 1 15 ? 1.095   3.818   -10.062 1.00 0.00 ? 15  LEU A HB2  1 
ATOM   224  H  HB3  . LEU A 1 15 ? 0.019   3.561   -11.420 1.00 0.00 ? 15  LEU A HB3  1 
ATOM   225  H  HG   . LEU A 1 15 ? -0.991  5.876   -10.295 1.00 0.00 ? 15  LEU A HG   1 
ATOM   226  H  HD11 . LEU A 1 15 ? 1.785   5.591   -9.459  1.00 0.00 ? 15  LEU A HD11 1 
ATOM   227  H  HD12 . LEU A 1 15 ? 1.511   7.063   -10.422 1.00 0.00 ? 15  LEU A HD12 1 
ATOM   228  H  HD13 . LEU A 1 15 ? 0.547   6.767   -8.955  1.00 0.00 ? 15  LEU A HD13 1 
ATOM   229  H  HD21 . LEU A 1 15 ? 1.084   5.714   -12.495 1.00 0.00 ? 15  LEU A HD21 1 
ATOM   230  H  HD22 . LEU A 1 15 ? -0.642  5.327   -12.693 1.00 0.00 ? 15  LEU A HD22 1 
ATOM   231  H  HD23 . LEU A 1 15 ? -0.144  6.980   -12.257 1.00 0.00 ? 15  LEU A HD23 1 
ATOM   232  N  N    . TYR A 1 16 ? 0.099   3.146   -7.346  1.00 0.00 ? 16  TYR A N    1 
ATOM   233  C  CA   . TYR A 1 16 ? 0.346   3.445   -5.947  1.00 0.00 ? 16  TYR A CA   1 
ATOM   234  C  C    . TYR A 1 16 ? 1.233   4.683   -5.799  1.00 0.00 ? 16  TYR A C    1 
ATOM   235  O  O    . TYR A 1 16 ? 2.316   4.749   -6.378  1.00 0.00 ? 16  TYR A O    1 
ATOM   236  C  CB   . TYR A 1 16 ? 1.087   2.232   -5.380  1.00 0.00 ? 16  TYR A CB   1 
ATOM   237  C  CG   . TYR A 1 16 ? 0.165   1.141   -4.832  1.00 0.00 ? 16  TYR A CG   1 
ATOM   238  C  CD1  . TYR A 1 16 ? -0.824  1.463   -3.926  1.00 0.00 ? 16  TYR A CD1  1 
ATOM   239  C  CD2  . TYR A 1 16 ? 0.323   -0.167  -5.246  1.00 0.00 ? 16  TYR A CD2  1 
ATOM   240  C  CE1  . TYR A 1 16 ? -1.691  0.436   -3.410  1.00 0.00 ? 16  TYR A CE1  1 
ATOM   241  C  CE2  . TYR A 1 16 ? -0.546  -1.194  -4.731  1.00 0.00 ? 16  TYR A CE2  1 
ATOM   242  C  CZ   . TYR A 1 16 ? -1.510  -0.842  -3.838  1.00 0.00 ? 16  TYR A CZ   1 
ATOM   243  O  OH   . TYR A 1 16 ? -2.329  -1.812  -3.351  1.00 0.00 ? 16  TYR A OH   1 
ATOM   244  H  H    . TYR A 1 16 ? 0.637   2.389   -7.718  1.00 0.00 ? 16  TYR A H    1 
ATOM   245  H  HA   . TYR A 1 16 ? -0.615  3.637   -5.469  1.00 0.00 ? 16  TYR A HA   1 
ATOM   246  H  HB2  . TYR A 1 16 ? 1.715   1.805   -6.162  1.00 0.00 ? 16  TYR A HB2  1 
ATOM   247  H  HB3  . TYR A 1 16 ? 1.752   2.565   -4.584  1.00 0.00 ? 16  TYR A HB3  1 
ATOM   248  H  HD1  . TYR A 1 16 ? -0.949  2.496   -3.600  1.00 0.00 ? 16  TYR A HD1  1 
ATOM   249  H  HD2  . TYR A 1 16 ? 1.104   -0.422  -5.962  1.00 0.00 ? 16  TYR A HD2  1 
ATOM   250  H  HE1  . TYR A 1 16 ? -2.477  0.677   -2.693  1.00 0.00 ? 16  TYR A HE1  1 
ATOM   251  H  HE2  . TYR A 1 16 ? -0.432  -2.231  -5.049  1.00 0.00 ? 16  TYR A HE2  1 
ATOM   252  H  HH   . TYR A 1 16 ? -2.206  -2.657  -3.873  1.00 0.00 ? 16  TYR A HH   1 
ATOM   253  N  N    . GLU A 1 17 ? 0.740   5.636   -5.021  1.00 0.00 ? 17  GLU A N    1 
ATOM   254  C  CA   . GLU A 1 17 ? 1.474   6.868   -4.790  1.00 0.00 ? 17  GLU A CA   1 
ATOM   255  C  C    . GLU A 1 17 ? 1.545   7.172   -3.291  1.00 0.00 ? 17  GLU A C    1 
ATOM   256  O  O    . GLU A 1 17 ? 0.544   7.063   -2.585  1.00 0.00 ? 17  GLU A O    1 
ATOM   257  C  CB   . GLU A 1 17 ? 0.845   8.033   -5.556  1.00 0.00 ? 17  GLU A CB   1 
ATOM   258  C  CG   . GLU A 1 17 ? 1.862   9.152   -5.786  1.00 0.00 ? 17  GLU A CG   1 
ATOM   259  C  CD   . GLU A 1 17 ? 1.246   10.296  -6.594  1.00 0.00 ? 17  GLU A CD   1 
ATOM   260  O  OE1  . GLU A 1 17 ? 1.321   10.216  -7.839  1.00 0.00 ? 17  GLU A OE1  1 
ATOM   261  O  OE2  . GLU A 1 17 ? 0.715   11.225  -5.949  1.00 0.00 ? 17  GLU A OE2  1 
ATOM   262  H  H    . GLU A 1 17 ? -0.142  5.576   -4.553  1.00 0.00 ? 17  GLU A H    1 
ATOM   263  H  HA   . GLU A 1 17 ? 2.477   6.685   -5.178  1.00 0.00 ? 17  GLU A HA   1 
ATOM   264  H  HB2  . GLU A 1 17 ? 0.464   7.680   -6.514  1.00 0.00 ? 17  GLU A HB2  1 
ATOM   265  H  HB3  . GLU A 1 17 ? -0.008  8.421   -4.998  1.00 0.00 ? 17  GLU A HB3  1 
ATOM   266  H  HG2  . GLU A 1 17 ? 2.217   9.529   -4.827  1.00 0.00 ? 17  GLU A HG2  1 
ATOM   267  H  HG3  . GLU A 1 17 ? 2.731   8.756   -6.312  1.00 0.00 ? 17  GLU A HG3  1 
ATOM   268  N  N    . PRO A 1 18 ? 2.769   7.554   -2.840  1.00 0.00 ? 18  PRO A N    1 
ATOM   269  C  CA   . PRO A 1 18 ? 3.902   7.658   -3.744  1.00 0.00 ? 18  PRO A CA   1 
ATOM   270  C  C    . PRO A 1 18 ? 4.435   6.272   -4.115  1.00 0.00 ? 18  PRO A C    1 
ATOM   271  O  O    . PRO A 1 18 ? 4.490   5.378   -3.271  1.00 0.00 ? 18  PRO A O    1 
ATOM   272  C  CB   . PRO A 1 18 ? 4.921   8.507   -3.002  1.00 0.00 ? 18  PRO A CB   1 
ATOM   273  C  CG   . PRO A 1 18 ? 4.517   8.459   -1.537  1.00 0.00 ? 18  PRO A CG   1 
ATOM   274  C  CD   . PRO A 1 18 ? 3.106   7.899   -1.462  1.00 0.00 ? 18  PRO A CD   1 
ATOM   275  H  HA   . PRO A 1 18 ? 3.621   8.082   -4.605  1.00 0.00 ? 18  PRO A HA   1 
ATOM   276  H  HB2  . PRO A 1 18 ? 5.930   8.117   -3.142  1.00 0.00 ? 18  PRO A HB2  1 
ATOM   277  H  HB3  . PRO A 1 18 ? 4.921   9.531   -3.374  1.00 0.00 ? 18  PRO A HB3  1 
ATOM   278  H  HG2  . PRO A 1 18 ? 5.207   7.833   -0.972  1.00 0.00 ? 18  PRO A HG2  1 
ATOM   279  H  HG3  . PRO A 1 18 ? 4.557   9.456   -1.098  1.00 0.00 ? 18  PRO A HG3  1 
ATOM   280  H  HD2  . PRO A 1 18 ? 3.061   7.025   -0.813  1.00 0.00 ? 18  PRO A HD2  1 
ATOM   281  H  HD3  . PRO A 1 18 ? 2.410   8.634   -1.056  1.00 0.00 ? 18  PRO A HD3  1 
ATOM   282  N  N    . LYS A 1 19 ? 4.813   6.137   -5.378  1.00 0.00 ? 19  LYS A N    1 
ATOM   283  C  CA   . LYS A 1 19 ? 5.340   4.876   -5.871  1.00 0.00 ? 19  LYS A CA   1 
ATOM   284  C  C    . LYS A 1 19 ? 6.256   4.262   -4.811  1.00 0.00 ? 19  LYS A C    1 
ATOM   285  O  O    . LYS A 1 19 ? 6.239   3.051   -4.595  1.00 0.00 ? 19  LYS A O    1 
ATOM   286  C  CB   . LYS A 1 19 ? 6.014   5.071   -7.230  1.00 0.00 ? 19  LYS A CB   1 
ATOM   287  C  CG   . LYS A 1 19 ? 5.829   3.838   -8.116  1.00 0.00 ? 19  LYS A CG   1 
ATOM   288  C  CD   . LYS A 1 19 ? 6.780   3.876   -9.314  1.00 0.00 ? 19  LYS A CD   1 
ATOM   289  C  CE   . LYS A 1 19 ? 7.067   2.465   -9.831  1.00 0.00 ? 19  LYS A CE   1 
ATOM   290  N  NZ   . LYS A 1 19 ? 8.135   2.496   -10.856 1.00 0.00 ? 19  LYS A NZ   1 
ATOM   291  H  H    . LYS A 1 19 ? 4.765   6.869   -6.057  1.00 0.00 ? 19  LYS A H    1 
ATOM   292  H  HA   . LYS A 1 19 ? 4.493   4.207   -6.024  1.00 0.00 ? 19  LYS A HA   1 
ATOM   293  H  HB2  . LYS A 1 19 ? 5.595   5.946   -7.726  1.00 0.00 ? 19  LYS A HB2  1 
ATOM   294  H  HB3  . LYS A 1 19 ? 7.078   5.265   -7.088  1.00 0.00 ? 19  LYS A HB3  1 
ATOM   295  H  HG2  . LYS A 1 19 ? 6.010   2.935   -7.532  1.00 0.00 ? 19  LYS A HG2  1 
ATOM   296  H  HG3  . LYS A 1 19 ? 4.798   3.789   -8.467  1.00 0.00 ? 19  LYS A HG3  1 
ATOM   297  H  HD2  . LYS A 1 19 ? 6.343   4.477   -10.112 1.00 0.00 ? 19  LYS A HD2  1 
ATOM   298  H  HD3  . LYS A 1 19 ? 7.714   4.359   -9.027  1.00 0.00 ? 19  LYS A HD3  1 
ATOM   299  H  HE2  . LYS A 1 19 ? 7.369   1.823   -9.003  1.00 0.00 ? 19  LYS A HE2  1 
ATOM   300  H  HE3  . LYS A 1 19 ? 6.160   2.034   -10.254 1.00 0.00 ? 19  LYS A HE3  1 
ATOM   301  H  HZ1  . LYS A 1 19 ? 7.985   1.759   -11.515 1.00 0.00 ? 19  LYS A HZ1  1 
ATOM   302  H  HZ2  . LYS A 1 19 ? 8.117   3.377   -11.330 1.00 0.00 ? 19  LYS A HZ2  1 
ATOM   303  H  HZ3  . LYS A 1 19 ? 9.024   2.373   -10.415 1.00 0.00 ? 19  LYS A HZ3  1 
ATOM   304  N  N    . ALA A 1 20 ? 7.037   5.125   -4.177  1.00 0.00 ? 20  ALA A N    1 
ATOM   305  C  CA   . ALA A 1 20 ? 7.959   4.683   -3.145  1.00 0.00 ? 20  ALA A CA   1 
ATOM   306  C  C    . ALA A 1 20 ? 7.616   5.380   -1.828  1.00 0.00 ? 20  ALA A C    1 
ATOM   307  O  O    . ALA A 1 20 ? 7.177   6.530   -1.825  1.00 0.00 ? 20  ALA A O    1 
ATOM   308  C  CB   . ALA A 1 20 ? 9.396   4.959   -3.593  1.00 0.00 ? 20  ALA A CB   1 
ATOM   309  H  H    . ALA A 1 20 ? 7.044   6.109   -4.358  1.00 0.00 ? 20  ALA A H    1 
ATOM   310  H  HA   . ALA A 1 20 ? 7.830   3.608   -3.023  1.00 0.00 ? 20  ALA A HA   1 
ATOM   311  H  HB1  . ALA A 1 20 ? 9.663   4.275   -4.399  1.00 0.00 ? 20  ALA A HB1  1 
ATOM   312  H  HB2  . ALA A 1 20 ? 9.476   5.986   -3.948  1.00 0.00 ? 20  ALA A HB2  1 
ATOM   313  H  HB3  . ALA A 1 20 ? 10.074  4.812   -2.752  1.00 0.00 ? 20  ALA A HB3  1 
ATOM   314  N  N    . LEU A 1 21 ? 7.828   4.655   -0.739  1.00 0.00 ? 21  LEU A N    1 
ATOM   315  C  CA   . LEU A 1 21 ? 7.546   5.190   0.583   1.00 0.00 ? 21  LEU A CA   1 
ATOM   316  C  C    . LEU A 1 21 ? 8.605   4.689   1.567   1.00 0.00 ? 21  LEU A C    1 
ATOM   317  O  O    . LEU A 1 21 ? 9.033   3.538   1.491   1.00 0.00 ? 21  LEU A O    1 
ATOM   318  C  CB   . LEU A 1 21 ? 6.112   4.859   1.000   1.00 0.00 ? 21  LEU A CB   1 
ATOM   319  C  CG   . LEU A 1 21 ? 5.819   4.921   2.501   1.00 0.00 ? 21  LEU A CG   1 
ATOM   320  C  CD1  . LEU A 1 21 ? 6.104   6.317   3.057   1.00 0.00 ? 21  LEU A CD1  1 
ATOM   321  C  CD2  . LEU A 1 21 ? 4.389   4.466   2.798   1.00 0.00 ? 21  LEU A CD2  1 
ATOM   322  H  H    . LEU A 1 21 ? 8.185   3.721   -0.750  1.00 0.00 ? 21  LEU A H    1 
ATOM   323  H  HA   . LEU A 1 21 ? 7.620   6.275   0.519   1.00 0.00 ? 21  LEU A HA   1 
ATOM   324  H  HB2  . LEU A 1 21 ? 5.438   5.546   0.489   1.00 0.00 ? 21  LEU A HB2  1 
ATOM   325  H  HB3  . LEU A 1 21 ? 5.874   3.856   0.645   1.00 0.00 ? 21  LEU A HB3  1 
ATOM   326  H  HG   . LEU A 1 21 ? 6.490   4.229   3.009   1.00 0.00 ? 21  LEU A HG   1 
ATOM   327  H  HD11 . LEU A 1 21 ? 6.697   6.881   2.336   1.00 0.00 ? 21  LEU A HD11 1 
ATOM   328  H  HD12 . LEU A 1 21 ? 5.162   6.836   3.237   1.00 0.00 ? 21  LEU A HD12 1 
ATOM   329  H  HD13 . LEU A 1 21 ? 6.655   6.231   3.993   1.00 0.00 ? 21  LEU A HD13 1 
ATOM   330  H  HD21 . LEU A 1 21 ? 3.791   5.324   3.107   1.00 0.00 ? 21  LEU A HD21 1 
ATOM   331  H  HD22 . LEU A 1 21 ? 3.954   4.023   1.903   1.00 0.00 ? 21  LEU A HD22 1 
ATOM   332  H  HD23 . LEU A 1 21 ? 4.402   3.727   3.600   1.00 0.00 ? 21  LEU A HD23 1 
ATOM   333  N  N    . SER A 1 22 ? 8.997   5.577   2.468   1.00 0.00 ? 22  SER A N    1 
ATOM   334  C  CA   . SER A 1 22 ? 9.997   5.238   3.467   1.00 0.00 ? 22  SER A CA   1 
ATOM   335  C  C    . SER A 1 22 ? 9.499   5.628   4.860   1.00 0.00 ? 22  SER A C    1 
ATOM   336  O  O    . SER A 1 22 ? 8.827   6.646   5.020   1.00 0.00 ? 22  SER A O    1 
ATOM   337  C  CB   . SER A 1 22 ? 11.330  5.928   3.167   1.00 0.00 ? 22  SER A CB   1 
ATOM   338  O  OG   . SER A 1 22 ? 12.398  5.382   3.934   1.00 0.00 ? 22  SER A OG   1 
ATOM   339  H  H    . SER A 1 22 ? 8.644   6.510   2.523   1.00 0.00 ? 22  SER A H    1 
ATOM   340  H  HA   . SER A 1 22 ? 10.124  4.159   3.394   1.00 0.00 ? 22  SER A HA   1 
ATOM   341  H  HB2  . SER A 1 22 ? 11.558  5.831   2.105   1.00 0.00 ? 22  SER A HB2  1 
ATOM   342  H  HB3  . SER A 1 22 ? 11.241  6.994   3.376   1.00 0.00 ? 22  SER A HB3  1 
ATOM   343  H  HG   . SER A 1 22 ? 12.553  5.939   4.750   1.00 0.00 ? 22  SER A HG   1 
ATOM   344  N  N    . ILE A 1 23 ? 9.848   4.798   5.832   1.00 0.00 ? 23  ILE A N    1 
ATOM   345  C  CA   . ILE A 1 23 ? 9.445   5.043   7.206   1.00 0.00 ? 23  ILE A CA   1 
ATOM   346  C  C    . ILE A 1 23 ? 10.437  4.365   8.152   1.00 0.00 ? 23  ILE A C    1 
ATOM   347  O  O    . ILE A 1 23 ? 11.420  3.774   7.708   1.00 0.00 ? 23  ILE A O    1 
ATOM   348  C  CB   . ILE A 1 23 ? 7.994   4.612   7.424   1.00 0.00 ? 23  ILE A CB   1 
ATOM   349  C  CG1  . ILE A 1 23 ? 7.856   3.090   7.343   1.00 0.00 ? 23  ILE A CG1  1 
ATOM   350  C  CG2  . ILE A 1 23 ? 7.057   5.325   6.446   1.00 0.00 ? 23  ILE A CG2  1 
ATOM   351  C  CD1  . ILE A 1 23 ? 6.611   2.612   8.093   1.00 0.00 ? 23  ILE A CD1  1 
ATOM   352  H  H    . ILE A 1 23 ? 10.395  3.973   5.692   1.00 0.00 ? 23  ILE A H    1 
ATOM   353  H  HA   . ILE A 1 23 ? 9.490   6.120   7.372   1.00 0.00 ? 23  ILE A HA   1 
ATOM   354  H  HB   . ILE A 1 23 ? 7.696   4.909   8.429   1.00 0.00 ? 23  ILE A HB   1 
ATOM   355  H  HG12 . ILE A 1 23 ? 7.797   2.782   6.299   1.00 0.00 ? 23  ILE A HG12 1 
ATOM   356  H  HG13 . ILE A 1 23 ? 8.743   2.618   7.765   1.00 0.00 ? 23  ILE A HG13 1 
ATOM   357  H  HG21 . ILE A 1 23 ? 7.222   6.401   6.505   1.00 0.00 ? 23  ILE A HG21 1 
ATOM   358  H  HG22 . ILE A 1 23 ? 7.261   4.982   5.431   1.00 0.00 ? 23  ILE A HG22 1 
ATOM   359  H  HG23 . ILE A 1 23 ? 6.023   5.100   6.705   1.00 0.00 ? 23  ILE A HG23 1 
ATOM   360  H  HD11 . ILE A 1 23 ? 6.907   2.183   9.050   1.00 0.00 ? 23  ILE A HD11 1 
ATOM   361  H  HD12 . ILE A 1 23 ? 5.943   3.457   8.264   1.00 0.00 ? 23  ILE A HD12 1 
ATOM   362  H  HD13 . ILE A 1 23 ? 6.097   1.856   7.500   1.00 0.00 ? 23  ILE A HD13 1 
ATOM   363  N  N    . SER A 1 24 ? 10.146  4.473   9.441   1.00 0.00 ? 24  SER A N    1 
ATOM   364  C  CA   . SER A 1 24 ? 11.000  3.876   10.453  1.00 0.00 ? 24  SER A CA   1 
ATOM   365  C  C    . SER A 1 24 ? 10.203  2.864   11.280  1.00 0.00 ? 24  SER A C    1 
ATOM   366  O  O    . SER A 1 24 ? 8.976   2.929   11.331  1.00 0.00 ? 24  SER A O    1 
ATOM   367  C  CB   . SER A 1 24 ? 11.604  4.947   11.364  1.00 0.00 ? 24  SER A CB   1 
ATOM   368  O  OG   . SER A 1 24 ? 12.139  6.039   10.621  1.00 0.00 ? 24  SER A OG   1 
ATOM   369  H  H    . SER A 1 24 ? 9.344   4.955   9.794   1.00 0.00 ? 24  SER A H    1 
ATOM   370  H  HA   . SER A 1 24 ? 11.796  3.377   9.902   1.00 0.00 ? 24  SER A HA   1 
ATOM   371  H  HB2  . SER A 1 24 ? 10.839  5.314   12.049  1.00 0.00 ? 24  SER A HB2  1 
ATOM   372  H  HB3  . SER A 1 24 ? 12.391  4.503   11.973  1.00 0.00 ? 24  SER A HB3  1 
ATOM   373  H  HG   . SER A 1 24 ? 13.050  6.270   10.961  1.00 0.00 ? 24  SER A HG   1 
ATOM   374  N  N    . ALA A 1 25 ? 10.934  1.954   11.906  1.00 0.00 ? 25  ALA A N    1 
ATOM   375  C  CA   . ALA A 1 25 ? 10.311  0.930   12.728  1.00 0.00 ? 25  ALA A CA   1 
ATOM   376  C  C    . ALA A 1 25 ? 9.487   1.599   13.830  1.00 0.00 ? 25  ALA A C    1 
ATOM   377  O  O    . ALA A 1 25 ? 10.041  2.119   14.796  1.00 0.00 ? 25  ALA A O    1 
ATOM   378  C  CB   . ALA A 1 25 ? 11.388  0.000   13.289  1.00 0.00 ? 25  ALA A CB   1 
ATOM   379  H  H    . ALA A 1 25 ? 11.932  1.908   11.859  1.00 0.00 ? 25  ALA A H    1 
ATOM   380  H  HA   . ALA A 1 25 ? 9.646   0.351   12.088  1.00 0.00 ? 25  ALA A HA   1 
ATOM   381  H  HB1  . ALA A 1 25 ? 11.841  -0.564  12.475  1.00 0.00 ? 25  ALA A HB1  1 
ATOM   382  H  HB2  . ALA A 1 25 ? 12.154  0.592   13.790  1.00 0.00 ? 25  ALA A HB2  1 
ATOM   383  H  HB3  . ALA A 1 25 ? 10.937  -0.689  14.003  1.00 0.00 ? 25  ALA A HB3  1 
ATOM   384  N  N    . GLY A 1 26 ? 8.175   1.562   13.647  1.00 0.00 ? 26  GLY A N    1 
ATOM   385  C  CA   . GLY A 1 26 ? 7.268   2.158   14.614  1.00 0.00 ? 26  GLY A CA   1 
ATOM   386  C  C    . GLY A 1 26 ? 6.347   3.180   13.944  1.00 0.00 ? 26  GLY A C    1 
ATOM   387  O  O    . GLY A 1 26 ? 5.420   3.690   14.572  1.00 0.00 ? 26  GLY A O    1 
ATOM   388  H  H    . GLY A 1 26 ? 7.731   1.137   12.859  1.00 0.00 ? 26  GLY A H    1 
ATOM   389  H  HA2  . GLY A 1 26 ? 6.670   1.378   15.086  1.00 0.00 ? 26  GLY A HA2  1 
ATOM   390  H  HA3  . GLY A 1 26 ? 7.841   2.642   15.404  1.00 0.00 ? 26  GLY A HA3  1 
ATOM   391  N  N    . ASP A 1 27 ? 6.633   3.447   12.679  1.00 0.00 ? 27  ASP A N    1 
ATOM   392  C  CA   . ASP A 1 27 ? 5.842   4.398   11.917  1.00 0.00 ? 27  ASP A CA   1 
ATOM   393  C  C    . ASP A 1 27 ? 4.584   3.703   11.390  1.00 0.00 ? 27  ASP A C    1 
ATOM   394  O  O    . ASP A 1 27 ? 4.429   2.493   11.546  1.00 0.00 ? 27  ASP A O    1 
ATOM   395  C  CB   . ASP A 1 27 ? 6.626   4.929   10.716  1.00 0.00 ? 27  ASP A CB   1 
ATOM   396  C  CG   . ASP A 1 27 ? 7.662   6.007   11.045  1.00 0.00 ? 27  ASP A CG   1 
ATOM   397  O  OD1  . ASP A 1 27 ? 8.104   6.031   12.214  1.00 0.00 ? 27  ASP A OD1  1 
ATOM   398  O  OD2  . ASP A 1 27 ? 7.988   6.782   10.121  1.00 0.00 ? 27  ASP A OD2  1 
ATOM   399  H  H    . ASP A 1 27 ? 7.388   3.026   12.176  1.00 0.00 ? 27  ASP A H    1 
ATOM   400  H  HA   . ASP A 1 27 ? 5.613   5.203   12.615  1.00 0.00 ? 27  ASP A HA   1 
ATOM   401  H  HB2  . ASP A 1 27 ? 7.134   4.094   10.234  1.00 0.00 ? 27  ASP A HB2  1 
ATOM   402  H  HB3  . ASP A 1 27 ? 5.920   5.335   9.991   1.00 0.00 ? 27  ASP A HB3  1 
ATOM   403  N  N    . THR A 1 28 ? 3.719   4.499   10.780  1.00 0.00 ? 28  THR A N    1 
ATOM   404  C  CA   . THR A 1 28 ? 2.481   3.976   10.229  1.00 0.00 ? 28  THR A CA   1 
ATOM   405  C  C    . THR A 1 28 ? 2.376   4.308   8.739   1.00 0.00 ? 28  THR A C    1 
ATOM   406  O  O    . THR A 1 28 ? 2.965   5.283   8.275   1.00 0.00 ? 28  THR A O    1 
ATOM   407  C  CB   . THR A 1 28 ? 1.322   4.533   11.058  1.00 0.00 ? 28  THR A CB   1 
ATOM   408  O  OG1  . THR A 1 28 ? 1.736   4.338   12.409  1.00 0.00 ? 28  THR A OG1  1 
ATOM   409  C  CG2  . THR A 1 28 ? 0.053   3.689   10.933  1.00 0.00 ? 28  THR A CG2  1 
ATOM   410  H  H    . THR A 1 28 ? 3.854   5.482   10.658  1.00 0.00 ? 28  THR A H    1 
ATOM   411  H  HA   . THR A 1 28 ? 2.499   2.889   10.314  1.00 0.00 ? 28  THR A HA   1 
ATOM   412  H  HB   . THR A 1 28 ? 1.125   5.573   10.802  1.00 0.00 ? 28  THR A HB   1 
ATOM   413  H  HG1  . THR A 1 28 ? 1.673   5.199   12.913  1.00 0.00 ? 28  THR A HG1  1 
ATOM   414  H  HG21 . THR A 1 28 ? -0.779  4.210   11.407  1.00 0.00 ? 28  THR A HG21 1 
ATOM   415  H  HG22 . THR A 1 28 ? -0.174  3.528   9.878   1.00 0.00 ? 28  THR A HG22 1 
ATOM   416  H  HG23 . THR A 1 28 ? 0.205   2.727   11.422  1.00 0.00 ? 28  THR A HG23 1 
ATOM   417  N  N    . VAL A 1 29 ? 1.623   3.479   8.033   1.00 0.00 ? 29  VAL A N    1 
ATOM   418  C  CA   . VAL A 1 29 ? 1.433   3.673   6.605   1.00 0.00 ? 29  VAL A CA   1 
ATOM   419  C  C    . VAL A 1 29 ? -0.059  3.584   6.276   1.00 0.00 ? 29  VAL A C    1 
ATOM   420  O  O    . VAL A 1 29 ? -0.620  2.491   6.213   1.00 0.00 ? 29  VAL A O    1 
ATOM   421  C  CB   . VAL A 1 29 ? 2.280   2.665   5.823   1.00 0.00 ? 29  VAL A CB   1 
ATOM   422  C  CG1  . VAL A 1 29 ? 1.938   2.703   4.332   1.00 0.00 ? 29  VAL A CG1  1 
ATOM   423  C  CG2  . VAL A 1 29 ? 3.772   2.909   6.051   1.00 0.00 ? 29  VAL A CG2  1 
ATOM   424  H  H    . VAL A 1 29 ? 1.148   2.688   8.418   1.00 0.00 ? 29  VAL A H    1 
ATOM   425  H  HA   . VAL A 1 29 ? 1.788   4.673   6.359   1.00 0.00 ? 29  VAL A HA   1 
ATOM   426  H  HB   . VAL A 1 29 ? 2.042   1.668   6.195   1.00 0.00 ? 29  VAL A HB   1 
ATOM   427  H  HG11 . VAL A 1 29 ? 0.859   2.791   4.208   1.00 0.00 ? 29  VAL A HG11 1 
ATOM   428  H  HG12 . VAL A 1 29 ? 2.428   3.560   3.869   1.00 0.00 ? 29  VAL A HG12 1 
ATOM   429  H  HG13 . VAL A 1 29 ? 2.286   1.786   3.857   1.00 0.00 ? 29  VAL A HG13 1 
ATOM   430  H  HG21 . VAL A 1 29 ? 4.348   2.367   5.300   1.00 0.00 ? 29  VAL A HG21 1 
ATOM   431  H  HG22 . VAL A 1 29 ? 3.982   3.976   5.971   1.00 0.00 ? 29  VAL A HG22 1 
ATOM   432  H  HG23 . VAL A 1 29 ? 4.050   2.558   7.045   1.00 0.00 ? 29  VAL A HG23 1 
ATOM   433  N  N    . GLU A 1 30 ? -0.657  4.748   6.073   1.00 0.00 ? 30  GLU A N    1 
ATOM   434  C  CA   . GLU A 1 30 ? -2.073  4.815   5.752   1.00 0.00 ? 30  GLU A CA   1 
ATOM   435  C  C    . GLU A 1 30 ? -2.298  4.481   4.276   1.00 0.00 ? 30  GLU A C    1 
ATOM   436  O  O    . GLU A 1 30 ? -1.346  4.395   3.503   1.00 0.00 ? 30  GLU A O    1 
ATOM   437  C  CB   . GLU A 1 30 ? -2.648  6.191   6.097   1.00 0.00 ? 30  GLU A CB   1 
ATOM   438  C  CG   . GLU A 1 30 ? -4.173  6.135   6.204   1.00 0.00 ? 30  GLU A CG   1 
ATOM   439  C  CD   . GLU A 1 30 ? -4.704  7.281   7.068   1.00 0.00 ? 30  GLU A CD   1 
ATOM   440  O  OE1  . GLU A 1 30 ? -4.451  7.233   8.292   1.00 0.00 ? 30  GLU A OE1  1 
ATOM   441  O  OE2  . GLU A 1 30 ? -5.351  8.178   6.487   1.00 0.00 ? 30  GLU A OE2  1 
ATOM   442  H  H    . GLU A 1 30 ? -0.193  5.633   6.126   1.00 0.00 ? 30  GLU A H    1 
ATOM   443  H  HA   . GLU A 1 30 ? -2.548  4.062   6.379   1.00 0.00 ? 30  GLU A HA   1 
ATOM   444  H  HB2  . GLU A 1 30 ? -2.226  6.540   7.039   1.00 0.00 ? 30  GLU A HB2  1 
ATOM   445  H  HB3  . GLU A 1 30 ? -2.360  6.911   5.332   1.00 0.00 ? 30  GLU A HB3  1 
ATOM   446  H  HG2  . GLU A 1 30 ? -4.614  6.191   5.209   1.00 0.00 ? 30  GLU A HG2  1 
ATOM   447  H  HG3  . GLU A 1 30 ? -4.477  5.180   6.634   1.00 0.00 ? 30  GLU A HG3  1 
ATOM   448  N  N    . PHE A 1 31 ? -3.565  4.301   3.930   1.00 0.00 ? 31  PHE A N    1 
ATOM   449  C  CA   . PHE A 1 31 ? -3.927  3.977   2.561   1.00 0.00 ? 31  PHE A CA   1 
ATOM   450  C  C    . PHE A 1 31 ? -5.287  4.580   2.197   1.00 0.00 ? 31  PHE A C    1 
ATOM   451  O  O    . PHE A 1 31 ? -6.292  4.287   2.844   1.00 0.00 ? 31  PHE A O    1 
ATOM   452  C  CB   . PHE A 1 31 ? -4.018  2.453   2.470   1.00 0.00 ? 31  PHE A CB   1 
ATOM   453  C  CG   . PHE A 1 31 ? -2.660  1.748   2.477   1.00 0.00 ? 31  PHE A CG   1 
ATOM   454  C  CD1  . PHE A 1 31 ? -2.020  1.515   3.655   1.00 0.00 ? 31  PHE A CD1  1 
ATOM   455  C  CD2  . PHE A 1 31 ? -2.092  1.354   1.305   1.00 0.00 ? 31  PHE A CD2  1 
ATOM   456  C  CE1  . PHE A 1 31 ? -0.760  0.861   3.660   1.00 0.00 ? 31  PHE A CE1  1 
ATOM   457  C  CE2  . PHE A 1 31 ? -0.833  0.700   1.312   1.00 0.00 ? 31  PHE A CE2  1 
ATOM   458  C  CZ   . PHE A 1 31 ? -0.193  0.467   2.489   1.00 0.00 ? 31  PHE A CZ   1 
ATOM   459  H  H    . PHE A 1 31 ? -4.333  4.372   4.566   1.00 0.00 ? 31  PHE A H    1 
ATOM   460  H  HA   . PHE A 1 31 ? -3.160  4.401   1.914   1.00 0.00 ? 31  PHE A HA   1 
ATOM   461  H  HB2  . PHE A 1 31 ? -4.612  2.084   3.306   1.00 0.00 ? 31  PHE A HB2  1 
ATOM   462  H  HB3  . PHE A 1 31 ? -4.550  2.185   1.558   1.00 0.00 ? 31  PHE A HB3  1 
ATOM   463  H  HD1  . PHE A 1 31 ? -2.475  1.831   4.593   1.00 0.00 ? 31  PHE A HD1  1 
ATOM   464  H  HD2  . PHE A 1 31 ? -2.605  1.541   0.362   1.00 0.00 ? 31  PHE A HD2  1 
ATOM   465  H  HE1  . PHE A 1 31 ? -0.248  0.675   4.604   1.00 0.00 ? 31  PHE A HE1  1 
ATOM   466  H  HE2  . PHE A 1 31 ? -0.378  0.384   0.372   1.00 0.00 ? 31  PHE A HE2  1 
ATOM   467  H  HZ   . PHE A 1 31 ? 0.775   -0.035  2.494   1.00 0.00 ? 31  PHE A HZ   1 
ATOM   468  N  N    . VAL A 1 32 ? -5.274  5.409   1.165   1.00 0.00 ? 32  VAL A N    1 
ATOM   469  C  CA   . VAL A 1 32 ? -6.492  6.054   0.707   1.00 0.00 ? 32  VAL A CA   1 
ATOM   470  C  C    . VAL A 1 32 ? -6.695  5.757   -0.779  1.00 0.00 ? 32  VAL A C    1 
ATOM   471  O  O    . VAL A 1 32 ? -5.735  5.479   -1.498  1.00 0.00 ? 32  VAL A O    1 
ATOM   472  C  CB   . VAL A 1 32 ? -6.438  7.552   1.015   1.00 0.00 ? 32  VAL A CB   1 
ATOM   473  C  CG1  . VAL A 1 32 ? -5.575  8.292   -0.009  1.00 0.00 ? 32  VAL A CG1  1 
ATOM   474  C  CG2  . VAL A 1 32 ? -7.845  8.149   1.080   1.00 0.00 ? 32  VAL A CG2  1 
ATOM   475  H  H    . VAL A 1 32 ? -4.451  5.641   0.644   1.00 0.00 ? 32  VAL A H    1 
ATOM   476  H  HA   . VAL A 1 32 ? -7.323  5.624   1.267   1.00 0.00 ? 32  VAL A HA   1 
ATOM   477  H  HB   . VAL A 1 32 ? -5.975  7.677   1.994   1.00 0.00 ? 32  VAL A HB   1 
ATOM   478  H  HG11 . VAL A 1 32 ? -4.799  7.624   -0.381  1.00 0.00 ? 32  VAL A HG11 1 
ATOM   479  H  HG12 . VAL A 1 32 ? -6.200  8.620   -0.841  1.00 0.00 ? 32  VAL A HG12 1 
ATOM   480  H  HG13 . VAL A 1 32 ? -5.114  9.158   0.463   1.00 0.00 ? 32  VAL A HG13 1 
ATOM   481  H  HG21 . VAL A 1 32 ? -7.914  8.992   0.393   1.00 0.00 ? 32  VAL A HG21 1 
ATOM   482  H  HG22 . VAL A 1 32 ? -8.576  7.391   0.799   1.00 0.00 ? 32  VAL A HG22 1 
ATOM   483  H  HG23 . VAL A 1 32 ? -8.049  8.490   2.096   1.00 0.00 ? 32  VAL A HG23 1 
ATOM   484  N  N    . MET A 1 33 ? -7.950  5.825   -1.198  1.00 0.00 ? 33  MET A N    1 
ATOM   485  C  CA   . MET A 1 33 ? -8.291  5.567   -2.587  1.00 0.00 ? 33  MET A CA   1 
ATOM   486  C  C    . MET A 1 33 ? -8.437  6.874   -3.369  1.00 0.00 ? 33  MET A C    1 
ATOM   487  O  O    . MET A 1 33 ? -9.286  7.703   -3.044  1.00 0.00 ? 33  MET A O    1 
ATOM   488  C  CB   . MET A 1 33 ? -9.603  4.782   -2.654  1.00 0.00 ? 33  MET A CB   1 
ATOM   489  C  CG   . MET A 1 33 ? -9.471  3.569   -3.575  1.00 0.00 ? 33  MET A CG   1 
ATOM   490  S  SD   . MET A 1 33 ? -10.919 2.535   -3.438  1.00 0.00 ? 33  MET A SD   1 
ATOM   491  C  CE   . MET A 1 33 ? -12.139 3.612   -4.170  1.00 0.00 ? 33  MET A CE   1 
ATOM   492  H  H    . MET A 1 33 ? -8.724  6.052   -0.609  1.00 0.00 ? 33  MET A H    1 
ATOM   493  H  HA   . MET A 1 33 ? -7.461  4.986   -2.989  1.00 0.00 ? 33  MET A HA   1 
ATOM   494  H  HB2  . MET A 1 33 ? -9.886  4.453   -1.653  1.00 0.00 ? 33  MET A HB2  1 
ATOM   495  H  HB3  . MET A 1 33 ? -10.401 5.431   -3.013  1.00 0.00 ? 33  MET A HB3  1 
ATOM   496  H  HG2  . MET A 1 33 ? -9.346  3.898   -4.607  1.00 0.00 ? 33  MET A HG2  1 
ATOM   497  H  HG3  . MET A 1 33 ? -8.580  2.997   -3.314  1.00 0.00 ? 33  MET A HG3  1 
ATOM   498  H  HE1  . MET A 1 33 ? -12.880 3.887   -3.418  1.00 0.00 ? 33  MET A HE1  1 
ATOM   499  H  HE2  . MET A 1 33 ? -11.652 4.513   -4.544  1.00 0.00 ? 33  MET A HE2  1 
ATOM   500  H  HE3  . MET A 1 33 ? -12.632 3.097   -4.994  1.00 0.00 ? 33  MET A HE3  1 
ATOM   501  N  N    . ASN A 1 34 ? -7.598  7.016   -4.383  1.00 0.00 ? 34  ASN A N    1 
ATOM   502  C  CA   . ASN A 1 34 ? -7.622  8.208   -5.213  1.00 0.00 ? 34  ASN A CA   1 
ATOM   503  C  C    . ASN A 1 34 ? -8.771  8.100   -6.219  1.00 0.00 ? 34  ASN A C    1 
ATOM   504  O  O    . ASN A 1 34 ? -9.728  8.869   -6.158  1.00 0.00 ? 34  ASN A O    1 
ATOM   505  C  CB   . ASN A 1 34 ? -6.319  8.360   -5.999  1.00 0.00 ? 34  ASN A CB   1 
ATOM   506  C  CG   . ASN A 1 34 ? -5.429  9.441   -5.383  1.00 0.00 ? 34  ASN A CG   1 
ATOM   507  O  OD1  . ASN A 1 34 ? -5.157  9.454   -4.194  1.00 0.00 ? 34  ASN A OD1  1 
ATOM   508  N  ND2  . ASN A 1 34 ? -4.994  10.346  -6.255  1.00 0.00 ? 34  ASN A ND2  1 
ATOM   509  H  H    . ASN A 1 34 ? -6.910  6.337   -4.640  1.00 0.00 ? 34  ASN A H    1 
ATOM   510  H  HA   . ASN A 1 34 ? -7.753  9.039   -4.520  1.00 0.00 ? 34  ASN A HA   1 
ATOM   511  H  HB2  . ASN A 1 34 ? -5.785  7.409   -6.013  1.00 0.00 ? 34  ASN A HB2  1 
ATOM   512  H  HB3  . ASN A 1 34 ? -6.542  8.614   -7.035  1.00 0.00 ? 34  ASN A HB3  1 
ATOM   513  H  HD21 . ASN A 1 34 ? -5.255  10.279  -7.218  1.00 0.00 ? 34  ASN A HD21 1 
ATOM   514  H  HD22 . ASN A 1 34 ? -4.405  11.095  -5.948  1.00 0.00 ? 34  ASN A HD22 1 
ATOM   515  N  N    . LYS A 1 35 ? -8.636  7.139   -7.121  1.00 0.00 ? 35  LYS A N    1 
ATOM   516  C  CA   . LYS A 1 35 ? -9.650  6.920   -8.138  1.00 0.00 ? 35  LYS A CA   1 
ATOM   517  C  C    . LYS A 1 35 ? -9.373  5.596   -8.852  1.00 0.00 ? 35  LYS A C    1 
ATOM   518  O  O    . LYS A 1 35 ? -8.559  4.797   -8.392  1.00 0.00 ? 35  LYS A O    1 
ATOM   519  C  CB   . LYS A 1 35 ? -9.731  8.122   -9.081  1.00 0.00 ? 35  LYS A CB   1 
ATOM   520  C  CG   . LYS A 1 35 ? -8.383  8.381   -9.758  1.00 0.00 ? 35  LYS A CG   1 
ATOM   521  C  CD   . LYS A 1 35 ? -7.949  9.836   -9.576  1.00 0.00 ? 35  LYS A CD   1 
ATOM   522  C  CE   . LYS A 1 35 ? -8.377  10.689  -10.772 1.00 0.00 ? 35  LYS A CE   1 
ATOM   523  N  NZ   . LYS A 1 35 ? -9.614  11.438  -10.458 1.00 0.00 ? 35  LYS A NZ   1 
ATOM   524  H  H    . LYS A 1 35 ? -7.854  6.518   -7.164  1.00 0.00 ? 35  LYS A H    1 
ATOM   525  H  HA   . LYS A 1 35 ? -10.611 6.844   -7.630  1.00 0.00 ? 35  LYS A HA   1 
ATOM   526  H  HB2  . LYS A 1 35 ? -10.494 7.945   -9.839  1.00 0.00 ? 35  LYS A HB2  1 
ATOM   527  H  HB3  . LYS A 1 35 ? -10.038 9.007   -8.523  1.00 0.00 ? 35  LYS A HB3  1 
ATOM   528  H  HG2  . LYS A 1 35 ? -7.628  7.717   -9.336  1.00 0.00 ? 35  LYS A HG2  1 
ATOM   529  H  HG3  . LYS A 1 35 ? -8.455  8.148   -10.820 1.00 0.00 ? 35  LYS A HG3  1 
ATOM   530  H  HD2  . LYS A 1 35 ? -8.386  10.239  -8.663  1.00 0.00 ? 35  LYS A HD2  1 
ATOM   531  H  HD3  . LYS A 1 35 ? -6.866  9.885   -9.460  1.00 0.00 ? 35  LYS A HD3  1 
ATOM   532  H  HE2  . LYS A 1 35 ? -7.580  11.385  -11.034 1.00 0.00 ? 35  LYS A HE2  1 
ATOM   533  H  HE3  . LYS A 1 35 ? -8.541  10.052  -11.641 1.00 0.00 ? 35  LYS A HE3  1 
ATOM   534  H  HZ1  . LYS A 1 35 ? -10.027 11.770  -11.306 1.00 0.00 ? 35  LYS A HZ1  1 
ATOM   535  H  HZ2  . LYS A 1 35 ? -10.258 10.836  -9.987  1.00 0.00 ? 35  LYS A HZ2  1 
ATOM   536  H  HZ3  . LYS A 1 35 ? -9.392  12.216  -9.869  1.00 0.00 ? 35  LYS A HZ3  1 
ATOM   537  N  N    . VAL A 1 36 ? -10.066 5.404   -9.965  1.00 0.00 ? 36  VAL A N    1 
ATOM   538  C  CA   . VAL A 1 36 ? -9.905  4.190   -10.747 1.00 0.00 ? 36  VAL A CA   1 
ATOM   539  C  C    . VAL A 1 36 ? -9.926  2.980   -9.812  1.00 0.00 ? 36  VAL A C    1 
ATOM   540  O  O    . VAL A 1 36 ? -9.000  2.170   -9.818  1.00 0.00 ? 36  VAL A O    1 
ATOM   541  C  CB   . VAL A 1 36 ? -8.628  4.274   -11.587 1.00 0.00 ? 36  VAL A CB   1 
ATOM   542  C  CG1  . VAL A 1 36 ? -7.395  4.435   -10.695 1.00 0.00 ? 36  VAL A CG1  1 
ATOM   543  C  CG2  . VAL A 1 36 ? -8.491  3.055   -12.500 1.00 0.00 ? 36  VAL A CG2  1 
ATOM   544  H  H    . VAL A 1 36 ? -10.727 6.059   -10.333 1.00 0.00 ? 36  VAL A H    1 
ATOM   545  H  HA   . VAL A 1 36 ? -10.753 4.122   -11.429 1.00 0.00 ? 36  VAL A HA   1 
ATOM   546  H  HB   . VAL A 1 36 ? -8.701  5.159   -12.220 1.00 0.00 ? 36  VAL A HB   1 
ATOM   547  H  HG11 . VAL A 1 36 ? -7.398  3.659   -9.929  1.00 0.00 ? 36  VAL A HG11 1 
ATOM   548  H  HG12 . VAL A 1 36 ? -6.494  4.342   -11.301 1.00 0.00 ? 36  VAL A HG12 1 
ATOM   549  H  HG13 . VAL A 1 36 ? -7.415  5.415   -10.220 1.00 0.00 ? 36  VAL A HG13 1 
ATOM   550  H  HG21 . VAL A 1 36 ? -7.998  2.248   -11.957 1.00 0.00 ? 36  VAL A HG21 1 
ATOM   551  H  HG22 . VAL A 1 36 ? -9.480  2.726   -12.818 1.00 0.00 ? 36  VAL A HG22 1 
ATOM   552  H  HG23 . VAL A 1 36 ? -7.897  3.320   -13.375 1.00 0.00 ? 36  VAL A HG23 1 
ATOM   553  N  N    . GLY A 1 37 ? -10.993 2.894   -9.032  1.00 0.00 ? 37  GLY A N    1 
ATOM   554  C  CA   . GLY A 1 37 ? -11.148 1.795   -8.093  1.00 0.00 ? 37  GLY A CA   1 
ATOM   555  C  C    . GLY A 1 37 ? -11.944 0.648   -8.718  1.00 0.00 ? 37  GLY A C    1 
ATOM   556  O  O    . GLY A 1 37 ? -12.239 0.671   -9.911  1.00 0.00 ? 37  GLY A O    1 
ATOM   557  H  H    . GLY A 1 37 ? -11.742 3.557   -9.034  1.00 0.00 ? 37  GLY A H    1 
ATOM   558  H  HA2  . GLY A 1 37 ? -10.166 1.436   -7.784  1.00 0.00 ? 37  GLY A HA2  1 
ATOM   559  H  HA3  . GLY A 1 37 ? -11.655 2.148   -7.195  1.00 0.00 ? 37  GLY A HA3  1 
ATOM   560  N  N    . PRO A 1 38 ? -12.278 -0.354  -7.861  1.00 0.00 ? 38  PRO A N    1 
ATOM   561  C  CA   . PRO A 1 38 ? -11.888 -0.302  -6.462  1.00 0.00 ? 38  PRO A CA   1 
ATOM   562  C  C    . PRO A 1 38 ? -10.398 -0.609  -6.296  1.00 0.00 ? 38  PRO A C    1 
ATOM   563  O  O    . PRO A 1 38 ? -9.657  -0.656  -7.276  1.00 0.00 ? 38  PRO A O    1 
ATOM   564  C  CB   . PRO A 1 38 ? -12.784 -1.314  -5.767  1.00 0.00 ? 38  PRO A CB   1 
ATOM   565  C  CG   . PRO A 1 38 ? -13.314 -2.224  -6.863  1.00 0.00 ? 38  PRO A CG   1 
ATOM   566  C  CD   . PRO A 1 38 ? -13.031 -1.558  -8.199  1.00 0.00 ? 38  PRO A CD   1 
ATOM   567  H  HA   . PRO A 1 38 ? -12.019 0.620   -6.099  1.00 0.00 ? 38  PRO A HA   1 
ATOM   568  H  HB2  . PRO A 1 38 ? -12.227 -1.883  -5.023  1.00 0.00 ? 38  PRO A HB2  1 
ATOM   569  H  HB3  . PRO A 1 38 ? -13.601 -0.818  -5.242  1.00 0.00 ? 38  PRO A HB3  1 
ATOM   570  H  HG2  . PRO A 1 38 ? -12.834 -3.201  -6.814  1.00 0.00 ? 38  PRO A HG2  1 
ATOM   571  H  HG3  . PRO A 1 38 ? -14.384 -2.389  -6.738  1.00 0.00 ? 38  PRO A HG3  1 
ATOM   572  H  HD2  . PRO A 1 38 ? -12.457 -2.213  -8.855  1.00 0.00 ? 38  PRO A HD2  1 
ATOM   573  H  HD3  . PRO A 1 38 ? -13.954 -1.312  -8.724  1.00 0.00 ? 38  PRO A HD3  1 
ATOM   574  N  N    . HIS A 1 39 ? -10.004 -0.810  -5.047  1.00 0.00 ? 39  HIS A N    1 
ATOM   575  C  CA   . HIS A 1 39 ? -8.616  -1.111  -4.740  1.00 0.00 ? 39  HIS A CA   1 
ATOM   576  C  C    . HIS A 1 39 ? -8.551  -2.102  -3.577  1.00 0.00 ? 39  HIS A C    1 
ATOM   577  O  O    . HIS A 1 39 ? -9.572  -2.654  -3.167  1.00 0.00 ? 39  HIS A O    1 
ATOM   578  C  CB   . HIS A 1 39 ? -7.829  0.173   -4.469  1.00 0.00 ? 39  HIS A CB   1 
ATOM   579  C  CG   . HIS A 1 39 ? -7.764  1.113   -5.649  1.00 0.00 ? 39  HIS A CG   1 
ATOM   580  N  ND1  . HIS A 1 39 ? -6.673  1.176   -6.499  1.00 0.00 ? 39  HIS A ND1  1 
ATOM   581  C  CD2  . HIS A 1 39 ? -8.665  2.026   -6.112  1.00 0.00 ? 39  HIS A CD2  1 
ATOM   582  C  CE1  . HIS A 1 39 ? -6.918  2.089   -7.426  1.00 0.00 ? 39  HIS A CE1  1 
ATOM   583  N  NE2  . HIS A 1 39 ? -8.152  2.615   -7.185  1.00 0.00 ? 39  HIS A NE2  1 
ATOM   584  H  H    . HIS A 1 39 ? -10.613 -0.771  -4.255  1.00 0.00 ? 39  HIS A H    1 
ATOM   585  H  HA   . HIS A 1 39 ? -8.193  -1.580  -5.629  1.00 0.00 ? 39  HIS A HA   1 
ATOM   586  H  HB2  . HIS A 1 39 ? -8.282  0.694   -3.627  1.00 0.00 ? 39  HIS A HB2  1 
ATOM   587  H  HB3  . HIS A 1 39 ? -6.814  -0.092  -4.172  1.00 0.00 ? 39  HIS A HB3  1 
ATOM   588  H  HD2  . HIS A 1 39 ? -9.641  2.236   -5.674  1.00 0.00 ? 39  HIS A HD2  1 
ATOM   589  H  HE1  . HIS A 1 39 ? -6.249  2.371   -8.240  1.00 0.00 ? 39  HIS A HE1  1 
ATOM   590  H  HE2  . HIS A 1 39 ? -8.621  3.286   -7.759  1.00 0.00 ? 39  HIS A HE2  1 
ATOM   591  N  N    . ASN A 1 40 ? -7.341  -2.300  -3.075  1.00 0.00 ? 40  ASN A N    1 
ATOM   592  C  CA   . ASN A 1 40 ? -7.130  -3.215  -1.967  1.00 0.00 ? 40  ASN A CA   1 
ATOM   593  C  C    . ASN A 1 40 ? -5.628  -3.353  -1.704  1.00 0.00 ? 40  ASN A C    1 
ATOM   594  O  O    . ASN A 1 40 ? -4.810  -2.935  -2.522  1.00 0.00 ? 40  ASN A O    1 
ATOM   595  C  CB   . ASN A 1 40 ? -7.682  -4.605  -2.288  1.00 0.00 ? 40  ASN A CB   1 
ATOM   596  C  CG   . ASN A 1 40 ? -7.445  -4.965  -3.755  1.00 0.00 ? 40  ASN A CG   1 
ATOM   597  O  OD1  . ASN A 1 40 ? -6.761  -4.270  -4.489  1.00 0.00 ? 40  ASN A OD1  1 
ATOM   598  N  ND2  . ASN A 1 40 ? -8.048  -6.085  -4.142  1.00 0.00 ? 40  ASN A ND2  1 
ATOM   599  H  H    . ASN A 1 40 ? -6.516  -1.847  -3.414  1.00 0.00 ? 40  ASN A H    1 
ATOM   600  H  HA   . ASN A 1 40 ? -7.661  -2.773  -1.124  1.00 0.00 ? 40  ASN A HA   1 
ATOM   601  H  HB2  . ASN A 1 40 ? -7.206  -5.347  -1.646  1.00 0.00 ? 40  ASN A HB2  1 
ATOM   602  H  HB3  . ASN A 1 40 ? -8.750  -4.635  -2.070  1.00 0.00 ? 40  ASN A HB3  1 
ATOM   603  H  HD21 . ASN A 1 40 ? -8.597  -6.608  -3.490  1.00 0.00 ? 40  ASN A HD21 1 
ATOM   604  H  HD22 . ASN A 1 40 ? -7.954  -6.405  -5.085  1.00 0.00 ? 40  ASN A HD22 1 
ATOM   605  N  N    . VAL A 1 41 ? -5.311  -3.940  -0.559  1.00 0.00 ? 41  VAL A N    1 
ATOM   606  C  CA   . VAL A 1 41 ? -3.924  -4.138  -0.178  1.00 0.00 ? 41  VAL A CA   1 
ATOM   607  C  C    . VAL A 1 41 ? -3.546  -5.606  -0.385  1.00 0.00 ? 41  VAL A C    1 
ATOM   608  O  O    . VAL A 1 41 ? -4.075  -6.487  0.291   1.00 0.00 ? 41  VAL A O    1 
ATOM   609  C  CB   . VAL A 1 41 ? -3.702  -3.661  1.259   1.00 0.00 ? 41  VAL A CB   1 
ATOM   610  C  CG1  . VAL A 1 41 ? -2.241  -3.841  1.677   1.00 0.00 ? 41  VAL A CG1  1 
ATOM   611  C  CG2  . VAL A 1 41 ? -4.146  -2.206  1.427   1.00 0.00 ? 41  VAL A CG2  1 
ATOM   612  H  H    . VAL A 1 41 ? -5.983  -4.276  0.101   1.00 0.00 ? 41  VAL A H    1 
ATOM   613  H  HA   . VAL A 1 41 ? -3.311  -3.522  -0.836  1.00 0.00 ? 41  VAL A HA   1 
ATOM   614  H  HB   . VAL A 1 41 ? -4.317  -4.277  1.915   1.00 0.00 ? 41  VAL A HB   1 
ATOM   615  H  HG11 . VAL A 1 41 ? -1.599  -3.744  0.803   1.00 0.00 ? 41  VAL A HG11 1 
ATOM   616  H  HG12 . VAL A 1 41 ? -1.977  -3.078  2.409   1.00 0.00 ? 41  VAL A HG12 1 
ATOM   617  H  HG13 . VAL A 1 41 ? -2.110  -4.828  2.118   1.00 0.00 ? 41  VAL A HG13 1 
ATOM   618  H  HG21 . VAL A 1 41 ? -3.549  -1.732  2.207   1.00 0.00 ? 41  VAL A HG21 1 
ATOM   619  H  HG22 . VAL A 1 41 ? -4.005  -1.672  0.488   1.00 0.00 ? 41  VAL A HG22 1 
ATOM   620  H  HG23 . VAL A 1 41 ? -5.198  -2.177  1.708   1.00 0.00 ? 41  VAL A HG23 1 
ATOM   621  N  N    . ILE A 1 42 ? -2.637  -5.824  -1.323  1.00 0.00 ? 42  ILE A N    1 
ATOM   622  C  CA   . ILE A 1 42 ? -2.182  -7.170  -1.627  1.00 0.00 ? 42  ILE A CA   1 
ATOM   623  C  C    . ILE A 1 42 ? -0.654  -7.185  -1.697  1.00 0.00 ? 42  ILE A C    1 
ATOM   624  O  O    . ILE A 1 42 ? -0.079  -7.232  -2.783  1.00 0.00 ? 42  ILE A O    1 
ATOM   625  C  CB   . ILE A 1 42 ? -2.861  -7.691  -2.896  1.00 0.00 ? 42  ILE A CB   1 
ATOM   626  C  CG1  . ILE A 1 42 ? -4.350  -7.336  -2.907  1.00 0.00 ? 42  ILE A CG1  1 
ATOM   627  C  CG2  . ILE A 1 42 ? -2.628  -9.193  -3.066  1.00 0.00 ? 42  ILE A CG2  1 
ATOM   628  C  CD1  . ILE A 1 42 ? -5.139  -8.257  -1.974  1.00 0.00 ? 42  ILE A CD1  1 
ATOM   629  H  H    . ILE A 1 42 ? -2.212  -5.102  -1.869  1.00 0.00 ? 42  ILE A H    1 
ATOM   630  H  HA   . ILE A 1 42 ? -2.497  -7.814  -0.806  1.00 0.00 ? 42  ILE A HA   1 
ATOM   631  H  HB   . ILE A 1 42 ? -2.407  -7.195  -3.754  1.00 0.00 ? 42  ILE A HB   1 
ATOM   632  H  HG12 . ILE A 1 42 ? -4.483  -6.299  -2.598  1.00 0.00 ? 42  ILE A HG12 1 
ATOM   633  H  HG13 . ILE A 1 42 ? -4.740  -7.418  -3.920  1.00 0.00 ? 42  ILE A HG13 1 
ATOM   634  H  HG21 . ILE A 1 42 ? -1.558  -9.395  -3.082  1.00 0.00 ? 42  ILE A HG21 1 
ATOM   635  H  HG22 . ILE A 1 42 ? -3.086  -9.728  -2.233  1.00 0.00 ? 42  ILE A HG22 1 
ATOM   636  H  HG23 . ILE A 1 42 ? -3.076  -9.527  -4.002  1.00 0.00 ? 42  ILE A HG23 1 
ATOM   637  H  HD11 . ILE A 1 42 ? -5.036  -9.289  -2.309  1.00 0.00 ? 42  ILE A HD11 1 
ATOM   638  H  HD12 . ILE A 1 42 ? -4.752  -8.165  -0.959  1.00 0.00 ? 42  ILE A HD12 1 
ATOM   639  H  HD13 . ILE A 1 42 ? -6.191  -7.973  -1.989  1.00 0.00 ? 42  ILE A HD13 1 
ATOM   640  N  N    . PHE A 1 43 ? -0.040  -7.146  -0.524  1.00 0.00 ? 43  PHE A N    1 
ATOM   641  C  CA   . PHE A 1 43 ? 1.410   -7.155  -0.438  1.00 0.00 ? 43  PHE A CA   1 
ATOM   642  C  C    . PHE A 1 43 ? 2.006   -8.250  -1.325  1.00 0.00 ? 43  PHE A C    1 
ATOM   643  O  O    . PHE A 1 43 ? 1.312   -9.192  -1.704  1.00 0.00 ? 43  PHE A O    1 
ATOM   644  C  CB   . PHE A 1 43 ? 1.771   -7.444  1.020   1.00 0.00 ? 43  PHE A CB   1 
ATOM   645  C  CG   . PHE A 1 43 ? 1.458   -6.292  1.978   1.00 0.00 ? 43  PHE A CG   1 
ATOM   646  C  CD1  . PHE A 1 43 ? 2.394   -5.337  2.223   1.00 0.00 ? 43  PHE A CD1  1 
ATOM   647  C  CD2  . PHE A 1 43 ? 0.243   -6.224  2.586   1.00 0.00 ? 43  PHE A CD2  1 
ATOM   648  C  CE1  . PHE A 1 43 ? 2.104   -4.269  3.112   1.00 0.00 ? 43  PHE A CE1  1 
ATOM   649  C  CE2  . PHE A 1 43 ? -0.048  -5.156  3.475   1.00 0.00 ? 43  PHE A CE2  1 
ATOM   650  C  CZ   . PHE A 1 43 ? 0.889   -4.201  3.719   1.00 0.00 ? 43  PHE A CZ   1 
ATOM   651  H  H    . PHE A 1 43 ? -0.514  -7.108  0.356   1.00 0.00 ? 43  PHE A H    1 
ATOM   652  H  HA   . PHE A 1 43 ? 1.761   -6.182  -0.782  1.00 0.00 ? 43  PHE A HA   1 
ATOM   653  H  HB2  . PHE A 1 43 ? 1.232   -8.332  1.348   1.00 0.00 ? 43  PHE A HB2  1 
ATOM   654  H  HB3  . PHE A 1 43 ? 2.834   -7.676  1.082   1.00 0.00 ? 43  PHE A HB3  1 
ATOM   655  H  HD1  . PHE A 1 43 ? 3.368   -5.391  1.736   1.00 0.00 ? 43  PHE A HD1  1 
ATOM   656  H  HD2  . PHE A 1 43 ? -0.508  -6.990  2.390   1.00 0.00 ? 43  PHE A HD2  1 
ATOM   657  H  HE1  . PHE A 1 43 ? 2.855   -3.503  3.307   1.00 0.00 ? 43  PHE A HE1  1 
ATOM   658  H  HE2  . PHE A 1 43 ? -1.022  -5.102  3.961   1.00 0.00 ? 43  PHE A HE2  1 
ATOM   659  H  HZ   . PHE A 1 43 ? 0.666   -3.381  4.401   1.00 0.00 ? 43  PHE A HZ   1 
ATOM   660  N  N    . ASP A 1 44 ? 3.285   -8.091  -1.629  1.00 0.00 ? 44  ASP A N    1 
ATOM   661  C  CA   . ASP A 1 44 ? 3.982   -9.054  -2.464  1.00 0.00 ? 44  ASP A CA   1 
ATOM   662  C  C    . ASP A 1 44 ? 4.743   -10.039 -1.573  1.00 0.00 ? 44  ASP A C    1 
ATOM   663  O  O    . ASP A 1 44 ? 4.631   -11.252 -1.745  1.00 0.00 ? 44  ASP A O    1 
ATOM   664  C  CB   . ASP A 1 44 ? 4.996   -8.362  -3.377  1.00 0.00 ? 44  ASP A CB   1 
ATOM   665  C  CG   . ASP A 1 44 ? 5.196   -9.025  -4.741  1.00 0.00 ? 44  ASP A CG   1 
ATOM   666  O  OD1  . ASP A 1 44 ? 4.205   -9.072  -5.501  1.00 0.00 ? 44  ASP A OD1  1 
ATOM   667  O  OD2  . ASP A 1 44 ? 6.336   -9.470  -4.994  1.00 0.00 ? 44  ASP A OD2  1 
ATOM   668  H  H    . ASP A 1 44 ? 3.843   -7.322  -1.317  1.00 0.00 ? 44  ASP A H    1 
ATOM   669  H  HA   . ASP A 1 44 ? 3.202   -9.540  -3.051  1.00 0.00 ? 44  ASP A HA   1 
ATOM   670  H  HB2  . ASP A 1 44 ? 4.675   -7.332  -3.534  1.00 0.00 ? 44  ASP A HB2  1 
ATOM   671  H  HB3  . ASP A 1 44 ? 5.956   -8.323  -2.865  1.00 0.00 ? 44  ASP A HB3  1 
ATOM   672  N  N    . LYS A 1 45 ? 5.500   -9.480  -0.641  1.00 0.00 ? 45  LYS A N    1 
ATOM   673  C  CA   . LYS A 1 45 ? 6.279   -10.293 0.277   1.00 0.00 ? 45  LYS A CA   1 
ATOM   674  C  C    . LYS A 1 45 ? 7.280   -9.403  1.016   1.00 0.00 ? 45  LYS A C    1 
ATOM   675  O  O    . LYS A 1 45 ? 7.826   -8.463  0.439   1.00 0.00 ? 45  LYS A O    1 
ATOM   676  C  CB   . LYS A 1 45 ? 6.927   -11.464 -0.462  1.00 0.00 ? 45  LYS A CB   1 
ATOM   677  C  CG   . LYS A 1 45 ? 6.292   -12.794 -0.046  1.00 0.00 ? 45  LYS A CG   1 
ATOM   678  C  CD   . LYS A 1 45 ? 7.295   -13.943 -0.172  1.00 0.00 ? 45  LYS A CD   1 
ATOM   679  C  CE   . LYS A 1 45 ? 6.576   -15.285 -0.315  1.00 0.00 ? 45  LYS A CE   1 
ATOM   680  N  NZ   . LYS A 1 45 ? 7.535   -16.351 -0.683  1.00 0.00 ? 45  LYS A NZ   1 
ATOM   681  H  H    . LYS A 1 45 ? 5.585   -8.492  -0.507  1.00 0.00 ? 45  LYS A H    1 
ATOM   682  H  HA   . LYS A 1 45 ? 5.588   -10.715 1.007   1.00 0.00 ? 45  LYS A HA   1 
ATOM   683  H  HB2  . LYS A 1 45 ? 6.817   -11.326 -1.538  1.00 0.00 ? 45  LYS A HB2  1 
ATOM   684  H  HB3  . LYS A 1 45 ? 7.996   -11.486 -0.252  1.00 0.00 ? 45  LYS A HB3  1 
ATOM   685  H  HG2  . LYS A 1 45 ? 5.939   -12.725 0.982   1.00 0.00 ? 45  LYS A HG2  1 
ATOM   686  H  HG3  . LYS A 1 45 ? 5.422   -12.996 -0.670  1.00 0.00 ? 45  LYS A HG3  1 
ATOM   687  H  HD2  . LYS A 1 45 ? 7.937   -13.776 -1.037  1.00 0.00 ? 45  LYS A HD2  1 
ATOM   688  H  HD3  . LYS A 1 45 ? 7.942   -13.963 0.705   1.00 0.00 ? 45  LYS A HD3  1 
ATOM   689  H  HE2  . LYS A 1 45 ? 6.080   -15.540 0.622   1.00 0.00 ? 45  LYS A HE2  1 
ATOM   690  H  HE3  . LYS A 1 45 ? 5.798   -15.208 -1.076  1.00 0.00 ? 45  LYS A HE3  1 
ATOM   691  H  HZ1  . LYS A 1 45 ? 7.183   -16.859 -1.470  1.00 0.00 ? 45  LYS A HZ1  1 
ATOM   692  H  HZ2  . LYS A 1 45 ? 8.415   -15.940 -0.918  1.00 0.00 ? 45  LYS A HZ2  1 
ATOM   693  H  HZ3  . LYS A 1 45 ? 7.653   -16.974 0.089   1.00 0.00 ? 45  LYS A HZ3  1 
ATOM   694  N  N    . VAL A 1 46 ? 7.493   -9.729  2.283   1.00 0.00 ? 46  VAL A N    1 
ATOM   695  C  CA   . VAL A 1 46 ? 8.419   -8.971  3.106   1.00 0.00 ? 46  VAL A CA   1 
ATOM   696  C  C    . VAL A 1 46 ? 9.406   -9.931  3.772   1.00 0.00 ? 46  VAL A C    1 
ATOM   697  O  O    . VAL A 1 46 ? 9.122   -11.120 3.912   1.00 0.00 ? 46  VAL A O    1 
ATOM   698  C  CB   . VAL A 1 46 ? 7.645   -8.116  4.112   1.00 0.00 ? 46  VAL A CB   1 
ATOM   699  C  CG1  . VAL A 1 46 ? 6.607   -7.242  3.405   1.00 0.00 ? 46  VAL A CG1  1 
ATOM   700  C  CG2  . VAL A 1 46 ? 6.989   -8.989  5.184   1.00 0.00 ? 46  VAL A CG2  1 
ATOM   701  H  H    . VAL A 1 46 ? 7.045   -10.495 2.745   1.00 0.00 ? 46  VAL A H    1 
ATOM   702  H  HA   . VAL A 1 46 ? 8.971   -8.301  2.448   1.00 0.00 ? 46  VAL A HA   1 
ATOM   703  H  HB   . VAL A 1 46 ? 8.357   -7.456  4.608   1.00 0.00 ? 46  VAL A HB   1 
ATOM   704  H  HG11 . VAL A 1 46 ? 6.305   -7.719  2.473   1.00 0.00 ? 46  VAL A HG11 1 
ATOM   705  H  HG12 . VAL A 1 46 ? 5.736   -7.120  4.049   1.00 0.00 ? 46  VAL A HG12 1 
ATOM   706  H  HG13 . VAL A 1 46 ? 7.040   -6.265  3.190   1.00 0.00 ? 46  VAL A HG13 1 
ATOM   707  H  HG21 . VAL A 1 46 ? 6.049   -8.536  5.496   1.00 0.00 ? 46  VAL A HG21 1 
ATOM   708  H  HG22 . VAL A 1 46 ? 6.797   -9.982  4.776   1.00 0.00 ? 46  VAL A HG22 1 
ATOM   709  H  HG23 . VAL A 1 46 ? 7.656   -9.073  6.042   1.00 0.00 ? 46  VAL A HG23 1 
ATOM   710  N  N    . PRO A 1 47 ? 10.575  -9.366  4.176   1.00 0.00 ? 47  PRO A N    1 
ATOM   711  C  CA   . PRO A 1 47 ? 11.605  -10.159 4.823   1.00 0.00 ? 47  PRO A CA   1 
ATOM   712  C  C    . PRO A 1 47 ? 11.222  -10.481 6.269   1.00 0.00 ? 47  PRO A C    1 
ATOM   713  O  O    . PRO A 1 47 ? 10.324  -9.857  6.830   1.00 0.00 ? 47  PRO A O    1 
ATOM   714  C  CB   . PRO A 1 47 ? 12.871  -9.323  4.717   1.00 0.00 ? 47  PRO A CB   1 
ATOM   715  C  CG   . PRO A 1 47 ? 12.409  -7.903  4.431   1.00 0.00 ? 47  PRO A CG   1 
ATOM   716  C  CD   . PRO A 1 47 ? 10.945  -7.962  4.026   1.00 0.00 ? 47  PRO A CD   1 
ATOM   717  H  HA   . PRO A 1 47 ? 11.705  -11.042 4.364   1.00 0.00 ? 47  PRO A HA   1 
ATOM   718  H  HB2  . PRO A 1 47 ? 13.448  -9.367  5.640   1.00 0.00 ? 47  PRO A HB2  1 
ATOM   719  H  HB3  . PRO A 1 47 ? 13.517  -9.691  3.919   1.00 0.00 ? 47  PRO A HB3  1 
ATOM   720  H  HG2  . PRO A 1 47 ? 12.536  -7.275  5.313   1.00 0.00 ? 47  PRO A HG2  1 
ATOM   721  H  HG3  . PRO A 1 47 ? 13.007  -7.460  3.635   1.00 0.00 ? 47  PRO A HG3  1 
ATOM   722  H  HD2  . PRO A 1 47 ? 10.332  -7.321  4.661   1.00 0.00 ? 47  PRO A HD2  1 
ATOM   723  H  HD3  . PRO A 1 47 ? 10.804  -7.621  3.001   1.00 0.00 ? 47  PRO A HD3  1 
ATOM   724  N  N    . ALA A 1 48 ? 11.923  -11.455 6.831   1.00 0.00 ? 48  ALA A N    1 
ATOM   725  C  CA   . ALA A 1 48 ? 11.668  -11.868 8.200   1.00 0.00 ? 48  ALA A CA   1 
ATOM   726  C  C    . ALA A 1 48 ? 11.404  -10.630 9.060   1.00 0.00 ? 48  ALA A C    1 
ATOM   727  O  O    . ALA A 1 48 ? 12.117  -9.633  8.954   1.00 0.00 ? 48  ALA A O    1 
ATOM   728  C  CB   . ALA A 1 48 ? 12.849  -12.694 8.714   1.00 0.00 ? 48  ALA A CB   1 
ATOM   729  H  H    . ALA A 1 48 ? 12.653  -11.958 6.367   1.00 0.00 ? 48  ALA A H    1 
ATOM   730  H  HA   . ALA A 1 48 ? 10.776  -12.494 8.197   1.00 0.00 ? 48  ALA A HA   1 
ATOM   731  H  HB1  . ALA A 1 48 ? 12.771  -13.713 8.336   1.00 0.00 ? 48  ALA A HB1  1 
ATOM   732  H  HB2  . ALA A 1 48 ? 13.781  -12.248 8.367   1.00 0.00 ? 48  ALA A HB2  1 
ATOM   733  H  HB3  . ALA A 1 48 ? 12.836  -12.709 9.803   1.00 0.00 ? 48  ALA A HB3  1 
ATOM   734  N  N    . GLY A 1 49 ? 10.379  -10.735 9.892   1.00 0.00 ? 49  GLY A N    1 
ATOM   735  C  CA   . GLY A 1 49 ? 10.013  -9.637  10.770  1.00 0.00 ? 49  GLY A CA   1 
ATOM   736  C  C    . GLY A 1 49 ? 8.504   -9.385  10.734  1.00 0.00 ? 49  GLY A C    1 
ATOM   737  O  O    . GLY A 1 49 ? 7.841   -9.416  11.770  1.00 0.00 ? 49  GLY A O    1 
ATOM   738  H  H    . GLY A 1 49 ? 9.804   -11.549 9.973   1.00 0.00 ? 49  GLY A H    1 
ATOM   739  H  HA2  . GLY A 1 49 ? 10.323  -9.863  11.791  1.00 0.00 ? 49  GLY A HA2  1 
ATOM   740  H  HA3  . GLY A 1 49 ? 10.543  -8.734  10.470  1.00 0.00 ? 49  GLY A HA3  1 
ATOM   741  N  N    . GLU A 1 50 ? 8.007   -9.141  9.530   1.00 0.00 ? 50  GLU A N    1 
ATOM   742  C  CA   . GLU A 1 50 ? 6.589   -8.884  9.346   1.00 0.00 ? 50  GLU A CA   1 
ATOM   743  C  C    . GLU A 1 50 ? 5.932   -10.044 8.594   1.00 0.00 ? 50  GLU A C    1 
ATOM   744  O  O    . GLU A 1 50 ? 6.570   -11.066 8.344   1.00 0.00 ? 50  GLU A O    1 
ATOM   745  C  CB   . GLU A 1 50 ? 6.362   -7.559  8.616   1.00 0.00 ? 50  GLU A CB   1 
ATOM   746  C  CG   . GLU A 1 50 ? 5.446   -6.637  9.423   1.00 0.00 ? 50  GLU A CG   1 
ATOM   747  C  CD   . GLU A 1 50 ? 4.005   -6.715  8.918   1.00 0.00 ? 50  GLU A CD   1 
ATOM   748  O  OE1  . GLU A 1 50 ? 3.695   -5.965  7.968   1.00 0.00 ? 50  GLU A OE1  1 
ATOM   749  O  OE2  . GLU A 1 50 ? 3.245   -7.525  9.493   1.00 0.00 ? 50  GLU A OE2  1 
ATOM   750  H  H    . GLU A 1 50 ? 8.553   -9.118  8.694   1.00 0.00 ? 50  GLU A H    1 
ATOM   751  H  HA   . GLU A 1 50 ? 6.173   -8.814  10.351  1.00 0.00 ? 50  GLU A HA   1 
ATOM   752  H  HB2  . GLU A 1 50 ? 7.319   -7.067  8.443   1.00 0.00 ? 50  GLU A HB2  1 
ATOM   753  H  HB3  . GLU A 1 50 ? 5.920   -7.749  7.637   1.00 0.00 ? 50  GLU A HB3  1 
ATOM   754  H  HG2  . GLU A 1 50 ? 5.482   -6.915  10.477  1.00 0.00 ? 50  GLU A HG2  1 
ATOM   755  H  HG3  . GLU A 1 50 ? 5.805   -5.610  9.353   1.00 0.00 ? 50  GLU A HG3  1 
ATOM   756  N  N    . SER A 1 51 ? 4.667   -9.847  8.252   1.00 0.00 ? 51  SER A N    1 
ATOM   757  C  CA   . SER A 1 51 ? 3.919   -10.863 7.533   1.00 0.00 ? 51  SER A CA   1 
ATOM   758  C  C    . SER A 1 51 ? 3.169   -10.229 6.360   1.00 0.00 ? 51  SER A C    1 
ATOM   759  O  O    . SER A 1 51 ? 1.962   -10.001 6.440   1.00 0.00 ? 51  SER A O    1 
ATOM   760  C  CB   . SER A 1 51 ? 2.940   -11.585 8.461   1.00 0.00 ? 51  SER A CB   1 
ATOM   761  O  OG   . SER A 1 51 ? 3.596   -12.540 9.291   1.00 0.00 ? 51  SER A OG   1 
ATOM   762  H  H    . SER A 1 51 ? 4.156   -9.012  8.458   1.00 0.00 ? 51  SER A H    1 
ATOM   763  H  HA   . SER A 1 51 ? 4.665   -11.570 7.172   1.00 0.00 ? 51  SER A HA   1 
ATOM   764  H  HB2  . SER A 1 51 ? 2.426   -10.854 9.086   1.00 0.00 ? 51  SER A HB2  1 
ATOM   765  H  HB3  . SER A 1 51 ? 2.178   -12.087 7.865   1.00 0.00 ? 51  SER A HB3  1 
ATOM   766  H  HG   . SER A 1 51 ? 3.121   -12.615 10.168  1.00 0.00 ? 51  SER A HG   1 
ATOM   767  N  N    . ALA A 1 52 ? 3.914   -9.961  5.298   1.00 0.00 ? 52  ALA A N    1 
ATOM   768  C  CA   . ALA A 1 52 ? 3.334   -9.358  4.110   1.00 0.00 ? 52  ALA A CA   1 
ATOM   769  C  C    . ALA A 1 52 ? 2.130   -10.186 3.658   1.00 0.00 ? 52  ALA A C    1 
ATOM   770  O  O    . ALA A 1 52 ? 1.043   -9.647  3.453   1.00 0.00 ? 52  ALA A O    1 
ATOM   771  C  CB   . ALA A 1 52 ? 4.403   -9.242  3.022   1.00 0.00 ? 52  ALA A CB   1 
ATOM   772  H  H    . ALA A 1 52 ? 4.894   -10.149 5.241   1.00 0.00 ? 52  ALA A H    1 
ATOM   773  H  HA   . ALA A 1 52 ? 2.996   -8.357  4.377   1.00 0.00 ? 52  ALA A HA   1 
ATOM   774  H  HB1  . ALA A 1 52 ? 4.384   -8.238  2.599   1.00 0.00 ? 52  ALA A HB1  1 
ATOM   775  H  HB2  . ALA A 1 52 ? 5.385   -9.435  3.456   1.00 0.00 ? 52  ALA A HB2  1 
ATOM   776  H  HB3  . ALA A 1 52 ? 4.204   -9.971  2.237   1.00 0.00 ? 52  ALA A HB3  1 
ATOM   777  N  N    . PRO A 1 53 ? 2.369   -11.516 3.513   1.00 0.00 ? 53  PRO A N    1 
ATOM   778  C  CA   . PRO A 1 53 ? 1.318   -12.425 3.088   1.00 0.00 ? 53  PRO A CA   1 
ATOM   779  C  C    . PRO A 1 53 ? 0.331   -12.691 4.229   1.00 0.00 ? 53  PRO A C    1 
ATOM   780  O  O    . PRO A 1 53 ? 0.030   -13.844 4.535   1.00 0.00 ? 53  PRO A O    1 
ATOM   781  C  CB   . PRO A 1 53 ? 2.042   -13.678 2.625   1.00 0.00 ? 53  PRO A CB   1 
ATOM   782  C  CG   . PRO A 1 53 ? 3.432   -13.605 3.236   1.00 0.00 ? 53  PRO A CG   1 
ATOM   783  C  CD   . PRO A 1 53 ? 3.643   -12.190 3.747   1.00 0.00 ? 53  PRO A CD   1 
ATOM   784  H  HA   . PRO A 1 53 ? 0.779   -12.013 2.353   1.00 0.00 ? 53  PRO A HA   1 
ATOM   785  H  HB2  . PRO A 1 53 ? 1.518   -14.576 2.952   1.00 0.00 ? 53  PRO A HB2  1 
ATOM   786  H  HB3  . PRO A 1 53 ? 2.095   -13.718 1.537   1.00 0.00 ? 53  PRO A HB3  1 
ATOM   787  H  HG2  . PRO A 1 53 ? 3.528   -14.324 4.051   1.00 0.00 ? 53  PRO A HG2  1 
ATOM   788  H  HG3  . PRO A 1 53 ? 4.188   -13.861 2.494   1.00 0.00 ? 53  PRO A HG3  1 
ATOM   789  H  HD2  . PRO A 1 53 ? 3.905   -12.185 4.805   1.00 0.00 ? 53  PRO A HD2  1 
ATOM   790  H  HD3  . PRO A 1 53 ? 4.456   -11.695 3.216   1.00 0.00 ? 53  PRO A HD3  1 
ATOM   791  N  N    . ALA A 1 54 ? -0.143  -11.607 4.824   1.00 0.00 ? 54  ALA A N    1 
ATOM   792  C  CA   . ALA A 1 54 ? -1.088  -11.709 5.922   1.00 0.00 ? 54  ALA A CA   1 
ATOM   793  C  C    . ALA A 1 54 ? -1.876  -10.402 6.035   1.00 0.00 ? 54  ALA A C    1 
ATOM   794  O  O    . ALA A 1 54 ? -3.098  -10.419 6.180   1.00 0.00 ? 54  ALA A O    1 
ATOM   795  C  CB   . ALA A 1 54 ? -0.339  -12.052 7.211   1.00 0.00 ? 54  ALA A CB   1 
ATOM   796  H  H    . ALA A 1 54 ? 0.107   -10.673 4.567   1.00 0.00 ? 54  ALA A H    1 
ATOM   797  H  HA   . ALA A 1 54 ? -1.779  -12.520 5.691   1.00 0.00 ? 54  ALA A HA   1 
ATOM   798  H  HB1  . ALA A 1 54 ? -1.049  -12.400 7.962   1.00 0.00 ? 54  ALA A HB1  1 
ATOM   799  H  HB2  . ALA A 1 54 ? 0.390   -12.837 7.009   1.00 0.00 ? 54  ALA A HB2  1 
ATOM   800  H  HB3  . ALA A 1 54 ? 0.175   -11.164 7.580   1.00 0.00 ? 54  ALA A HB3  1 
ATOM   801  N  N    . LEU A 1 55 ? -1.144  -9.300  5.965   1.00 0.00 ? 55  LEU A N    1 
ATOM   802  C  CA   . LEU A 1 55 ? -1.758  -7.987  6.058   1.00 0.00 ? 55  LEU A CA   1 
ATOM   803  C  C    . LEU A 1 55 ? -2.654  -7.760  4.838   1.00 0.00 ? 55  LEU A C    1 
ATOM   804  O  O    . LEU A 1 55 ? -3.627  -7.011  4.909   1.00 0.00 ? 55  LEU A O    1 
ATOM   805  C  CB   . LEU A 1 55 ? -0.690  -6.907  6.245   1.00 0.00 ? 55  LEU A CB   1 
ATOM   806  C  CG   . LEU A 1 55 ? -0.304  -6.590  7.692   1.00 0.00 ? 55  LEU A CG   1 
ATOM   807  C  CD1  . LEU A 1 55 ? 0.950   -5.715  7.745   1.00 0.00 ? 55  LEU A CD1  1 
ATOM   808  C  CD2  . LEU A 1 55 ? -1.476  -5.960  8.446   1.00 0.00 ? 55  LEU A CD2  1 
ATOM   809  H  H    . LEU A 1 55 ? -0.151  -9.295  5.848   1.00 0.00 ? 55  LEU A H    1 
ATOM   810  H  HA   . LEU A 1 55 ? -2.383  -7.981  6.951   1.00 0.00 ? 55  LEU A HA   1 
ATOM   811  H  HB2  . LEU A 1 55 ? 0.208   -7.216  5.710   1.00 0.00 ? 55  LEU A HB2  1 
ATOM   812  H  HB3  . LEU A 1 55 ? -1.042  -5.990  5.774   1.00 0.00 ? 55  LEU A HB3  1 
ATOM   813  H  HG   . LEU A 1 55 ? -0.064  -7.526  8.195   1.00 0.00 ? 55  LEU A HG   1 
ATOM   814  H  HD11 . LEU A 1 55 ? 1.523   -5.844  6.828   1.00 0.00 ? 55  LEU A HD11 1 
ATOM   815  H  HD12 . LEU A 1 55 ? 0.658   -4.668  7.846   1.00 0.00 ? 55  LEU A HD12 1 
ATOM   816  H  HD13 . LEU A 1 55 ? 1.560   -6.005  8.599   1.00 0.00 ? 55  LEU A HD13 1 
ATOM   817  H  HD21 . LEU A 1 55 ? -1.094  -5.289  9.216   1.00 0.00 ? 55  LEU A HD21 1 
ATOM   818  H  HD22 . LEU A 1 55 ? -2.096  -5.396  7.749   1.00 0.00 ? 55  LEU A HD22 1 
ATOM   819  H  HD23 . LEU A 1 55 ? -2.073  -6.745  8.911   1.00 0.00 ? 55  LEU A HD23 1 
ATOM   820  N  N    . SER A 1 56 ? -2.293  -8.421  3.748   1.00 0.00 ? 56  SER A N    1 
ATOM   821  C  CA   . SER A 1 56 ? -3.052  -8.301  2.515   1.00 0.00 ? 56  SER A CA   1 
ATOM   822  C  C    . SER A 1 56 ? -4.547  -8.436  2.805   1.00 0.00 ? 56  SER A C    1 
ATOM   823  O  O    . SER A 1 56 ? -5.008  -9.494  3.232   1.00 0.00 ? 56  SER A O    1 
ATOM   824  C  CB   . SER A 1 56 ? -2.612  -9.351  1.493   1.00 0.00 ? 56  SER A CB   1 
ATOM   825  O  OG   . SER A 1 56 ? -1.200  -9.359  1.310   1.00 0.00 ? 56  SER A OG   1 
ATOM   826  H  H    . SER A 1 56 ? -1.500  -9.028  3.699   1.00 0.00 ? 56  SER A H    1 
ATOM   827  H  HA   . SER A 1 56 ? -2.825  -7.306  2.132   1.00 0.00 ? 56  SER A HA   1 
ATOM   828  H  HB2  . SER A 1 56 ? -2.941  -10.337 1.823   1.00 0.00 ? 56  SER A HB2  1 
ATOM   829  H  HB3  . SER A 1 56 ? -3.101  -9.155  0.539   1.00 0.00 ? 56  SER A HB3  1 
ATOM   830  H  HG   . SER A 1 56 ? -0.969  -9.003  0.404   1.00 0.00 ? 56  SER A HG   1 
ATOM   831  N  N    . ASN A 1 57 ? -5.266  -7.349  2.563   1.00 0.00 ? 57  ASN A N    1 
ATOM   832  C  CA   . ASN A 1 57 ? -6.701  -7.334  2.793   1.00 0.00 ? 57  ASN A CA   1 
ATOM   833  C  C    . ASN A 1 57 ? -7.429  -7.332  1.448   1.00 0.00 ? 57  ASN A C    1 
ATOM   834  O  O    . ASN A 1 57 ? -7.284  -6.398  0.660   1.00 0.00 ? 57  ASN A O    1 
ATOM   835  C  CB   . ASN A 1 57 ? -7.122  -6.078  3.559   1.00 0.00 ? 57  ASN A CB   1 
ATOM   836  C  CG   . ASN A 1 57 ? -7.808  -6.444  4.877   1.00 0.00 ? 57  ASN A CG   1 
ATOM   837  O  OD1  . ASN A 1 57 ? -7.751  -7.570  5.345   1.00 0.00 ? 57  ASN A OD1  1 
ATOM   838  N  ND2  . ASN A 1 57 ? -8.458  -5.434  5.448   1.00 0.00 ? 57  ASN A ND2  1 
ATOM   839  H  H    . ASN A 1 57 ? -4.884  -6.492  2.216   1.00 0.00 ? 57  ASN A H    1 
ATOM   840  H  HA   . ASN A 1 57 ? -6.907  -8.229  3.378   1.00 0.00 ? 57  ASN A HA   1 
ATOM   841  H  HB2  . ASN A 1 57 ? -6.247  -5.460  3.761   1.00 0.00 ? 57  ASN A HB2  1 
ATOM   842  H  HB3  . ASN A 1 57 ? -7.798  -5.483  2.946   1.00 0.00 ? 57  ASN A HB3  1 
ATOM   843  H  HD21 . ASN A 1 57 ? -8.465  -4.534  5.011   1.00 0.00 ? 57  ASN A HD21 1 
ATOM   844  H  HD22 . ASN A 1 57 ? -8.938  -5.575  6.313   1.00 0.00 ? 57  ASN A HD22 1 
ATOM   845  N  N    . THR A 1 58 ? -8.196  -8.389  1.225   1.00 0.00 ? 58  THR A N    1 
ATOM   846  C  CA   . THR A 1 58 ? -8.947  -8.521  -0.012  1.00 0.00 ? 58  THR A CA   1 
ATOM   847  C  C    . THR A 1 58 ? -10.330 -7.885  0.134   1.00 0.00 ? 58  THR A C    1 
ATOM   848  O  O    . THR A 1 58 ? -11.253 -8.219  -0.610  1.00 0.00 ? 58  THR A O    1 
ATOM   849  C  CB   . THR A 1 58 ? -8.996  -10.006 -0.378  1.00 0.00 ? 58  THR A CB   1 
ATOM   850  O  OG1  . THR A 1 58 ? -9.711  -10.036 -1.610  1.00 0.00 ? 58  THR A OG1  1 
ATOM   851  C  CG2  . THR A 1 58 ? -9.870  -10.818 0.580   1.00 0.00 ? 58  THR A CG2  1 
ATOM   852  H  H    . THR A 1 58 ? -8.308  -9.144  1.870   1.00 0.00 ? 58  THR A H    1 
ATOM   853  H  HA   . THR A 1 58 ? -8.422  -7.971  -0.793  1.00 0.00 ? 58  THR A HA   1 
ATOM   854  H  HB   . THR A 1 58 ? -7.992  -10.425 -0.440  1.00 0.00 ? 58  THR A HB   1 
ATOM   855  H  HG1  . THR A 1 58 ? -9.100  -10.303 -2.355  1.00 0.00 ? 58  THR A HG1  1 
ATOM   856  H  HG21 . THR A 1 58 ? -9.736  -11.881 0.382   1.00 0.00 ? 58  THR A HG21 1 
ATOM   857  H  HG22 . THR A 1 58 ? -9.581  -10.600 1.608   1.00 0.00 ? 58  THR A HG22 1 
ATOM   858  H  HG23 . THR A 1 58 ? -10.916 -10.549 0.433   1.00 0.00 ? 58  THR A HG23 1 
ATOM   859  N  N    . LYS A 1 59 ? -10.433 -6.982  1.097   1.00 0.00 ? 59  LYS A N    1 
ATOM   860  C  CA   . LYS A 1 59 ? -11.689 -6.297  1.350   1.00 0.00 ? 59  LYS A CA   1 
ATOM   861  C  C    . LYS A 1 59 ? -11.792 -5.076  0.432   1.00 0.00 ? 59  LYS A C    1 
ATOM   862  O  O    . LYS A 1 59 ? -11.818 -3.941  0.904   1.00 0.00 ? 59  LYS A O    1 
ATOM   863  C  CB   . LYS A 1 59 ? -11.827 -5.961  2.837   1.00 0.00 ? 59  LYS A CB   1 
ATOM   864  C  CG   . LYS A 1 59 ? -13.220 -5.412  3.147   1.00 0.00 ? 59  LYS A CG   1 
ATOM   865  C  CD   . LYS A 1 59 ? -13.201 -4.554  4.415   1.00 0.00 ? 59  LYS A CD   1 
ATOM   866  C  CE   . LYS A 1 59 ? -14.621 -4.295  4.923   1.00 0.00 ? 59  LYS A CE   1 
ATOM   867  N  NZ   . LYS A 1 59 ? -14.594 -3.405  6.104   1.00 0.00 ? 59  LYS A NZ   1 
ATOM   868  H  H    . LYS A 1 59 ? -9.679  -6.717  1.697   1.00 0.00 ? 59  LYS A H    1 
ATOM   869  H  HA   . LYS A 1 59 ? -12.494 -6.987  1.100   1.00 0.00 ? 59  LYS A HA   1 
ATOM   870  H  HB2  . LYS A 1 59 ? -11.642 -6.854  3.433   1.00 0.00 ? 59  LYS A HB2  1 
ATOM   871  H  HB3  . LYS A 1 59 ? -11.072 -5.228  3.119   1.00 0.00 ? 59  LYS A HB3  1 
ATOM   872  H  HG2  . LYS A 1 59 ? -13.577 -4.817  2.307   1.00 0.00 ? 59  LYS A HG2  1 
ATOM   873  H  HG3  . LYS A 1 59 ? -13.921 -6.237  3.274   1.00 0.00 ? 59  LYS A HG3  1 
ATOM   874  H  HD2  . LYS A 1 59 ? -12.620 -5.055  5.188   1.00 0.00 ? 59  LYS A HD2  1 
ATOM   875  H  HD3  . LYS A 1 59 ? -12.707 -3.605  4.208   1.00 0.00 ? 59  LYS A HD3  1 
ATOM   876  H  HE2  . LYS A 1 59 ? -15.220 -3.843  4.133   1.00 0.00 ? 59  LYS A HE2  1 
ATOM   877  H  HE3  . LYS A 1 59 ? -15.098 -5.240  5.184   1.00 0.00 ? 59  LYS A HE3  1 
ATOM   878  H  HZ1  . LYS A 1 59 ? -14.903 -3.910  6.910   1.00 0.00 ? 59  LYS A HZ1  1 
ATOM   879  H  HZ2  . LYS A 1 59 ? -13.661 -3.077  6.253   1.00 0.00 ? 59  LYS A HZ2  1 
ATOM   880  H  HZ3  . LYS A 1 59 ? -15.200 -2.624  5.947   1.00 0.00 ? 59  LYS A HZ3  1 
ATOM   881  N  N    . LEU A 1 60 ? -11.850 -5.352  -0.863  1.00 0.00 ? 60  LEU A N    1 
ATOM   882  C  CA   . LEU A 1 60 ? -11.951 -4.292  -1.850  1.00 0.00 ? 60  LEU A CA   1 
ATOM   883  C  C    . LEU A 1 60 ? -12.910 -3.214  -1.340  1.00 0.00 ? 60  LEU A C    1 
ATOM   884  O  O    . LEU A 1 60 ? -14.127 -3.388  -1.387  1.00 0.00 ? 60  LEU A O    1 
ATOM   885  C  CB   . LEU A 1 60 ? -12.340 -4.866  -3.214  1.00 0.00 ? 60  LEU A CB   1 
ATOM   886  C  CG   . LEU A 1 60 ? -13.128 -6.177  -3.190  1.00 0.00 ? 60  LEU A CG   1 
ATOM   887  C  CD1  . LEU A 1 60 ? -14.298 -6.132  -4.175  1.00 0.00 ? 60  LEU A CD1  1 
ATOM   888  C  CD2  . LEU A 1 60 ? -12.208 -7.373  -3.448  1.00 0.00 ? 60  LEU A CD2  1 
ATOM   889  H  H    . LEU A 1 60 ? -11.829 -6.279  -1.238  1.00 0.00 ? 60  LEU A H    1 
ATOM   890  H  HA   . LEU A 1 60 ? -10.961 -3.850  -1.957  1.00 0.00 ? 60  LEU A HA   1 
ATOM   891  H  HB2  . LEU A 1 60 ? -12.932 -4.119  -3.745  1.00 0.00 ? 60  LEU A HB2  1 
ATOM   892  H  HB3  . LEU A 1 60 ? -11.430 -5.021  -3.794  1.00 0.00 ? 60  LEU A HB3  1 
ATOM   893  H  HG   . LEU A 1 60 ? -13.550 -6.304  -2.194  1.00 0.00 ? 60  LEU A HG   1 
ATOM   894  H  HD11 . LEU A 1 60 ? -14.133 -5.335  -4.900  1.00 0.00 ? 60  LEU A HD11 1 
ATOM   895  H  HD12 . LEU A 1 60 ? -14.373 -7.087  -4.694  1.00 0.00 ? 60  LEU A HD12 1 
ATOM   896  H  HD13 . LEU A 1 60 ? -15.224 -5.942  -3.630  1.00 0.00 ? 60  LEU A HD13 1 
ATOM   897  H  HD21 . LEU A 1 60 ? -12.558 -7.918  -4.324  1.00 0.00 ? 60  LEU A HD21 1 
ATOM   898  H  HD22 . LEU A 1 60 ? -11.193 -7.019  -3.620  1.00 0.00 ? 60  LEU A HD22 1 
ATOM   899  H  HD23 . LEU A 1 60 ? -12.222 -8.033  -2.581  1.00 0.00 ? 60  LEU A HD23 1 
ATOM   900  N  N    . ALA A 1 61 ? -12.325 -2.126  -0.863  1.00 0.00 ? 61  ALA A N    1 
ATOM   901  C  CA   . ALA A 1 61 ? -13.112 -1.020  -0.344  1.00 0.00 ? 61  ALA A CA   1 
ATOM   902  C  C    . ALA A 1 61 ? -13.661 -0.198  -1.512  1.00 0.00 ? 61  ALA A C    1 
ATOM   903  O  O    . ALA A 1 61 ? -12.956 0.643   -2.068  1.00 0.00 ? 61  ALA A O    1 
ATOM   904  C  CB   . ALA A 1 61 ? -12.253 -0.182  0.606   1.00 0.00 ? 61  ALA A CB   1 
ATOM   905  H  H    . ALA A 1 61 ? -11.335 -1.992  -0.827  1.00 0.00 ? 61  ALA A H    1 
ATOM   906  H  HA   . ALA A 1 61 ? -13.947 -1.442  0.217   1.00 0.00 ? 61  ALA A HA   1 
ATOM   907  H  HB1  . ALA A 1 61 ? -12.866 0.599   1.056   1.00 0.00 ? 61  ALA A HB1  1 
ATOM   908  H  HB2  . ALA A 1 61 ? -11.848 -0.823  1.390   1.00 0.00 ? 61  ALA A HB2  1 
ATOM   909  H  HB3  . ALA A 1 61 ? -11.435 0.273   0.049   1.00 0.00 ? 61  ALA A HB3  1 
ATOM   910  N  N    . ILE A 1 62 ? -14.913 -0.470  -1.847  1.00 0.00 ? 62  ILE A N    1 
ATOM   911  C  CA   . ILE A 1 62 ? -15.565 0.235   -2.939  1.00 0.00 ? 62  ILE A CA   1 
ATOM   912  C  C    . ILE A 1 62 ? -15.789 1.694   -2.537  1.00 0.00 ? 62  ILE A C    1 
ATOM   913  O  O    . ILE A 1 62 ? -15.509 2.605   -3.314  1.00 0.00 ? 62  ILE A O    1 
ATOM   914  C  CB   . ILE A 1 62 ? -16.845 -0.491  -3.357  1.00 0.00 ? 62  ILE A CB   1 
ATOM   915  C  CG1  . ILE A 1 62 ? -16.575 -1.975  -3.614  1.00 0.00 ? 62  ILE A CG1  1 
ATOM   916  C  CG2  . ILE A 1 62 ? -17.494 0.190   -4.563  1.00 0.00 ? 62  ILE A CG2  1 
ATOM   917  C  CD1  . ILE A 1 62 ? -16.069 -2.201  -5.040  1.00 0.00 ? 62  ILE A CD1  1 
ATOM   918  H  H    . ILE A 1 62 ? -15.479 -1.155  -1.390  1.00 0.00 ? 62  ILE A H    1 
ATOM   919  H  HA   . ILE A 1 62 ? -14.888 0.211   -3.793  1.00 0.00 ? 62  ILE A HA   1 
ATOM   920  H  HB   . ILE A 1 62 ? -17.556 -0.432  -2.533  1.00 0.00 ? 62  ILE A HB   1 
ATOM   921  H  HG12 . ILE A 1 62 ? -15.838 -2.344  -2.900  1.00 0.00 ? 62  ILE A HG12 1 
ATOM   922  H  HG13 . ILE A 1 62 ? -17.488 -2.549  -3.453  1.00 0.00 ? 62  ILE A HG13 1 
ATOM   923  H  HG21 . ILE A 1 62 ? -16.717 0.565   -5.229  1.00 0.00 ? 62  ILE A HG21 1 
ATOM   924  H  HG22 . ILE A 1 62 ? -18.115 -0.529  -5.097  1.00 0.00 ? 62  ILE A HG22 1 
ATOM   925  H  HG23 . ILE A 1 62 ? -18.111 1.021   -4.222  1.00 0.00 ? 62  ILE A HG23 1 
ATOM   926  H  HD11 . ILE A 1 62 ? -16.914 -2.403  -5.698  1.00 0.00 ? 62  ILE A HD11 1 
ATOM   927  H  HD12 . ILE A 1 62 ? -15.545 -1.310  -5.386  1.00 0.00 ? 62  ILE A HD12 1 
ATOM   928  H  HD13 . ILE A 1 62 ? -15.387 -3.052  -5.054  1.00 0.00 ? 62  ILE A HD13 1 
ATOM   929  N  N    . ALA A 1 63 ? -16.292 1.870   -1.324  1.00 0.00 ? 63  ALA A N    1 
ATOM   930  C  CA   . ALA A 1 63 ? -16.556 3.203   -0.809  1.00 0.00 ? 63  ALA A CA   1 
ATOM   931  C  C    . ALA A 1 63 ? -15.242 3.982   -0.725  1.00 0.00 ? 63  ALA A C    1 
ATOM   932  O  O    . ALA A 1 63 ? -14.378 3.663   0.091   1.00 0.00 ? 63  ALA A O    1 
ATOM   933  C  CB   . ALA A 1 63 ? -17.259 3.096   0.545   1.00 0.00 ? 63  ALA A CB   1 
ATOM   934  H  H    . ALA A 1 63 ? -16.517 1.123   -0.698  1.00 0.00 ? 63  ALA A H    1 
ATOM   935  H  HA   . ALA A 1 63 ? -17.222 3.704   -1.512  1.00 0.00 ? 63  ALA A HA   1 
ATOM   936  H  HB1  . ALA A 1 63 ? -18.276 3.480   0.457   1.00 0.00 ? 63  ALA A HB1  1 
ATOM   937  H  HB2  . ALA A 1 63 ? -17.291 2.053   0.858   1.00 0.00 ? 63  ALA A HB2  1 
ATOM   938  H  HB3  . ALA A 1 63 ? -16.713 3.682   1.285   1.00 0.00 ? 63  ALA A HB3  1 
ATOM   939  N  N    . PRO A 1 64 ? -15.129 5.016   -1.601  1.00 0.00 ? 64  PRO A N    1 
ATOM   940  C  CA   . PRO A 1 64 ? -13.936 5.844   -1.632  1.00 0.00 ? 64  PRO A CA   1 
ATOM   941  C  C    . PRO A 1 64 ? -13.902 6.804   -0.442  1.00 0.00 ? 64  PRO A C    1 
ATOM   942  O  O    . PRO A 1 64 ? -14.927 7.374   -0.071  1.00 0.00 ? 64  PRO A O    1 
ATOM   943  C  CB   . PRO A 1 64 ? -13.990 6.561   -2.972  1.00 0.00 ? 64  PRO A CB   1 
ATOM   944  C  CG   . PRO A 1 64 ? -15.434 6.467   -3.437  1.00 0.00 ? 64  PRO A CG   1 
ATOM   945  C  CD   . PRO A 1 64 ? -16.133 5.423   -2.581  1.00 0.00 ? 64  PRO A CD   1 
ATOM   946  H  HA   . PRO A 1 64 ? -13.118 5.276   -1.549  1.00 0.00 ? 64  PRO A HA   1 
ATOM   947  H  HB2  . PRO A 1 64 ? -13.679 7.600   -2.871  1.00 0.00 ? 64  PRO A HB2  1 
ATOM   948  H  HB3  . PRO A 1 64 ? -13.317 6.095   -3.692  1.00 0.00 ? 64  PRO A HB3  1 
ATOM   949  H  HG2  . PRO A 1 64 ? -15.929 7.433   -3.342  1.00 0.00 ? 64  PRO A HG2  1 
ATOM   950  H  HG3  . PRO A 1 64 ? -15.478 6.187   -4.490  1.00 0.00 ? 64  PRO A HG3  1 
ATOM   951  H  HD2  . PRO A 1 64 ? -17.017 5.838   -2.094  1.00 0.00 ? 64  PRO A HD2  1 
ATOM   952  H  HD3  . PRO A 1 64 ? -16.466 4.577   -3.181  1.00 0.00 ? 64  PRO A HD3  1 
ATOM   953  N  N    . GLY A 1 65 ? -12.714 6.953   0.124   1.00 0.00 ? 65  GLY A N    1 
ATOM   954  C  CA   . GLY A 1 65 ? -12.533 7.833   1.266   1.00 0.00 ? 65  GLY A CA   1 
ATOM   955  C  C    . GLY A 1 65 ? -11.158 7.628   1.904   1.00 0.00 ? 65  GLY A C    1 
ATOM   956  O  O    . GLY A 1 65 ? -10.304 8.513   1.844   1.00 0.00 ? 65  GLY A O    1 
ATOM   957  H  H    . GLY A 1 65 ? -11.885 6.484   -0.184  1.00 0.00 ? 65  GLY A H    1 
ATOM   958  H  HA2  . GLY A 1 65 ? -12.641 8.871   0.949   1.00 0.00 ? 65  GLY A HA2  1 
ATOM   959  H  HA3  . GLY A 1 65 ? -13.313 7.642   2.003   1.00 0.00 ? 65  GLY A HA3  1 
ATOM   960  N  N    . SER A 1 66 ? -10.985 6.458   2.499   1.00 0.00 ? 66  SER A N    1 
ATOM   961  C  CA   . SER A 1 66 ? -9.728  6.126   3.148   1.00 0.00 ? 66  SER A CA   1 
ATOM   962  C  C    . SER A 1 66 ? -9.793  4.710   3.722   1.00 0.00 ? 66  SER A C    1 
ATOM   963  O  O    . SER A 1 66 ? -10.312 4.504   4.818   1.00 0.00 ? 66  SER A O    1 
ATOM   964  C  CB   . SER A 1 66 ? -9.395  7.132   4.251   1.00 0.00 ? 66  SER A CB   1 
ATOM   965  O  OG   . SER A 1 66 ? -8.095  6.918   4.795   1.00 0.00 ? 66  SER A OG   1 
ATOM   966  H  H    . SER A 1 66 ? -11.685 5.744   2.544   1.00 0.00 ? 66  SER A H    1 
ATOM   967  H  HA   . SER A 1 66 ? -8.974  6.186   2.364   1.00 0.00 ? 66  SER A HA   1 
ATOM   968  H  HB2  . SER A 1 66 ? -9.460  8.144   3.851   1.00 0.00 ? 66  SER A HB2  1 
ATOM   969  H  HB3  . SER A 1 66 ? -10.137 7.056   5.047   1.00 0.00 ? 66  SER A HB3  1 
ATOM   970  H  HG   . SER A 1 66 ? -8.164  6.679   5.763   1.00 0.00 ? 66  SER A HG   1 
ATOM   971  N  N    . PHE A 1 67 ? -9.259  3.770   2.957   1.00 0.00 ? 67  PHE A N    1 
ATOM   972  C  CA   . PHE A 1 67 ? -9.250  2.378   3.376   1.00 0.00 ? 67  PHE A CA   1 
ATOM   973  C  C    . PHE A 1 67 ? -8.991  2.261   4.878   1.00 0.00 ? 67  PHE A C    1 
ATOM   974  O  O    . PHE A 1 67 ? -9.929  2.200   5.672   1.00 0.00 ? 67  PHE A O    1 
ATOM   975  C  CB   . PHE A 1 67 ? -8.113  1.690   2.618   1.00 0.00 ? 67  PHE A CB   1 
ATOM   976  C  CG   . PHE A 1 67 ? -8.563  0.954   1.354   1.00 0.00 ? 67  PHE A CG   1 
ATOM   977  C  CD1  . PHE A 1 67 ? -8.615  1.613   0.166   1.00 0.00 ? 67  PHE A CD1  1 
ATOM   978  C  CD2  . PHE A 1 67 ? -8.910  -0.359  1.419   1.00 0.00 ? 67  PHE A CD2  1 
ATOM   979  C  CE1  . PHE A 1 67 ? -9.033  0.931   -1.007  1.00 0.00 ? 67  PHE A CE1  1 
ATOM   980  C  CE2  . PHE A 1 67 ? -9.327  -1.042  0.247   1.00 0.00 ? 67  PHE A CE2  1 
ATOM   981  C  CZ   . PHE A 1 67 ? -9.379  -0.383  -0.942  1.00 0.00 ? 67  PHE A CZ   1 
ATOM   982  H  H    . PHE A 1 67 ? -8.838  3.945   2.066   1.00 0.00 ? 67  PHE A H    1 
ATOM   983  H  HA   . PHE A 1 67 ? -10.231 1.965   3.145   1.00 0.00 ? 67  PHE A HA   1 
ATOM   984  H  HB2  . PHE A 1 67 ? -7.367  2.437   2.346   1.00 0.00 ? 67  PHE A HB2  1 
ATOM   985  H  HB3  . PHE A 1 67 ? -7.623  0.980   3.284   1.00 0.00 ? 67  PHE A HB3  1 
ATOM   986  H  HD1  . PHE A 1 67 ? -8.337  2.666   0.114   1.00 0.00 ? 67  PHE A HD1  1 
ATOM   987  H  HD2  . PHE A 1 67 ? -8.868  -0.888  2.372   1.00 0.00 ? 67  PHE A HD2  1 
ATOM   988  H  HE1  . PHE A 1 67 ? -9.075  1.459   -1.959  1.00 0.00 ? 67  PHE A HE1  1 
ATOM   989  H  HE2  . PHE A 1 67 ? -9.605  -2.095  0.299   1.00 0.00 ? 67  PHE A HE2  1 
ATOM   990  H  HZ   . PHE A 1 67 ? -9.700  -0.908  -1.842  1.00 0.00 ? 67  PHE A HZ   1 
ATOM   991  N  N    . TYR A 1 68 ? -7.712  2.231   5.226   1.00 0.00 ? 68  TYR A N    1 
ATOM   992  C  CA   . TYR A 1 68 ? -7.317  2.122   6.620   1.00 0.00 ? 68  TYR A CA   1 
ATOM   993  C  C    . TYR A 1 68 ? -5.809  2.318   6.779   1.00 0.00 ? 68  TYR A C    1 
ATOM   994  O  O    . TYR A 1 68 ? -5.088  2.447   5.791   1.00 0.00 ? 68  TYR A O    1 
ATOM   995  C  CB   . TYR A 1 68 ? -7.683  0.700   7.051   1.00 0.00 ? 68  TYR A CB   1 
ATOM   996  C  CG   . TYR A 1 68 ? -7.272  -0.379  6.048   1.00 0.00 ? 68  TYR A CG   1 
ATOM   997  C  CD1  . TYR A 1 68 ? -5.937  -0.645  5.828   1.00 0.00 ? 68  TYR A CD1  1 
ATOM   998  C  CD2  . TYR A 1 68 ? -8.239  -1.087  5.362   1.00 0.00 ? 68  TYR A CD2  1 
ATOM   999  C  CE1  . TYR A 1 68 ? -5.550  -1.662  4.883   1.00 0.00 ? 68  TYR A CE1  1 
ATOM   1000 C  CE2  . TYR A 1 68 ? -7.853  -2.104  4.417   1.00 0.00 ? 68  TYR A CE2  1 
ATOM   1001 C  CZ   . TYR A 1 68 ? -6.528  -2.341  4.225   1.00 0.00 ? 68  TYR A CZ   1 
ATOM   1002 O  OH   . TYR A 1 68 ? -6.163  -3.300  3.333   1.00 0.00 ? 68  TYR A OH   1 
ATOM   1003 H  H    . TYR A 1 68 ? -6.955  2.281   4.575   1.00 0.00 ? 68  TYR A H    1 
ATOM   1004 H  HA   . TYR A 1 68 ? -7.838  2.899   7.179   1.00 0.00 ? 68  TYR A HA   1 
ATOM   1005 H  HB2  . TYR A 1 68 ? -7.210  0.489   8.010   1.00 0.00 ? 68  TYR A HB2  1 
ATOM   1006 H  HB3  . TYR A 1 68 ? -8.760  0.645   7.208   1.00 0.00 ? 68  TYR A HB3  1 
ATOM   1007 H  HD1  . TYR A 1 68 ? -5.173  -0.087  6.370   1.00 0.00 ? 68  TYR A HD1  1 
ATOM   1008 H  HD2  . TYR A 1 68 ? -9.295  -0.877  5.536   1.00 0.00 ? 68  TYR A HD2  1 
ATOM   1009 H  HE1  . TYR A 1 68 ? -4.499  -1.882  4.700   1.00 0.00 ? 68  TYR A HE1  1 
ATOM   1010 H  HE2  . TYR A 1 68 ? -8.606  -2.670  3.869   1.00 0.00 ? 68  TYR A HE2  1 
ATOM   1011 H  HH   . TYR A 1 68 ? -5.293  -3.709  3.606   1.00 0.00 ? 68  TYR A HH   1 
ATOM   1012 N  N    . SER A 1 69 ? -5.375  2.335   8.032   1.00 0.00 ? 69  SER A N    1 
ATOM   1013 C  CA   . SER A 1 69 ? -3.965  2.514   8.333   1.00 0.00 ? 69  SER A CA   1 
ATOM   1014 C  C    . SER A 1 69 ? -3.436  1.298   9.096   1.00 0.00 ? 69  SER A C    1 
ATOM   1015 O  O    . SER A 1 69 ? -4.211  0.530   9.662   1.00 0.00 ? 69  SER A O    1 
ATOM   1016 C  CB   . SER A 1 69 ? -3.733  3.791   9.142   1.00 0.00 ? 69  SER A CB   1 
ATOM   1017 O  OG   . SER A 1 69 ? -4.889  4.173   9.882   1.00 0.00 ? 69  SER A OG   1 
ATOM   1018 H  H    . SER A 1 69 ? -5.968  2.231   8.829   1.00 0.00 ? 69  SER A H    1 
ATOM   1019 H  HA   . SER A 1 69 ? -3.472  2.603   7.366   1.00 0.00 ? 69  SER A HA   1 
ATOM   1020 H  HB2  . SER A 1 69 ? -2.899  3.639   9.828   1.00 0.00 ? 69  SER A HB2  1 
ATOM   1021 H  HB3  . SER A 1 69 ? -3.449  4.600   8.470   1.00 0.00 ? 69  SER A HB3  1 
ATOM   1022 H  HG   . SER A 1 69 ? -4.760  5.083   10.275  1.00 0.00 ? 69  SER A HG   1 
ATOM   1023 N  N    . VAL A 1 70 ? -2.118  1.162   9.087   1.00 0.00 ? 70  VAL A N    1 
ATOM   1024 C  CA   . VAL A 1 70 ? -1.475  0.054   9.771   1.00 0.00 ? 70  VAL A CA   1 
ATOM   1025 C  C    . VAL A 1 70 ? -0.050  0.454   10.157  1.00 0.00 ? 70  VAL A C    1 
ATOM   1026 O  O    . VAL A 1 70 ? 0.658   1.077   9.368   1.00 0.00 ? 70  VAL A O    1 
ATOM   1027 C  CB   . VAL A 1 70 ? -1.527  -1.202  8.897   1.00 0.00 ? 70  VAL A CB   1 
ATOM   1028 C  CG1  . VAL A 1 70 ? -2.911  -1.850  8.951   1.00 0.00 ? 70  VAL A CG1  1 
ATOM   1029 C  CG2  . VAL A 1 70 ? -1.127  -0.882  7.455   1.00 0.00 ? 70  VAL A CG2  1 
ATOM   1030 H  H    . VAL A 1 70 ? -1.493  1.792   8.625   1.00 0.00 ? 70  VAL A H    1 
ATOM   1031 H  HA   . VAL A 1 70 ? -2.042  -0.146  10.681  1.00 0.00 ? 70  VAL A HA   1 
ATOM   1032 H  HB   . VAL A 1 70 ? -0.806  -1.917  9.294   1.00 0.00 ? 70  VAL A HB   1 
ATOM   1033 H  HG11 . VAL A 1 70 ? -3.308  -1.776  9.964   1.00 0.00 ? 70  VAL A HG11 1 
ATOM   1034 H  HG12 . VAL A 1 70 ? -3.580  -1.339  8.259   1.00 0.00 ? 70  VAL A HG12 1 
ATOM   1035 H  HG13 . VAL A 1 70 ? -2.831  -2.901  8.669   1.00 0.00 ? 70  VAL A HG13 1 
ATOM   1036 H  HG21 . VAL A 1 70 ? -1.961  -0.401  6.945   1.00 0.00 ? 70  VAL A HG21 1 
ATOM   1037 H  HG22 . VAL A 1 70 ? -0.267  -0.211  7.456   1.00 0.00 ? 70  VAL A HG22 1 
ATOM   1038 H  HG23 . VAL A 1 70 ? -0.867  -1.806  6.937   1.00 0.00 ? 70  VAL A HG23 1 
ATOM   1039 N  N    . THR A 1 71 ? 0.328   0.081   11.371  1.00 0.00 ? 71  THR A N    1 
ATOM   1040 C  CA   . THR A 1 71 ? 1.656   0.394   11.871  1.00 0.00 ? 71  THR A CA   1 
ATOM   1041 C  C    . THR A 1 71 ? 2.611   -0.773  11.614  1.00 0.00 ? 71  THR A C    1 
ATOM   1042 O  O    . THR A 1 71 ? 2.204   -1.933  11.649  1.00 0.00 ? 71  THR A O    1 
ATOM   1043 C  CB   . THR A 1 71 ? 1.529   0.760   13.350  1.00 0.00 ? 71  THR A CB   1 
ATOM   1044 O  OG1  . THR A 1 71 ? 1.101   2.120   13.336  1.00 0.00 ? 71  THR A OG1  1 
ATOM   1045 C  CG2  . THR A 1 71 ? 2.884   0.805   14.061  1.00 0.00 ? 71  THR A CG2  1 
ATOM   1046 H  H    . THR A 1 71 ? -0.255  -0.426  12.006  1.00 0.00 ? 71  THR A H    1 
ATOM   1047 H  HA   . THR A 1 71 ? 2.039   1.249   11.315  1.00 0.00 ? 71  THR A HA   1 
ATOM   1048 H  HB   . THR A 1 71 ? 0.843   0.086   13.861  1.00 0.00 ? 71  THR A HB   1 
ATOM   1049 H  HG1  . THR A 1 71 ? 0.140   2.179   13.607  1.00 0.00 ? 71  THR A HG1  1 
ATOM   1050 H  HG21 . THR A 1 71 ? 2.978   -0.062  14.716  1.00 0.00 ? 71  THR A HG21 1 
ATOM   1051 H  HG22 . THR A 1 71 ? 3.683   0.789   13.320  1.00 0.00 ? 71  THR A HG22 1 
ATOM   1052 H  HG23 . THR A 1 71 ? 2.954   1.716   14.654  1.00 0.00 ? 71  THR A HG23 1 
ATOM   1053 N  N    . LEU A 1 72 ? 3.865   -0.425  11.361  1.00 0.00 ? 72  LEU A N    1 
ATOM   1054 C  CA   . LEU A 1 72 ? 4.881   -1.429  11.097  1.00 0.00 ? 72  LEU A CA   1 
ATOM   1055 C  C    . LEU A 1 72 ? 6.039   -1.248  12.081  1.00 0.00 ? 72  LEU A C    1 
ATOM   1056 O  O    . LEU A 1 72 ? 6.066   -0.279  12.840  1.00 0.00 ? 72  LEU A O    1 
ATOM   1057 C  CB   . LEU A 1 72 ? 5.310   -1.385  9.629   1.00 0.00 ? 72  LEU A CB   1 
ATOM   1058 C  CG   . LEU A 1 72 ? 4.269   -1.858  8.612   1.00 0.00 ? 72  LEU A CG   1 
ATOM   1059 C  CD1  . LEU A 1 72 ? 4.681   -1.476  7.189   1.00 0.00 ? 72  LEU A CD1  1 
ATOM   1060 C  CD2  . LEU A 1 72 ? 4.010   -3.359  8.750   1.00 0.00 ? 72  LEU A CD2  1 
ATOM   1061 H  H    . LEU A 1 72 ? 4.187   0.521   11.334  1.00 0.00 ? 72  LEU A H    1 
ATOM   1062 H  HA   . LEU A 1 72 ? 4.429   -2.406  11.272  1.00 0.00 ? 72  LEU A HA   1 
ATOM   1063 H  HB2  . LEU A 1 72 ? 5.591   -0.361  9.383   1.00 0.00 ? 72  LEU A HB2  1 
ATOM   1064 H  HB3  . LEU A 1 72 ? 6.205   -1.997  9.514   1.00 0.00 ? 72  LEU A HB3  1 
ATOM   1065 H  HG   . LEU A 1 72 ? 3.330   -1.347  8.823   1.00 0.00 ? 72  LEU A HG   1 
ATOM   1066 H  HD11 . LEU A 1 72 ? 5.724   -1.156  7.185   1.00 0.00 ? 72  LEU A HD11 1 
ATOM   1067 H  HD12 . LEU A 1 72 ? 4.563   -2.338  6.532   1.00 0.00 ? 72  LEU A HD12 1 
ATOM   1068 H  HD13 . LEU A 1 72 ? 4.051   -0.661  6.834   1.00 0.00 ? 72  LEU A HD13 1 
ATOM   1069 H  HD21 . LEU A 1 72 ? 4.364   -3.873  7.857   1.00 0.00 ? 72  LEU A HD21 1 
ATOM   1070 H  HD22 . LEU A 1 72 ? 4.539   -3.741  9.623   1.00 0.00 ? 72  LEU A HD22 1 
ATOM   1071 H  HD23 . LEU A 1 72 ? 2.940   -3.533  8.869   1.00 0.00 ? 72  LEU A HD23 1 
ATOM   1072 N  N    . GLY A 1 73 ? 6.965   -2.193  12.037  1.00 0.00 ? 73  GLY A N    1 
ATOM   1073 C  CA   . GLY A 1 73 ? 8.122   -2.149  12.916  1.00 0.00 ? 73  GLY A CA   1 
ATOM   1074 C  C    . GLY A 1 73 ? 9.313   -2.879  12.291  1.00 0.00 ? 73  GLY A C    1 
ATOM   1075 O  O    . GLY A 1 73 ? 10.438  -2.381  12.326  1.00 0.00 ? 73  GLY A O    1 
ATOM   1076 H  H    . GLY A 1 73 ? 6.935   -2.976  11.417  1.00 0.00 ? 73  GLY A H    1 
ATOM   1077 H  HA2  . GLY A 1 73 ? 8.391   -1.112  13.118  1.00 0.00 ? 73  GLY A HA2  1 
ATOM   1078 H  HA3  . GLY A 1 73 ? 7.873   -2.606  13.873  1.00 0.00 ? 73  GLY A HA3  1 
ATOM   1079 N  N    . THR A 1 74 ? 9.025   -4.046  11.733  1.00 0.00 ? 74  THR A N    1 
ATOM   1080 C  CA   . THR A 1 74 ? 10.059  -4.848  11.101  1.00 0.00 ? 74  THR A CA   1 
ATOM   1081 C  C    . THR A 1 74 ? 10.820  -4.017  10.066  1.00 0.00 ? 74  THR A C    1 
ATOM   1082 O  O    . THR A 1 74 ? 10.220  -3.457  9.150   1.00 0.00 ? 74  THR A O    1 
ATOM   1083 C  CB   . THR A 1 74 ? 9.396   -6.094  10.511  1.00 0.00 ? 74  THR A CB   1 
ATOM   1084 O  OG1  . THR A 1 74 ? 9.548   -7.082  11.527  1.00 0.00 ? 74  THR A OG1  1 
ATOM   1085 C  CG2  . THR A 1 74 ? 10.170  -6.661  9.320   1.00 0.00 ? 74  THR A CG2  1 
ATOM   1086 H  H    . THR A 1 74 ? 8.108   -4.442  11.708  1.00 0.00 ? 74  THR A H    1 
ATOM   1087 H  HA   . THR A 1 74 ? 10.778  -5.144  11.864  1.00 0.00 ? 74  THR A HA   1 
ATOM   1088 H  HB   . THR A 1 74 ? 8.359   -5.891  10.241  1.00 0.00 ? 74  THR A HB   1 
ATOM   1089 H  HG1  . THR A 1 74 ? 8.662   -7.277  11.948  1.00 0.00 ? 74  THR A HG1  1 
ATOM   1090 H  HG21 . THR A 1 74 ? 9.615   -7.495  8.890   1.00 0.00 ? 74  THR A HG21 1 
ATOM   1091 H  HG22 . THR A 1 74 ? 10.300  -5.884  8.567   1.00 0.00 ? 74  THR A HG22 1 
ATOM   1092 H  HG23 . THR A 1 74 ? 11.148  -7.010  9.655   1.00 0.00 ? 74  THR A HG23 1 
ATOM   1093 N  N    . PRO A 1 75 ? 12.167  -3.963  10.250  1.00 0.00 ? 75  PRO A N    1 
ATOM   1094 C  CA   . PRO A 1 75 ? 13.017  -3.211  9.344   1.00 0.00 ? 75  PRO A CA   1 
ATOM   1095 C  C    . PRO A 1 75 ? 13.194  -3.951  8.017   1.00 0.00 ? 75  PRO A C    1 
ATOM   1096 O  O    . PRO A 1 75 ? 13.313  -5.175  7.995   1.00 0.00 ? 75  PRO A O    1 
ATOM   1097 C  CB   . PRO A 1 75 ? 14.323  -3.020  10.096  1.00 0.00 ? 75  PRO A CB   1 
ATOM   1098 C  CG   . PRO A 1 75 ? 14.325  -4.064  11.200  1.00 0.00 ? 75  PRO A CG   1 
ATOM   1099 C  CD   . PRO A 1 75 ? 12.913  -4.614  11.323  1.00 0.00 ? 75  PRO A CD   1 
ATOM   1100 H  HA   . PRO A 1 75 ? 12.590  -2.335  9.113   1.00 0.00 ? 75  PRO A HA   1 
ATOM   1101 H  HB2  . PRO A 1 75 ? 15.178  -3.151  9.433   1.00 0.00 ? 75  PRO A HB2  1 
ATOM   1102 H  HB3  . PRO A 1 75 ? 14.393  -2.014  10.509  1.00 0.00 ? 75  PRO A HB3  1 
ATOM   1103 H  HG2  . PRO A 1 75 ? 15.027  -4.863  10.970  1.00 0.00 ? 75  PRO A HG2  1 
ATOM   1104 H  HG3  . PRO A 1 75 ? 14.645  -3.620  12.144  1.00 0.00 ? 75  PRO A HG3  1 
ATOM   1105 H  HD2  . PRO A 1 75 ? 12.900  -5.698  11.213  1.00 0.00 ? 75  PRO A HD2  1 
ATOM   1106 H  HD3  . PRO A 1 75 ? 12.482  -4.387  12.298  1.00 0.00 ? 75  PRO A HD3  1 
ATOM   1107 N  N    . GLY A 1 76 ? 13.205  -3.178  6.941   1.00 0.00 ? 76  GLY A N    1 
ATOM   1108 C  CA   . GLY A 1 76 ? 13.365  -3.745  5.612   1.00 0.00 ? 76  GLY A CA   1 
ATOM   1109 C  C    . GLY A 1 76 ? 12.472  -3.027  4.598   1.00 0.00 ? 76  GLY A C    1 
ATOM   1110 O  O    . GLY A 1 76 ? 11.763  -2.085  4.948   1.00 0.00 ? 76  GLY A O    1 
ATOM   1111 H  H    . GLY A 1 76 ? 13.107  -2.182  6.967   1.00 0.00 ? 76  GLY A H    1 
ATOM   1112 H  HA2  . GLY A 1 76 ? 14.408  -3.666  5.303   1.00 0.00 ? 76  GLY A HA2  1 
ATOM   1113 H  HA3  . GLY A 1 76 ? 13.118  -4.806  5.635   1.00 0.00 ? 76  GLY A HA3  1 
ATOM   1114 N  N    . THR A 1 77 ? 12.535  -3.501  3.363   1.00 0.00 ? 77  THR A N    1 
ATOM   1115 C  CA   . THR A 1 77 ? 11.740  -2.917  2.296   1.00 0.00 ? 77  THR A CA   1 
ATOM   1116 C  C    . THR A 1 77 ? 10.559  -3.827  1.952   1.00 0.00 ? 77  THR A C    1 
ATOM   1117 O  O    . THR A 1 77 ? 10.750  -4.977  1.561   1.00 0.00 ? 77  THR A O    1 
ATOM   1118 C  CB   . THR A 1 77 ? 12.668  -2.650  1.107   1.00 0.00 ? 77  THR A CB   1 
ATOM   1119 O  OG1  . THR A 1 77 ? 13.527  -1.610  1.565   1.00 0.00 ? 77  THR A OG1  1 
ATOM   1120 C  CG2  . THR A 1 77 ? 11.932  -2.030  -0.082  1.00 0.00 ? 77  THR A CG2  1 
ATOM   1121 H  H    . THR A 1 77 ? 13.115  -4.269  3.087   1.00 0.00 ? 77  THR A H    1 
ATOM   1122 H  HA   . THR A 1 77 ? 11.326  -1.975  2.652   1.00 0.00 ? 77  THR A HA   1 
ATOM   1123 H  HB   . THR A 1 77 ? 13.191  -3.560  0.811   1.00 0.00 ? 77  THR A HB   1 
ATOM   1124 H  HG1  . THR A 1 77 ? 14.007  -1.198  0.791   1.00 0.00 ? 77  THR A HG1  1 
ATOM   1125 H  HG21 . THR A 1 77 ? 12.634  -1.867  -0.899  1.00 0.00 ? 77  THR A HG21 1 
ATOM   1126 H  HG22 . THR A 1 77 ? 11.141  -2.704  -0.411  1.00 0.00 ? 77  THR A HG22 1 
ATOM   1127 H  HG23 . THR A 1 77 ? 11.496  -1.077  0.218   1.00 0.00 ? 77  THR A HG23 1 
ATOM   1128 N  N    . TYR A 1 78 ? 9.364   -3.275  2.110   1.00 0.00 ? 78  TYR A N    1 
ATOM   1129 C  CA   . TYR A 1 78 ? 8.152   -4.022  1.821   1.00 0.00 ? 78  TYR A CA   1 
ATOM   1130 C  C    . TYR A 1 78 ? 7.637   -3.709  0.414   1.00 0.00 ? 78  TYR A C    1 
ATOM   1131 O  O    . TYR A 1 78 ? 7.686   -2.562  -0.028  1.00 0.00 ? 78  TYR A O    1 
ATOM   1132 C  CB   . TYR A 1 78 ? 7.116   -3.556  2.846   1.00 0.00 ? 78  TYR A CB   1 
ATOM   1133 C  CG   . TYR A 1 78 ? 7.430   -3.975  4.284   1.00 0.00 ? 78  TYR A CG   1 
ATOM   1134 C  CD1  . TYR A 1 78 ? 8.577   -3.518  4.900   1.00 0.00 ? 78  TYR A CD1  1 
ATOM   1135 C  CD2  . TYR A 1 78 ? 6.567   -4.809  4.964   1.00 0.00 ? 78  TYR A CD2  1 
ATOM   1136 C  CE1  . TYR A 1 78 ? 8.873   -3.912  6.252   1.00 0.00 ? 78  TYR A CE1  1 
ATOM   1137 C  CE2  . TYR A 1 78 ? 6.862   -5.203  6.317   1.00 0.00 ? 78  TYR A CE2  1 
ATOM   1138 C  CZ   . TYR A 1 78 ? 8.001   -4.736  6.894   1.00 0.00 ? 78  TYR A CZ   1 
ATOM   1139 O  OH   . TYR A 1 78 ? 8.280   -5.108  8.172   1.00 0.00 ? 78  TYR A OH   1 
ATOM   1140 H  H    . TYR A 1 78 ? 9.218   -2.339  2.428   1.00 0.00 ? 78  TYR A H    1 
ATOM   1141 H  HA   . TYR A 1 78 ? 8.388   -5.084  1.886   1.00 0.00 ? 78  TYR A HA   1 
ATOM   1142 H  HB2  . TYR A 1 78 ? 7.040   -2.470  2.803   1.00 0.00 ? 78  TYR A HB2  1 
ATOM   1143 H  HB3  . TYR A 1 78 ? 6.140   -3.954  2.568   1.00 0.00 ? 78  TYR A HB3  1 
ATOM   1144 H  HD1  . TYR A 1 78 ? 9.260   -2.860  4.363   1.00 0.00 ? 78  TYR A HD1  1 
ATOM   1145 H  HD2  . TYR A 1 78 ? 5.660   -5.170  4.477   1.00 0.00 ? 78  TYR A HD2  1 
ATOM   1146 H  HE1  . TYR A 1 78 ? 9.776   -3.559  6.751   1.00 0.00 ? 78  TYR A HE1  1 
ATOM   1147 H  HE2  . TYR A 1 78 ? 6.188   -5.862  6.865   1.00 0.00 ? 78  TYR A HE2  1 
ATOM   1148 H  HH   . TYR A 1 78 ? 7.571   -4.770  8.790   1.00 0.00 ? 78  TYR A HH   1 
ATOM   1149 N  N    . SER A 1 79 ? 7.156   -4.750  -0.250  1.00 0.00 ? 79  SER A N    1 
ATOM   1150 C  CA   . SER A 1 79 ? 6.632   -4.600  -1.597  1.00 0.00 ? 79  SER A CA   1 
ATOM   1151 C  C    . SER A 1 79 ? 5.192   -5.112  -1.659  1.00 0.00 ? 79  SER A C    1 
ATOM   1152 O  O    . SER A 1 79 ? 4.843   -6.077  -0.980  1.00 0.00 ? 79  SER A O    1 
ATOM   1153 C  CB   . SER A 1 79 ? 7.504   -5.343  -2.612  1.00 0.00 ? 79  SER A CB   1 
ATOM   1154 O  OG   . SER A 1 79 ? 8.021   -6.561  -2.082  1.00 0.00 ? 79  SER A OG   1 
ATOM   1155 H  H    . SER A 1 79 ? 7.119   -5.679  0.117   1.00 0.00 ? 79  SER A H    1 
ATOM   1156 H  HA   . SER A 1 79 ? 6.667   -3.530  -1.803  1.00 0.00 ? 79  SER A HA   1 
ATOM   1157 H  HB2  . SER A 1 79 ? 6.917   -5.557  -3.505  1.00 0.00 ? 79  SER A HB2  1 
ATOM   1158 H  HB3  . SER A 1 79 ? 8.330   -4.702  -2.918  1.00 0.00 ? 79  SER A HB3  1 
ATOM   1159 H  HG   . SER A 1 79 ? 7.270   -7.143  -1.770  1.00 0.00 ? 79  SER A HG   1 
ATOM   1160 N  N    . PHE A 1 80 ? 4.395   -4.445  -2.479  1.00 0.00 ? 80  PHE A N    1 
ATOM   1161 C  CA   . PHE A 1 80 ? 3.000   -4.819  -2.638  1.00 0.00 ? 80  PHE A CA   1 
ATOM   1162 C  C    . PHE A 1 80 ? 2.526   -4.569  -4.072  1.00 0.00 ? 80  PHE A C    1 
ATOM   1163 O  O    . PHE A 1 80 ? 3.329   -4.258  -4.950  1.00 0.00 ? 80  PHE A O    1 
ATOM   1164 C  CB   . PHE A 1 80 ? 2.189   -3.941  -1.685  1.00 0.00 ? 80  PHE A CB   1 
ATOM   1165 C  CG   . PHE A 1 80 ? 2.525   -2.451  -1.773  1.00 0.00 ? 80  PHE A CG   1 
ATOM   1166 C  CD1  . PHE A 1 80 ? 3.736   -2.001  -1.348  1.00 0.00 ? 80  PHE A CD1  1 
ATOM   1167 C  CD2  . PHE A 1 80 ? 1.613   -1.577  -2.277  1.00 0.00 ? 80  PHE A CD2  1 
ATOM   1168 C  CE1  . PHE A 1 80 ? 4.048   -0.618  -1.430  1.00 0.00 ? 80  PHE A CE1  1 
ATOM   1169 C  CE2  . PHE A 1 80 ? 1.925   -0.194  -2.359  1.00 0.00 ? 80  PHE A CE2  1 
ATOM   1170 C  CZ   . PHE A 1 80 ? 3.136   0.256   -1.934  1.00 0.00 ? 80  PHE A CZ   1 
ATOM   1171 H  H    . PHE A 1 80 ? 4.687   -3.661  -3.028  1.00 0.00 ? 80  PHE A H    1 
ATOM   1172 H  HA   . PHE A 1 80 ? 2.923   -5.883  -2.413  1.00 0.00 ? 80  PHE A HA   1 
ATOM   1173 H  HB2  . PHE A 1 80 ? 1.128   -4.077  -1.896  1.00 0.00 ? 80  PHE A HB2  1 
ATOM   1174 H  HB3  . PHE A 1 80 ? 2.357   -4.281  -0.663  1.00 0.00 ? 80  PHE A HB3  1 
ATOM   1175 H  HD1  . PHE A 1 80 ? 4.467   -2.701  -0.944  1.00 0.00 ? 80  PHE A HD1  1 
ATOM   1176 H  HD2  . PHE A 1 80 ? 0.643   -1.937  -2.618  1.00 0.00 ? 80  PHE A HD2  1 
ATOM   1177 H  HE1  . PHE A 1 80 ? 5.018   -0.257  -1.089  1.00 0.00 ? 80  PHE A HE1  1 
ATOM   1178 H  HE2  . PHE A 1 80 ? 1.194   0.507   -2.763  1.00 0.00 ? 80  PHE A HE2  1 
ATOM   1179 H  HZ   . PHE A 1 80 ? 3.376   1.318   -1.997  1.00 0.00 ? 80  PHE A HZ   1 
ATOM   1180 N  N    . TYR A 1 81 ? 1.223   -4.716  -4.263  1.00 0.00 ? 81  TYR A N    1 
ATOM   1181 C  CA   . TYR A 1 81 ? 0.632   -4.510  -5.575  1.00 0.00 ? 81  TYR A CA   1 
ATOM   1182 C  C    . TYR A 1 81 ? -0.896  -4.540  -5.498  1.00 0.00 ? 81  TYR A C    1 
ATOM   1183 O  O    . TYR A 1 81 ? -1.463  -4.979  -4.498  1.00 0.00 ? 81  TYR A O    1 
ATOM   1184 C  CB   . TYR A 1 81 ? 1.109   -5.678  -6.441  1.00 0.00 ? 81  TYR A CB   1 
ATOM   1185 C  CG   . TYR A 1 81 ? 0.627   -7.048  -5.960  1.00 0.00 ? 81  TYR A CG   1 
ATOM   1186 C  CD1  . TYR A 1 81 ? -0.688  -7.421  -6.149  1.00 0.00 ? 81  TYR A CD1  1 
ATOM   1187 C  CD2  . TYR A 1 81 ? 1.506   -7.910  -5.337  1.00 0.00 ? 81  TYR A CD2  1 
ATOM   1188 C  CE1  . TYR A 1 81 ? -1.142  -8.711  -5.697  1.00 0.00 ? 81  TYR A CE1  1 
ATOM   1189 C  CE2  . TYR A 1 81 ? 1.053   -9.199  -4.885  1.00 0.00 ? 81  TYR A CE2  1 
ATOM   1190 C  CZ   . TYR A 1 81 ? -0.249  -9.536  -5.087  1.00 0.00 ? 81  TYR A CZ   1 
ATOM   1191 O  OH   . TYR A 1 81 ? -0.678  -10.754 -4.660  1.00 0.00 ? 81  TYR A OH   1 
ATOM   1192 H  H    . TYR A 1 81 ? 0.576   -4.971  -3.543  1.00 0.00 ? 81  TYR A H    1 
ATOM   1193 H  HA   . TYR A 1 81 ? 0.951   -3.534  -5.938  1.00 0.00 ? 81  TYR A HA   1 
ATOM   1194 H  HB2  . TYR A 1 81 ? 0.767   -5.522  -7.463  1.00 0.00 ? 81  TYR A HB2  1 
ATOM   1195 H  HB3  . TYR A 1 81 ? 2.200   -5.676  -6.465  1.00 0.00 ? 81  TYR A HB3  1 
ATOM   1196 H  HD1  . TYR A 1 81 ? -1.382  -6.740  -6.641  1.00 0.00 ? 81  TYR A HD1  1 
ATOM   1197 H  HD2  . TYR A 1 81 ? 2.545   -7.614  -5.188  1.00 0.00 ? 81  TYR A HD2  1 
ATOM   1198 H  HE1  . TYR A 1 81 ? -2.178  -9.018  -5.840  1.00 0.00 ? 81  TYR A HE1  1 
ATOM   1199 H  HE2  . TYR A 1 81 ? 1.737   -9.890  -4.392  1.00 0.00 ? 81  TYR A HE2  1 
ATOM   1200 H  HH   . TYR A 1 81 ? -0.363  -10.919 -3.726  1.00 0.00 ? 81  TYR A HH   1 
ATOM   1201 N  N    . CYS A 1 82 ? -1.520  -4.068  -6.567  1.00 0.00 ? 82  CYS A N    1 
ATOM   1202 C  CA   . CYS A 1 82 ? -2.971  -4.035  -6.633  1.00 0.00 ? 82  CYS A CA   1 
ATOM   1203 C  C    . CYS A 1 82 ? -3.450  -5.314  -7.322  1.00 0.00 ? 82  CYS A C    1 
ATOM   1204 O  O    . CYS A 1 82 ? -3.062  -5.596  -8.455  1.00 0.00 ? 82  CYS A O    1 
ATOM   1205 C  CB   . CYS A 1 82 ? -3.476  -2.780  -7.347  1.00 0.00 ? 82  CYS A CB   1 
ATOM   1206 S  SG   . CYS A 1 82 ? -4.932  -1.988  -6.570  1.00 0.00 ? 82  CYS A SG   1 
ATOM   1207 H  H    . CYS A 1 82 ? -1.052  -3.712  -7.376  1.00 0.00 ? 82  CYS A H    1 
ATOM   1208 H  HA   . CYS A 1 82 ? -3.331  -3.992  -5.606  1.00 0.00 ? 82  CYS A HA   1 
ATOM   1209 H  HB2  . CYS A 1 82 ? -2.665  -2.053  -7.392  1.00 0.00 ? 82  CYS A HB2  1 
ATOM   1210 H  HB3  . CYS A 1 82 ? -3.728  -3.039  -8.375  1.00 0.00 ? 82  CYS A HB3  1 
ATOM   1211 N  N    . THR A 1 83 ? -4.285  -6.055  -6.610  1.00 0.00 ? 83  THR A N    1 
ATOM   1212 C  CA   . THR A 1 83 ? -4.820  -7.298  -7.139  1.00 0.00 ? 83  THR A CA   1 
ATOM   1213 C  C    . THR A 1 83 ? -5.421  -7.072  -8.528  1.00 0.00 ? 83  THR A C    1 
ATOM   1214 O  O    . THR A 1 83 ? -5.102  -7.795  -9.471  1.00 0.00 ? 83  THR A O    1 
ATOM   1215 C  CB   . THR A 1 83 ? -5.825  -7.850  -6.125  1.00 0.00 ? 83  THR A CB   1 
ATOM   1216 O  OG1  . THR A 1 83 ? -5.128  -8.917  -5.490  1.00 0.00 ? 83  THR A OG1  1 
ATOM   1217 C  CG2  . THR A 1 83 ? -7.020  -8.532  -6.796  1.00 0.00 ? 83  THR A CG2  1 
ATOM   1218 H  H    . THR A 1 83 ? -4.595  -5.820  -5.689  1.00 0.00 ? 83  THR A H    1 
ATOM   1219 H  HA   . THR A 1 83 ? -3.998  -8.003  -7.257  1.00 0.00 ? 83  THR A HA   1 
ATOM   1220 H  HB   . THR A 1 83 ? -6.156  -7.068  -5.442  1.00 0.00 ? 83  THR A HB   1 
ATOM   1221 H  HG1  . THR A 1 83 ? -5.014  -9.679  -6.127  1.00 0.00 ? 83  THR A HG1  1 
ATOM   1222 H  HG21 . THR A 1 83 ? -7.620  -7.785  -7.314  1.00 0.00 ? 83  THR A HG21 1 
ATOM   1223 H  HG22 . THR A 1 83 ? -6.660  -9.271  -7.512  1.00 0.00 ? 83  THR A HG22 1 
ATOM   1224 H  HG23 . THR A 1 83 ? -7.628  -9.026  -6.038  1.00 0.00 ? 83  THR A HG23 1 
ATOM   1225 N  N    . PRO A 1 84 ? -6.301  -6.039  -8.612  1.00 0.00 ? 84  PRO A N    1 
ATOM   1226 C  CA   . PRO A 1 84 ? -6.949  -5.709  -9.870  1.00 0.00 ? 84  PRO A CA   1 
ATOM   1227 C  C    . PRO A 1 84 ? -5.977  -5.004  -10.818 1.00 0.00 ? 84  PRO A C    1 
ATOM   1228 O  O    . PRO A 1 84 ? -5.674  -5.515  -11.895 1.00 0.00 ? 84  PRO A O    1 
ATOM   1229 C  CB   . PRO A 1 84 ? -8.137  -4.843  -9.485  1.00 0.00 ? 84  PRO A CB   1 
ATOM   1230 C  CG   . PRO A 1 84 ? -7.847  -4.338  -8.081  1.00 0.00 ? 84  PRO A CG   1 
ATOM   1231 C  CD   . PRO A 1 84 ? -6.702  -5.162  -7.516  1.00 0.00 ? 84  PRO A CD   1 
ATOM   1232 H  HA   . PRO A 1 84 ? -7.235  -6.542  -10.343 1.00 0.00 ? 84  PRO A HA   1 
ATOM   1233 H  HB2  . PRO A 1 84 ? -8.258  -4.014  -10.182 1.00 0.00 ? 84  PRO A HB2  1 
ATOM   1234 H  HB3  . PRO A 1 84 ? -9.064  -5.417  -9.510  1.00 0.00 ? 84  PRO A HB3  1 
ATOM   1235 H  HG2  . PRO A 1 84 ? -7.582  -3.280  -8.103  1.00 0.00 ? 84  PRO A HG2  1 
ATOM   1236 H  HG3  . PRO A 1 84 ? -8.732  -4.432  -7.451  1.00 0.00 ? 84  PRO A HG3  1 
ATOM   1237 H  HD2  . PRO A 1 84 ? -5.876  -4.526  -7.196  1.00 0.00 ? 84  PRO A HD2  1 
ATOM   1238 H  HD3  . PRO A 1 84 ? -7.019  -5.735  -6.646  1.00 0.00 ? 84  PRO A HD3  1 
ATOM   1239 N  N    . HIS A 1 85 ? -5.516  -3.840  -10.383 1.00 0.00 ? 85  HIS A N    1 
ATOM   1240 C  CA   . HIS A 1 85 ? -4.585  -3.059  -11.181 1.00 0.00 ? 85  HIS A CA   1 
ATOM   1241 C  C    . HIS A 1 85 ? -3.195  -3.697  -11.117 1.00 0.00 ? 85  HIS A C    1 
ATOM   1242 O  O    . HIS A 1 85 ? -2.231  -3.052  -10.708 1.00 0.00 ? 85  HIS A O    1 
ATOM   1243 C  CB   . HIS A 1 85 ? -4.587  -1.594  -10.737 1.00 0.00 ? 85  HIS A CB   1 
ATOM   1244 C  CG   . HIS A 1 85 ? -5.965  -0.991  -10.613 1.00 0.00 ? 85  HIS A CG   1 
ATOM   1245 N  ND1  . HIS A 1 85 ? -6.504  -0.596  -9.402  1.00 0.00 ? 85  HIS A ND1  1 
ATOM   1246 C  CD2  . HIS A 1 85 ? -6.908  -0.720  -11.562 1.00 0.00 ? 85  HIS A CD2  1 
ATOM   1247 C  CE1  . HIS A 1 85 ? -7.717  -0.110  -9.622  1.00 0.00 ? 85  HIS A CE1  1 
ATOM   1248 N  NE2  . HIS A 1 85 ? -7.965  -0.189  -10.961 1.00 0.00 ? 85  HIS A NE2  1 
ATOM   1249 H  H    . HIS A 1 85 ? -5.768  -3.431  -9.507  1.00 0.00 ? 85  HIS A H    1 
ATOM   1250 H  HA   . HIS A 1 85 ? -4.947  -3.096  -12.208 1.00 0.00 ? 85  HIS A HA   1 
ATOM   1251 H  HB2  . HIS A 1 85 ? -4.079  -1.516  -9.776  1.00 0.00 ? 85  HIS A HB2  1 
ATOM   1252 H  HB3  . HIS A 1 85 ? -4.008  -1.009  -11.452 1.00 0.00 ? 85  HIS A HB3  1 
ATOM   1253 H  HD2  . HIS A 1 85 ? -6.808  -0.907  -12.630 1.00 0.00 ? 85  HIS A HD2  1 
ATOM   1254 H  HE1  . HIS A 1 85 ? -8.398  0.282   -8.867  1.00 0.00 ? 85  HIS A HE1  1 
ATOM   1255 H  HE2  . HIS A 1 85 ? -8.783  0.158   -11.423 1.00 0.00 ? 85  HIS A HE2  1 
ATOM   1256 N  N    . ARG A 1 86 ? -3.138  -4.955  -11.529 1.00 0.00 ? 86  ARG A N    1 
ATOM   1257 C  CA   . ARG A 1 86 ? -1.882  -5.687  -11.525 1.00 0.00 ? 86  ARG A CA   1 
ATOM   1258 C  C    . ARG A 1 86 ? -1.134  -5.464  -12.840 1.00 0.00 ? 86  ARG A C    1 
ATOM   1259 O  O    . ARG A 1 86 ? 0.090   -5.339  -12.849 1.00 0.00 ? 86  ARG A O    1 
ATOM   1260 C  CB   . ARG A 1 86 ? -2.120  -7.186  -11.328 1.00 0.00 ? 86  ARG A CB   1 
ATOM   1261 C  CG   . ARG A 1 86 ? -2.852  -7.787  -12.529 1.00 0.00 ? 86  ARG A CG   1 
ATOM   1262 C  CD   . ARG A 1 86 ? -3.225  -9.248  -12.267 1.00 0.00 ? 86  ARG A CD   1 
ATOM   1263 N  NE   . ARG A 1 86 ? -3.609  -9.907  -13.536 1.00 0.00 ? 86  ARG A NE   1 
ATOM   1264 C  CZ   . ARG A 1 86 ? -3.816  -11.224 -13.665 1.00 0.00 ? 86  ARG A CZ   1 
ATOM   1265 N  NH1  . ARG A 1 86 ? -3.677  -12.032 -12.605 1.00 0.00 ? 86  ARG A NH1  1 
ATOM   1266 N  NH2  . ARG A 1 86 ? -4.161  -11.735 -14.855 1.00 0.00 ? 86  ARG A NH2  1 
ATOM   1267 H  H    . ARG A 1 86 ? -3.928  -5.471  -11.860 1.00 0.00 ? 86  ARG A H    1 
ATOM   1268 H  HA   . ARG A 1 86 ? -1.325  -5.277  -10.682 1.00 0.00 ? 86  ARG A HA   1 
ATOM   1269 H  HB2  . ARG A 1 86 ? -1.164  -7.693  -11.187 1.00 0.00 ? 86  ARG A HB2  1 
ATOM   1270 H  HB3  . ARG A 1 86 ? -2.703  -7.349  -10.422 1.00 0.00 ? 86  ARG A HB3  1 
ATOM   1271 H  HG2  . ARG A 1 86 ? -3.751  -7.209  -12.737 1.00 0.00 ? 86  ARG A HG2  1 
ATOM   1272 H  HG3  . ARG A 1 86 ? -2.219  -7.723  -13.414 1.00 0.00 ? 86  ARG A HG3  1 
ATOM   1273 H  HD2  . ARG A 1 86 ? -2.383  -9.772  -11.816 1.00 0.00 ? 86  ARG A HD2  1 
ATOM   1274 H  HD3  . ARG A 1 86 ? -4.050  -9.299  -11.558 1.00 0.00 ? 86  ARG A HD3  1 
ATOM   1275 H  HE   . ARG A 1 86 ? -3.721  -9.333  -14.347 1.00 0.00 ? 86  ARG A HE   1 
ATOM   1276 H  HH11 . ARG A 1 86 ? -3.419  -11.651 -11.717 1.00 0.00 ? 86  ARG A HH11 1 
ATOM   1277 H  HH12 . ARG A 1 86 ? -3.831  -13.015 -12.702 1.00 0.00 ? 86  ARG A HH12 1 
ATOM   1278 H  HH21 . ARG A 1 86 ? -4.265  -11.131 -15.646 1.00 0.00 ? 86  ARG A HH21 1 
ATOM   1279 H  HH22 . ARG A 1 86 ? -4.316  -12.718 -14.952 1.00 0.00 ? 86  ARG A HH22 1 
ATOM   1280 N  N    . GLY A 1 87 ? -1.901  -5.421  -13.921 1.00 0.00 ? 87  GLY A N    1 
ATOM   1281 C  CA   . GLY A 1 87 ? -1.325  -5.216  -15.239 1.00 0.00 ? 87  GLY A CA   1 
ATOM   1282 C  C    . GLY A 1 87 ? -1.239  -3.725  -15.573 1.00 0.00 ? 87  GLY A C    1 
ATOM   1283 O  O    . GLY A 1 87 ? -0.422  -3.317  -16.397 1.00 0.00 ? 87  GLY A O    1 
ATOM   1284 H  H    . GLY A 1 87 ? -2.895  -5.523  -13.905 1.00 0.00 ? 87  GLY A H    1 
ATOM   1285 H  HA2  . GLY A 1 87 ? -0.330  -5.660  -15.278 1.00 0.00 ? 87  GLY A HA2  1 
ATOM   1286 H  HA3  . GLY A 1 87 ? -1.931  -5.726  -15.988 1.00 0.00 ? 87  GLY A HA3  1 
ATOM   1287 N  N    . ALA A 1 88 ? -2.092  -2.954  -14.917 1.00 0.00 ? 88  ALA A N    1 
ATOM   1288 C  CA   . ALA A 1 88 ? -2.121  -1.517  -15.133 1.00 0.00 ? 88  ALA A CA   1 
ATOM   1289 C  C    . ALA A 1 88 ? -0.808  -0.904  -14.646 1.00 0.00 ? 88  ALA A C    1 
ATOM   1290 O  O    . ALA A 1 88 ? -0.491  0.237   -14.975 1.00 0.00 ? 88  ALA A O    1 
ATOM   1291 C  CB   . ALA A 1 88 ? -3.341  -0.920  -14.428 1.00 0.00 ? 88  ALA A CB   1 
ATOM   1292 H  H    . ALA A 1 88 ? -2.753  -3.294  -14.248 1.00 0.00 ? 88  ALA A H    1 
ATOM   1293 H  HA   . ALA A 1 88 ? -2.217  -1.346  -16.206 1.00 0.00 ? 88  ALA A HA   1 
ATOM   1294 H  HB1  . ALA A 1 88 ? -3.611  0.023   -14.906 1.00 0.00 ? 88  ALA A HB1  1 
ATOM   1295 H  HB2  . ALA A 1 88 ? -4.178  -1.614  -14.498 1.00 0.00 ? 88  ALA A HB2  1 
ATOM   1296 H  HB3  . ALA A 1 88 ? -3.103  -0.740  -13.381 1.00 0.00 ? 88  ALA A HB3  1 
ATOM   1297 N  N    . GLY A 1 89 ? -0.077  -1.690  -13.869 1.00 0.00 ? 89  GLY A N    1 
ATOM   1298 C  CA   . GLY A 1 89 ? 1.196   -1.240  -13.333 1.00 0.00 ? 89  GLY A CA   1 
ATOM   1299 C  C    . GLY A 1 89 ? 0.991   -0.385  -12.081 1.00 0.00 ? 89  GLY A C    1 
ATOM   1300 O  O    . GLY A 1 89 ? 1.332   0.797   -12.069 1.00 0.00 ? 89  GLY A O    1 
ATOM   1301 H  H    . GLY A 1 89 ? -0.342  -2.618  -13.606 1.00 0.00 ? 89  GLY A H    1 
ATOM   1302 H  HA2  . GLY A 1 89 ? 1.818   -2.101  -13.090 1.00 0.00 ? 89  GLY A HA2  1 
ATOM   1303 H  HA3  . GLY A 1 89 ? 1.729   -0.663  -14.088 1.00 0.00 ? 89  GLY A HA3  1 
ATOM   1304 N  N    . MET A 1 90 ? 0.434   -1.015  -11.056 1.00 0.00 ? 90  MET A N    1 
ATOM   1305 C  CA   . MET A 1 90 ? 0.179   -0.326  -9.803  1.00 0.00 ? 90  MET A CA   1 
ATOM   1306 C  C    . MET A 1 90 ? 0.898   -1.018  -8.642  1.00 0.00 ? 90  MET A C    1 
ATOM   1307 O  O    . MET A 1 90 ? 0.268   -1.704  -7.838  1.00 0.00 ? 90  MET A O    1 
ATOM   1308 C  CB   . MET A 1 90 ? -1.326  -0.302  -9.531  1.00 0.00 ? 90  MET A CB   1 
ATOM   1309 C  CG   . MET A 1 90 ? -1.636  0.442   -8.229  1.00 0.00 ? 90  MET A CG   1 
ATOM   1310 S  SD   . MET A 1 90 ? -3.153  1.365   -8.400  1.00 0.00 ? 90  MET A SD   1 
ATOM   1311 C  CE   . MET A 1 90 ? -3.483  1.741   -6.687  1.00 0.00 ? 90  MET A CE   1 
ATOM   1312 H  H    . MET A 1 90 ? 0.160   -1.976  -11.074 1.00 0.00 ? 90  MET A H    1 
ATOM   1313 H  HA   . MET A 1 90 ? 0.575   0.680   -9.936  1.00 0.00 ? 90  MET A HA   1 
ATOM   1314 H  HB2  . MET A 1 90 ? -1.842  0.180   -10.360 1.00 0.00 ? 90  MET A HB2  1 
ATOM   1315 H  HB3  . MET A 1 90 ? -1.705  -1.322  -9.469  1.00 0.00 ? 90  MET A HB3  1 
ATOM   1316 H  HG2  . MET A 1 90 ? -1.723  -0.268  -7.407  1.00 0.00 ? 90  MET A HG2  1 
ATOM   1317 H  HG3  . MET A 1 90 ? -0.816  1.116   -7.982  1.00 0.00 ? 90  MET A HG3  1 
ATOM   1318 H  HE1  . MET A 1 90 ? -4.274  1.090   -6.318  1.00 0.00 ? 90  MET A HE1  1 
ATOM   1319 H  HE2  . MET A 1 90 ? -2.578  1.582   -6.099  1.00 0.00 ? 90  MET A HE2  1 
ATOM   1320 H  HE3  . MET A 1 90 ? -3.795  2.781   -6.596  1.00 0.00 ? 90  MET A HE3  1 
ATOM   1321 N  N    . VAL A 1 91 ? 2.206   -0.812  -8.591  1.00 0.00 ? 91  VAL A N    1 
ATOM   1322 C  CA   . VAL A 1 91 ? 3.016   -1.408  -7.542  1.00 0.00 ? 91  VAL A CA   1 
ATOM   1323 C  C    . VAL A 1 91 ? 3.783   -0.305  -6.809  1.00 0.00 ? 91  VAL A C    1 
ATOM   1324 O  O    . VAL A 1 91 ? 4.061   0.748   -7.381  1.00 0.00 ? 91  VAL A O    1 
ATOM   1325 C  CB   . VAL A 1 91 ? 3.931   -2.481  -8.133  1.00 0.00 ? 91  VAL A CB   1 
ATOM   1326 C  CG1  . VAL A 1 91 ? 3.132   -3.723  -8.535  1.00 0.00 ? 91  VAL A CG1  1 
ATOM   1327 C  CG2  . VAL A 1 91 ? 4.725   -1.933  -9.320  1.00 0.00 ? 91  VAL A CG2  1 
ATOM   1328 H  H    . VAL A 1 91 ? 2.710   -0.253  -9.248  1.00 0.00 ? 91  VAL A H    1 
ATOM   1329 H  HA   . VAL A 1 91 ? 2.339   -1.892  -6.837  1.00 0.00 ? 91  VAL A HA   1 
ATOM   1330 H  HB   . VAL A 1 91 ? 4.643   -2.777  -7.362  1.00 0.00 ? 91  VAL A HB   1 
ATOM   1331 H  HG11 . VAL A 1 91 ? 2.073   -3.551  -8.341  1.00 0.00 ? 91  VAL A HG11 1 
ATOM   1332 H  HG12 . VAL A 1 91 ? 3.279   -3.921  -9.597  1.00 0.00 ? 91  VAL A HG12 1 
ATOM   1333 H  HG13 . VAL A 1 91 ? 3.474   -4.579  -7.954  1.00 0.00 ? 91  VAL A HG13 1 
ATOM   1334 H  HG21 . VAL A 1 91 ? 4.047   -1.733  -10.150 1.00 0.00 ? 91  VAL A HG21 1 
ATOM   1335 H  HG22 . VAL A 1 91 ? 5.223   -1.007  -9.028  1.00 0.00 ? 91  VAL A HG22 1 
ATOM   1336 H  HG23 . VAL A 1 91 ? 5.471   -2.665  -9.628  1.00 0.00 ? 91  VAL A HG23 1 
ATOM   1337 N  N    . GLY A 1 92 ? 4.104   -0.586  -5.555  1.00 0.00 ? 92  GLY A N    1 
ATOM   1338 C  CA   . GLY A 1 92 ? 4.834   0.369   -4.738  1.00 0.00 ? 92  GLY A CA   1 
ATOM   1339 C  C    . GLY A 1 92 ? 5.751   -0.347  -3.743  1.00 0.00 ? 92  GLY A C    1 
ATOM   1340 O  O    . GLY A 1 92 ? 5.870   -1.571  -3.775  1.00 0.00 ? 92  GLY A O    1 
ATOM   1341 H  H    . GLY A 1 92 ? 3.875   -1.444  -5.096  1.00 0.00 ? 92  GLY A H    1 
ATOM   1342 H  HA2  . GLY A 1 92 ? 5.427   1.023   -5.378  1.00 0.00 ? 92  GLY A HA2  1 
ATOM   1343 H  HA3  . GLY A 1 92 ? 4.131   1.004   -4.198  1.00 0.00 ? 92  GLY A HA3  1 
ATOM   1344 N  N    . THR A 1 93 ? 6.373   0.446   -2.884  1.00 0.00 ? 93  THR A N    1 
ATOM   1345 C  CA   . THR A 1 93 ? 7.275   -0.097  -1.882  1.00 0.00 ? 93  THR A CA   1 
ATOM   1346 C  C    . THR A 1 93 ? 7.161   0.693   -0.578  1.00 0.00 ? 93  THR A C    1 
ATOM   1347 O  O    . THR A 1 93 ? 6.654   1.814   -0.569  1.00 0.00 ? 93  THR A O    1 
ATOM   1348 C  CB   . THR A 1 93 ? 8.688   -0.100  -2.470  1.00 0.00 ? 93  THR A CB   1 
ATOM   1349 O  OG1  . THR A 1 93 ? 8.491   -0.419  -3.845  1.00 0.00 ? 93  THR A OG1  1 
ATOM   1350 C  CG2  . THR A 1 93 ? 9.541   -1.253  -1.937  1.00 0.00 ? 93  THR A CG2  1 
ATOM   1351 H  H    . THR A 1 93 ? 6.270   1.440   -2.865  1.00 0.00 ? 93  THR A H    1 
ATOM   1352 H  HA   . THR A 1 93 ? 6.969   -1.121  -1.664  1.00 0.00 ? 93  THR A HA   1 
ATOM   1353 H  HB   . THR A 1 93 ? 9.180   0.858   -2.303  1.00 0.00 ? 93  THR A HB   1 
ATOM   1354 H  HG1  . THR A 1 93 ? 8.221   -1.376  -3.939  1.00 0.00 ? 93  THR A HG1  1 
ATOM   1355 H  HG21 . THR A 1 93 ? 9.750   -1.093  -0.880  1.00 0.00 ? 93  THR A HG21 1 
ATOM   1356 H  HG22 . THR A 1 93 ? 9.001   -2.192  -2.062  1.00 0.00 ? 93  THR A HG22 1 
ATOM   1357 H  HG23 . THR A 1 93 ? 10.478  -1.297  -2.492  1.00 0.00 ? 93  THR A HG23 1 
ATOM   1358 N  N    . ILE A 1 94 ? 7.641   0.078   0.494   1.00 0.00 ? 94  ILE A N    1 
ATOM   1359 C  CA   . ILE A 1 94 ? 7.599   0.711   1.801   1.00 0.00 ? 94  ILE A CA   1 
ATOM   1360 C  C    . ILE A 1 94 ? 8.826   0.286   2.608   1.00 0.00 ? 94  ILE A C    1 
ATOM   1361 O  O    . ILE A 1 94 ? 9.052   -0.906  2.821   1.00 0.00 ? 94  ILE A O    1 
ATOM   1362 C  CB   . ILE A 1 94 ? 6.271   0.411   2.499   1.00 0.00 ? 94  ILE A CB   1 
ATOM   1363 C  CG1  . ILE A 1 94 ? 5.099   1.038   1.741   1.00 0.00 ? 94  ILE A CG1  1 
ATOM   1364 C  CG2  . ILE A 1 94 ? 6.308   0.854   3.963   1.00 0.00 ? 94  ILE A CG2  1 
ATOM   1365 C  CD1  . ILE A 1 94 ? 3.761   0.609   2.346   1.00 0.00 ? 94  ILE A CD1  1 
ATOM   1366 H  H    . ILE A 1 94 ? 8.051   -0.833  0.478   1.00 0.00 ? 94  ILE A H    1 
ATOM   1367 H  HA   . ILE A 1 94 ? 7.644   1.788   1.644   1.00 0.00 ? 94  ILE A HA   1 
ATOM   1368 H  HB   . ILE A 1 94 ? 6.117   -0.668  2.493   1.00 0.00 ? 94  ILE A HB   1 
ATOM   1369 H  HG12 . ILE A 1 94 ? 5.183   2.124   1.767   1.00 0.00 ? 94  ILE A HG12 1 
ATOM   1370 H  HG13 . ILE A 1 94 ? 5.139   0.741   0.692   1.00 0.00 ? 94  ILE A HG13 1 
ATOM   1371 H  HG21 . ILE A 1 94 ? 7.266   0.577   4.402   1.00 0.00 ? 94  ILE A HG21 1 
ATOM   1372 H  HG22 . ILE A 1 94 ? 6.182   1.935   4.019   1.00 0.00 ? 94  ILE A HG22 1 
ATOM   1373 H  HG23 . ILE A 1 94 ? 5.502   0.365   4.511   1.00 0.00 ? 94  ILE A HG23 1 
ATOM   1374 H  HD11 . ILE A 1 94 ? 3.508   -0.392  1.997   1.00 0.00 ? 94  ILE A HD11 1 
ATOM   1375 H  HD12 . ILE A 1 94 ? 3.839   0.605   3.433   1.00 0.00 ? 94  ILE A HD12 1 
ATOM   1376 H  HD13 . ILE A 1 94 ? 2.983   1.309   2.040   1.00 0.00 ? 94  ILE A HD13 1 
ATOM   1377 N  N    . THR A 1 95 ? 9.589   1.281   3.035   1.00 0.00 ? 95  THR A N    1 
ATOM   1378 C  CA   . THR A 1 95 ? 10.789  1.025   3.813   1.00 0.00 ? 95  THR A CA   1 
ATOM   1379 C  C    . THR A 1 95 ? 10.552  1.366   5.286   1.00 0.00 ? 95  THR A C    1 
ATOM   1380 O  O    . THR A 1 95 ? 9.835   2.315   5.599   1.00 0.00 ? 95  THR A O    1 
ATOM   1381 C  CB   . THR A 1 95 ? 11.938  1.815   3.184   1.00 0.00 ? 95  THR A CB   1 
ATOM   1382 O  OG1  . THR A 1 95 ? 11.946  1.391   1.823   1.00 0.00 ? 95  THR A OG1  1 
ATOM   1383 C  CG2  . THR A 1 95 ? 13.306  1.383   3.716   1.00 0.00 ? 95  THR A CG2  1 
ATOM   1384 H  H    . THR A 1 95 ? 9.399   2.247   2.857   1.00 0.00 ? 95  THR A H    1 
ATOM   1385 H  HA   . THR A 1 95 ? 11.010  -0.041  3.764   1.00 0.00 ? 95  THR A HA   1 
ATOM   1386 H  HB   . THR A 1 95 ? 11.791  2.887   3.314   1.00 0.00 ? 95  THR A HB   1 
ATOM   1387 H  HG1  . THR A 1 95 ? 11.017  1.407   1.455   1.00 0.00 ? 95  THR A HG1  1 
ATOM   1388 H  HG21 . THR A 1 95 ? 13.369  1.609   4.781   1.00 0.00 ? 95  THR A HG21 1 
ATOM   1389 H  HG22 . THR A 1 95 ? 13.433  0.311   3.565   1.00 0.00 ? 95  THR A HG22 1 
ATOM   1390 H  HG23 . THR A 1 95 ? 14.090  1.921   3.184   1.00 0.00 ? 95  THR A HG23 1 
ATOM   1391 N  N    . VAL A 1 96 ? 11.168  0.574   6.150   1.00 0.00 ? 96  VAL A N    1 
ATOM   1392 C  CA   . VAL A 1 96 ? 11.033  0.780   7.582   1.00 0.00 ? 96  VAL A CA   1 
ATOM   1393 C  C    . VAL A 1 96 ? 12.424  0.838   8.218   1.00 0.00 ? 96  VAL A C    1 
ATOM   1394 O  O    . VAL A 1 96 ? 12.844  -0.106  8.886   1.00 0.00 ? 96  VAL A O    1 
ATOM   1395 C  CB   . VAL A 1 96 ? 10.144  -0.309  8.186   1.00 0.00 ? 96  VAL A CB   1 
ATOM   1396 C  CG1  . VAL A 1 96 ? 10.403  -0.458  9.687   1.00 0.00 ? 96  VAL A CG1  1 
ATOM   1397 C  CG2  . VAL A 1 96 ? 8.666   -0.027  7.910   1.00 0.00 ? 96  VAL A CG2  1 
ATOM   1398 H  H    . VAL A 1 96 ? 11.750  -0.195  5.887   1.00 0.00 ? 96  VAL A H    1 
ATOM   1399 H  HA   . VAL A 1 96 ? 10.539  1.739   7.731   1.00 0.00 ? 96  VAL A HA   1 
ATOM   1400 H  HB   . VAL A 1 96 ? 10.400  -1.254  7.707   1.00 0.00 ? 96  VAL A HB   1 
ATOM   1401 H  HG11 . VAL A 1 96 ? 10.912  0.432   10.057  1.00 0.00 ? 96  VAL A HG11 1 
ATOM   1402 H  HG12 . VAL A 1 96 ? 9.453   -0.576  10.209  1.00 0.00 ? 96  VAL A HG12 1 
ATOM   1403 H  HG13 . VAL A 1 96 ? 11.027  -1.334  9.863   1.00 0.00 ? 96  VAL A HG13 1 
ATOM   1404 H  HG21 . VAL A 1 96 ? 8.191   0.341   8.818   1.00 0.00 ? 96  VAL A HG21 1 
ATOM   1405 H  HG22 . VAL A 1 96 ? 8.581   0.725   7.125   1.00 0.00 ? 96  VAL A HG22 1 
ATOM   1406 H  HG23 . VAL A 1 96 ? 8.175   -0.946  7.589   1.00 0.00 ? 96  VAL A HG23 1 
ATOM   1407 N  N    . GLU A 1 97 ? 13.099  1.954   7.987   1.00 0.00 ? 97  GLU A N    1 
ATOM   1408 C  CA   . GLU A 1 97 ? 14.433  2.147   8.529   1.00 0.00 ? 97  GLU A CA   1 
ATOM   1409 C  C    . GLU A 1 97 ? 14.354  2.749   9.934   1.00 0.00 ? 97  GLU A C    1 
ATOM   1410 O  O    . GLU A 1 97 ? 15.040  2.294   10.848  1.00 0.00 ? 97  GLU A O    1 
ATOM   1411 C  CB   . GLU A 1 97 ? 15.279  3.025   7.604   1.00 0.00 ? 97  GLU A CB   1 
ATOM   1412 C  CG   . GLU A 1 97 ? 16.609  2.348   7.270   1.00 0.00 ? 97  GLU A CG   1 
ATOM   1413 C  CD   . GLU A 1 97 ? 17.762  3.353   7.307   1.00 0.00 ? 97  GLU A CD   1 
ATOM   1414 O  OE1  . GLU A 1 97 ? 17.636  4.384   6.612   1.00 0.00 ? 97  GLU A OE1  1 
ATOM   1415 O  OE2  . GLU A 1 97 ? 18.741  3.068   8.028   1.00 0.00 ? 97  GLU A OE2  1 
ATOM   1416 O  OXT  . GLU A 1 97 ? 13.509  3.762   10.063  1.00 0.00 ? 97  GLU A OXT  1 
ATOM   1417 H  H    . GLU A 1 97 ? 12.750  2.716   7.443   1.00 0.00 ? 97  GLU A H    1 
ATOM   1418 H  HA   . GLU A 1 97 ? 14.873  1.151   8.577   1.00 0.00 ? 97  GLU A HA   1 
ATOM   1419 H  HB2  . GLU A 1 97 ? 14.728  3.227   6.686   1.00 0.00 ? 97  GLU A HB2  1 
ATOM   1420 H  HB3  . GLU A 1 97 ? 15.467  3.988   8.081   1.00 0.00 ? 97  GLU A HB3  1 
ATOM   1421 H  HG2  . GLU A 1 97 ? 16.801  1.543   7.981   1.00 0.00 ? 97  GLU A HG2  1 
ATOM   1422 H  HG3  . GLU A 1 97 ? 16.550  1.892   6.282   1.00 0.00 ? 97  GLU A HG3  1 
HETATM 1423 CU CU   . CU1 B 2 .  ? -5.649  -0.042  -7.683  1.00 0.00 ? 110 CU1 A CU   1 
# 
